data_3SH1
#
_entry.id   3SH1
#
_cell.length_a   85.793
_cell.length_b   140.183
_cell.length_c   136.806
_cell.angle_alpha   90.00
_cell.angle_beta   105.20
_cell.angle_gamma   90.00
#
_symmetry.space_group_name_H-M   'P 1 21 1'
#
loop_
_entity.id
_entity.type
_entity.pdbx_description
1 polymer 'Soluble acetylcholine receptor'
2 branched 2-acetamido-2-deoxy-beta-D-glucopyranose-(1-4)-2-acetamido-2-deoxy-beta-D-glucopyranose
3 branched beta-D-mannopyranose-(1-4)-2-acetamido-2-deoxy-beta-D-glucopyranose-(1-4)-2-acetamido-2-deoxy-beta-D-glucopyranose
4 non-polymer 'MAGNESIUM ION'
5 non-polymer METHYLLYCACONITINE
6 non-polymer (4R)-2-METHYLPENTANE-2,4-DIOL
7 non-polymer (4S)-2-METHYL-2,4-PENTANEDIOL
8 non-polymer 2-acetamido-2-deoxy-beta-D-glucopyranose
9 non-polymer 'ACETATE ION'
10 water water
#
_entity_poly.entity_id   1
_entity_poly.type   'polypeptide(L)'
_entity_poly.pdbx_seq_one_letter_code
;DYKDDDDKLHSQANLMRLKSDLFNRSPMYPGPTKDDPLTVYLSFSLLDIVKADSSTNEVDLVYWEQQSWKLNSLMWDPNE
YGNITDFRTSAADIWTPDITAYSSTRPVQVLSPQNALVNSSGHVQYLPAQRLSFMCDPTGVDSEEGATCAVKFGSWSYGG
WEIDLKTDTDQVDLSSYYASSKYEILSATQTRSERFYECCKEPYPDVNLVVKFRERRAGNGFFRNLFDSR
;
_entity_poly.pdbx_strand_id   A,B,C,D,E,F,G,H,I,J
#
# COMPACT_ATOMS: atom_id res chain seq x y z
N ASP A 4 -11.68 -25.96 -28.05
CA ASP A 4 -10.35 -25.37 -28.12
C ASP A 4 -10.25 -24.03 -27.39
N ASP A 5 -11.38 -23.34 -27.17
CA ASP A 5 -11.37 -22.08 -26.42
C ASP A 5 -10.71 -22.25 -25.06
N ASP A 6 -11.22 -23.20 -24.29
CA ASP A 6 -10.68 -23.49 -22.98
C ASP A 6 -9.17 -23.71 -23.07
N ASP A 7 -8.74 -24.51 -24.03
CA ASP A 7 -7.33 -24.75 -24.23
C ASP A 7 -6.61 -23.42 -24.43
N LYS A 8 -7.27 -22.47 -25.08
CA LYS A 8 -6.68 -21.15 -25.29
C LYS A 8 -6.61 -20.34 -23.97
N LEU A 9 -7.67 -20.44 -23.19
CA LEU A 9 -7.73 -19.77 -21.90
C LEU A 9 -6.72 -20.34 -20.91
N HIS A 10 -6.50 -21.66 -20.95
CA HIS A 10 -5.51 -22.32 -20.10
C HIS A 10 -4.09 -22.02 -20.54
N SER A 11 -3.90 -21.71 -21.82
CA SER A 11 -2.57 -21.42 -22.30
C SER A 11 -2.16 -20.08 -21.76
N GLN A 12 -3.07 -19.12 -21.79
CA GLN A 12 -2.84 -17.77 -21.28
C GLN A 12 -2.70 -17.74 -19.76
N ALA A 13 -3.49 -18.56 -19.07
CA ALA A 13 -3.38 -18.65 -17.62
C ALA A 13 -2.01 -19.19 -17.26
N ASN A 14 -1.58 -20.22 -17.96
CA ASN A 14 -0.26 -20.80 -17.78
C ASN A 14 0.87 -19.81 -17.98
N LEU A 15 0.81 -19.05 -19.06
CA LEU A 15 1.84 -18.06 -19.34
C LEU A 15 1.94 -16.97 -18.27
N MET A 16 0.80 -16.38 -17.89
CA MET A 16 0.78 -15.38 -16.84
C MET A 16 1.40 -15.95 -15.55
N ARG A 17 1.07 -17.21 -15.24
CA ARG A 17 1.58 -17.87 -14.03
C ARG A 17 3.09 -18.10 -14.10
N LEU A 18 3.60 -18.57 -15.24
CA LEU A 18 5.04 -18.72 -15.43
C LEU A 18 5.78 -17.40 -15.28
N LYS A 19 5.22 -16.36 -15.89
CA LYS A 19 5.76 -15.02 -15.77
C LYS A 19 5.78 -14.52 -14.32
N SER A 20 4.67 -14.68 -13.62
CA SER A 20 4.55 -14.30 -12.21
C SER A 20 5.59 -14.99 -11.31
N ASP A 21 5.88 -16.26 -11.59
CA ASP A 21 6.88 -17.01 -10.85
C ASP A 21 8.30 -16.43 -10.97
N LEU A 22 8.68 -16.00 -12.18
CA LEU A 22 10.01 -15.43 -12.39
C LEU A 22 10.21 -13.97 -11.90
N PHE A 23 9.30 -13.06 -12.27
CA PHE A 23 9.49 -11.61 -12.04
C PHE A 23 8.86 -11.06 -10.76
N ASN A 24 8.15 -11.93 -10.05
CA ASN A 24 7.34 -11.59 -8.85
C ASN A 24 7.56 -12.53 -7.65
N ARG A 25 7.52 -13.83 -7.93
CA ARG A 25 7.93 -14.85 -6.99
C ARG A 25 9.37 -14.52 -6.57
N SER A 26 10.31 -14.49 -7.52
CA SER A 26 11.70 -14.20 -7.17
C SER A 26 12.18 -12.88 -7.74
N PRO A 27 13.04 -12.19 -6.97
CA PRO A 27 13.57 -10.85 -7.23
C PRO A 27 14.61 -10.82 -8.33
N MET A 28 14.71 -9.71 -9.08
CA MET A 28 15.53 -9.63 -10.30
C MET A 28 17.02 -9.88 -10.05
N TYR A 29 17.64 -10.64 -10.96
CA TYR A 29 19.06 -11.01 -10.93
C TYR A 29 19.97 -9.77 -10.79
N PRO A 30 20.81 -9.77 -9.74
CA PRO A 30 21.68 -8.66 -9.30
C PRO A 30 22.77 -8.38 -10.31
N GLY A 31 22.94 -9.31 -11.25
CA GLY A 31 23.97 -9.23 -12.26
C GLY A 31 25.05 -10.24 -11.96
N PRO A 32 26.00 -10.42 -12.88
CA PRO A 32 27.12 -11.35 -12.69
C PRO A 32 28.15 -10.82 -11.69
N THR A 33 28.93 -11.75 -11.13
CA THR A 33 29.98 -11.43 -10.19
C THR A 33 31.15 -12.38 -10.42
N LYS A 34 32.18 -12.30 -9.57
CA LYS A 34 33.34 -13.18 -9.71
C LYS A 34 32.94 -14.63 -9.53
N ASP A 35 32.06 -14.88 -8.55
CA ASP A 35 31.68 -16.23 -8.16
C ASP A 35 30.51 -16.77 -8.97
N ASP A 36 29.94 -15.92 -9.80
CA ASP A 36 28.79 -16.30 -10.61
C ASP A 36 28.95 -15.68 -12.00
N PRO A 37 30.03 -16.02 -12.71
CA PRO A 37 30.28 -15.25 -13.92
C PRO A 37 29.28 -15.60 -15.02
N LEU A 38 29.22 -14.73 -16.03
CA LEU A 38 28.29 -14.87 -17.15
C LEU A 38 28.98 -14.78 -18.52
N THR A 39 28.57 -15.63 -19.44
CA THR A 39 29.04 -15.55 -20.82
C THR A 39 27.95 -14.98 -21.72
N VAL A 40 28.29 -13.96 -22.48
CA VAL A 40 27.35 -13.32 -23.40
C VAL A 40 27.84 -13.45 -24.83
N TYR A 41 27.06 -14.08 -25.70
CA TYR A 41 27.43 -14.19 -27.11
C TYR A 41 26.95 -13.00 -27.95
N LEU A 42 27.86 -12.47 -28.76
CA LEU A 42 27.58 -11.35 -29.65
C LEU A 42 27.76 -11.73 -31.09
N SER A 43 26.79 -11.35 -31.91
CA SER A 43 26.91 -11.48 -33.35
C SER A 43 26.27 -10.26 -33.97
N PHE A 44 26.92 -9.70 -34.98
CA PHE A 44 26.40 -8.55 -35.69
C PHE A 44 25.83 -8.90 -37.07
N SER A 45 24.82 -8.13 -37.45
CA SER A 45 24.32 -8.14 -38.81
C SER A 45 24.29 -6.68 -39.30
N LEU A 46 24.99 -6.42 -40.39
CA LEU A 46 25.06 -5.08 -40.96
C LEU A 46 23.97 -4.74 -41.96
N LEU A 47 23.23 -3.69 -41.66
CA LEU A 47 22.11 -3.28 -42.51
C LEU A 47 22.40 -2.19 -43.52
N ASP A 48 22.84 -1.03 -43.05
CA ASP A 48 23.19 0.05 -43.95
C ASP A 48 24.35 0.91 -43.43
N ILE A 49 25.17 1.42 -44.33
CA ILE A 49 26.00 2.53 -43.93
C ILE A 49 25.31 3.76 -44.50
N VAL A 50 24.67 4.53 -43.65
CA VAL A 50 23.83 5.60 -44.14
C VAL A 50 24.63 6.80 -44.60
N LYS A 51 25.64 7.16 -43.82
CA LYS A 51 26.43 8.37 -44.05
C LYS A 51 27.87 8.17 -43.58
N ALA A 52 28.83 8.72 -44.32
CA ALA A 52 30.20 8.82 -43.83
C ALA A 52 30.58 10.28 -43.92
N ASP A 53 30.79 10.93 -42.78
CA ASP A 53 31.10 12.35 -42.76
C ASP A 53 32.62 12.62 -42.70
N SER A 54 33.14 13.20 -43.77
CA SER A 54 34.57 13.48 -43.93
C SER A 54 34.99 14.69 -43.08
N SER A 55 34.07 15.63 -42.92
CA SER A 55 34.35 16.82 -42.13
C SER A 55 34.44 16.60 -40.60
N THR A 56 33.57 15.75 -40.03
CA THR A 56 33.70 15.37 -38.60
C THR A 56 34.37 14.01 -38.31
N ASN A 57 34.73 13.27 -39.34
CA ASN A 57 35.25 11.90 -39.17
C ASN A 57 34.30 10.96 -38.43
N GLU A 58 33.01 11.07 -38.73
CA GLU A 58 31.98 10.28 -38.07
C GLU A 58 31.33 9.36 -39.08
N VAL A 59 31.08 8.12 -38.71
CA VAL A 59 30.26 7.27 -39.59
C VAL A 59 28.96 6.77 -38.93
N ASP A 60 27.88 6.81 -39.70
CA ASP A 60 26.56 6.35 -39.23
C ASP A 60 26.25 4.96 -39.78
N LEU A 61 25.93 4.04 -38.87
CA LEU A 61 25.65 2.65 -39.22
C LEU A 61 24.27 2.27 -38.77
N VAL A 62 23.58 1.48 -39.58
CA VAL A 62 22.42 0.74 -39.08
C VAL A 62 22.73 -0.75 -39.07
N TYR A 63 22.50 -1.39 -37.93
CA TYR A 63 22.87 -2.79 -37.79
C TYR A 63 22.00 -3.48 -36.74
N TRP A 64 22.01 -4.80 -36.74
CA TRP A 64 21.36 -5.58 -35.68
C TRP A 64 22.42 -6.21 -34.81
N GLU A 65 22.25 -6.08 -33.51
CA GLU A 65 23.21 -6.67 -32.62
C GLU A 65 22.58 -7.82 -31.85
N GLN A 66 23.00 -9.04 -32.14
CA GLN A 66 22.57 -10.20 -31.37
C GLN A 66 23.38 -10.35 -30.06
N GLN A 67 22.66 -10.32 -28.95
CA GLN A 67 23.23 -10.59 -27.63
C GLN A 67 22.50 -11.80 -27.09
N SER A 68 23.21 -12.81 -26.60
CA SER A 68 22.54 -13.92 -25.92
C SER A 68 23.31 -14.49 -24.72
N TRP A 69 22.57 -14.98 -23.73
CA TRP A 69 23.20 -15.44 -22.48
C TRP A 69 22.31 -16.41 -21.72
N LYS A 70 22.89 -17.15 -20.77
CA LYS A 70 22.10 -18.08 -19.95
C LYS A 70 22.02 -17.63 -18.48
N LEU A 71 20.83 -17.73 -17.91
CA LEU A 71 20.63 -17.44 -16.50
C LEU A 71 19.89 -18.60 -15.87
N ASN A 72 20.41 -19.12 -14.76
CA ASN A 72 19.74 -20.22 -14.10
C ASN A 72 18.44 -19.78 -13.46
N SER A 73 18.34 -18.49 -13.14
CA SER A 73 17.14 -18.00 -12.46
C SER A 73 15.97 -17.90 -13.41
N LEU A 74 16.27 -18.05 -14.70
CA LEU A 74 15.27 -18.06 -15.77
C LEU A 74 14.79 -19.44 -16.25
N MET A 75 15.24 -20.51 -15.59
CA MET A 75 14.87 -21.88 -15.99
C MET A 75 13.47 -22.30 -15.53
N TRP A 76 12.86 -23.20 -16.28
CA TRP A 76 11.61 -23.85 -15.87
C TRP A 76 11.39 -25.18 -16.60
N ASP A 77 10.55 -26.04 -16.02
CA ASP A 77 10.19 -27.32 -16.60
C ASP A 77 8.81 -27.15 -17.24
N PRO A 78 8.78 -27.19 -18.58
CA PRO A 78 7.61 -26.98 -19.43
C PRO A 78 6.37 -27.78 -18.96
N ASN A 79 6.57 -28.96 -18.40
CA ASN A 79 5.43 -29.79 -17.95
C ASN A 79 4.61 -29.12 -16.87
N GLU A 80 5.28 -28.39 -15.97
CA GLU A 80 4.60 -27.75 -14.85
C GLU A 80 3.77 -26.56 -15.32
N TYR A 81 3.87 -26.25 -16.60
CA TYR A 81 3.52 -24.92 -17.09
C TYR A 81 2.87 -24.97 -18.48
N GLY A 82 2.36 -26.15 -18.82
CA GLY A 82 1.57 -26.30 -20.03
C GLY A 82 2.41 -26.52 -21.27
N ASN A 83 3.61 -27.06 -21.07
CA ASN A 83 4.53 -27.31 -22.18
C ASN A 83 4.87 -26.04 -22.93
N ILE A 84 4.93 -24.92 -22.22
CA ILE A 84 5.45 -23.68 -22.78
C ILE A 84 6.97 -23.83 -22.74
N THR A 85 7.58 -23.87 -23.92
CA THR A 85 9.04 -23.94 -24.00
C THR A 85 9.74 -22.59 -24.18
N ASP A 86 9.01 -21.54 -24.52
CA ASP A 86 9.59 -20.20 -24.56
C ASP A 86 8.56 -19.08 -24.54
N PHE A 87 8.99 -17.87 -24.24
CA PHE A 87 8.11 -16.70 -24.33
C PHE A 87 8.80 -15.40 -24.74
N ARG A 88 8.01 -14.42 -25.18
CA ARG A 88 8.52 -13.07 -25.45
C ARG A 88 8.27 -12.19 -24.25
N THR A 89 9.19 -11.27 -23.98
CA THR A 89 8.99 -10.33 -22.89
C THR A 89 9.65 -8.99 -23.17
N SER A 90 9.09 -7.95 -22.58
CA SER A 90 9.70 -6.64 -22.56
C SER A 90 11.12 -6.74 -22.02
N ALA A 91 12.10 -6.14 -22.72
CA ALA A 91 13.49 -6.15 -22.25
C ALA A 91 13.65 -5.45 -20.88
N ALA A 92 12.71 -4.56 -20.57
CA ALA A 92 12.69 -3.84 -19.28
C ALA A 92 12.52 -4.80 -18.10
N ASP A 93 11.88 -5.93 -18.36
CA ASP A 93 11.48 -6.86 -17.31
C ASP A 93 12.62 -7.75 -16.86
N ILE A 94 13.65 -7.86 -17.69
CA ILE A 94 14.78 -8.75 -17.40
C ILE A 94 16.10 -7.98 -17.31
N TRP A 95 17.05 -8.52 -16.55
CA TRP A 95 18.39 -7.95 -16.49
C TRP A 95 19.00 -8.06 -17.87
N THR A 96 19.58 -6.98 -18.37
CA THR A 96 20.22 -7.05 -19.66
C THR A 96 21.65 -6.62 -19.47
N PRO A 97 22.57 -7.25 -20.23
CA PRO A 97 24.01 -6.95 -20.12
C PRO A 97 24.29 -5.55 -20.62
N ASP A 98 25.29 -4.85 -20.08
CA ASP A 98 25.49 -3.49 -20.54
C ASP A 98 26.64 -3.49 -21.55
N ILE A 99 26.27 -3.42 -22.82
CA ILE A 99 27.20 -3.58 -23.92
C ILE A 99 27.10 -2.26 -24.63
N THR A 100 28.23 -1.68 -24.99
CA THR A 100 28.27 -0.35 -25.55
C THR A 100 29.27 -0.31 -26.69
N ALA A 101 29.01 0.55 -27.65
CA ALA A 101 30.03 0.94 -28.59
C ALA A 101 30.96 1.93 -27.86
N TYR A 102 32.26 1.63 -27.87
CA TYR A 102 33.22 2.40 -27.09
C TYR A 102 33.52 3.74 -27.75
N SER A 103 33.39 3.79 -29.07
CA SER A 103 33.84 4.93 -29.86
C SER A 103 32.69 5.57 -30.62
N SER A 104 31.47 5.24 -30.22
CA SER A 104 30.30 6.06 -30.55
C SER A 104 30.57 7.53 -30.26
N THR A 105 29.95 8.40 -31.04
CA THR A 105 30.08 9.84 -30.83
C THR A 105 28.71 10.49 -30.62
N ARG A 106 27.67 9.67 -30.67
N ARG A 106 27.67 9.67 -30.67
CA ARG A 106 26.31 10.13 -30.33
CA ARG A 106 26.33 10.14 -30.30
C ARG A 106 25.65 9.06 -29.48
C ARG A 106 25.63 9.05 -29.52
N PRO A 107 24.54 9.40 -28.83
CA PRO A 107 23.78 8.36 -28.12
C PRO A 107 23.16 7.33 -29.11
N VAL A 108 23.32 6.03 -28.86
CA VAL A 108 22.82 5.01 -29.77
C VAL A 108 21.31 5.11 -29.97
N GLN A 109 20.86 5.09 -31.22
CA GLN A 109 19.43 5.10 -31.47
C GLN A 109 18.80 3.72 -31.74
N VAL A 110 17.73 3.42 -31.03
CA VAL A 110 17.08 2.12 -31.11
C VAL A 110 15.91 2.13 -32.12
N LEU A 111 16.03 1.29 -33.15
CA LEU A 111 15.06 1.26 -34.25
C LEU A 111 13.93 0.24 -34.12
N SER A 112 14.06 -0.68 -33.17
CA SER A 112 13.18 -1.83 -33.03
C SER A 112 12.57 -1.87 -31.64
N PRO A 113 11.43 -2.58 -31.48
CA PRO A 113 10.87 -2.75 -30.14
C PRO A 113 11.87 -3.48 -29.26
N GLN A 114 11.88 -3.16 -27.97
CA GLN A 114 12.90 -3.76 -27.15
C GLN A 114 12.21 -4.85 -26.40
N ASN A 115 12.46 -6.07 -26.88
CA ASN A 115 11.72 -7.24 -26.50
C ASN A 115 12.69 -8.37 -26.60
N ALA A 116 12.58 -9.33 -25.69
CA ALA A 116 13.51 -10.44 -25.64
C ALA A 116 12.79 -11.80 -25.74
N LEU A 117 13.52 -12.78 -26.24
CA LEU A 117 13.06 -14.16 -26.27
C LEU A 117 13.72 -14.97 -25.15
N VAL A 118 12.90 -15.59 -24.32
CA VAL A 118 13.42 -16.39 -23.22
C VAL A 118 12.93 -17.81 -23.42
N ASN A 119 13.75 -18.80 -23.09
CA ASN A 119 13.17 -20.11 -23.04
C ASN A 119 13.55 -21.01 -21.86
N SER A 120 12.92 -22.18 -21.81
CA SER A 120 12.92 -23.04 -20.62
C SER A 120 14.31 -23.41 -20.10
N SER A 121 15.31 -23.46 -20.98
CA SER A 121 16.68 -23.77 -20.57
C SER A 121 17.32 -22.55 -19.88
N GLY A 122 16.69 -21.40 -20.04
CA GLY A 122 17.12 -20.19 -19.39
C GLY A 122 17.90 -19.25 -20.28
N HIS A 123 18.01 -19.60 -21.57
CA HIS A 123 18.73 -18.75 -22.53
C HIS A 123 17.91 -17.55 -22.94
N VAL A 124 18.54 -16.38 -22.97
CA VAL A 124 17.90 -15.17 -23.45
C VAL A 124 18.49 -14.75 -24.80
N GLN A 125 17.65 -14.21 -25.66
CA GLN A 125 18.06 -13.76 -26.97
C GLN A 125 17.51 -12.36 -27.16
N TYR A 126 18.37 -11.38 -27.36
CA TYR A 126 17.88 -10.03 -27.54
C TYR A 126 18.55 -9.44 -28.78
N LEU A 127 17.72 -9.04 -29.75
CA LEU A 127 18.32 -8.40 -30.94
CA LEU A 127 18.33 -8.42 -30.93
C LEU A 127 17.61 -7.14 -31.04
N PRO A 128 18.39 -6.04 -30.97
CA PRO A 128 17.70 -4.78 -31.30
C PRO A 128 18.33 -4.07 -32.50
N ALA A 129 17.53 -3.55 -33.42
CA ALA A 129 18.12 -2.78 -34.51
C ALA A 129 18.54 -1.39 -33.93
N GLN A 130 19.74 -0.91 -34.28
CA GLN A 130 20.31 0.35 -33.87
C GLN A 130 20.89 1.15 -35.02
N ARG A 131 20.84 2.47 -34.87
CA ARG A 131 21.68 3.38 -35.62
C ARG A 131 22.76 3.95 -34.69
N LEU A 132 23.99 3.56 -34.93
CA LEU A 132 25.15 4.06 -34.20
C LEU A 132 25.97 5.02 -35.06
N SER A 133 26.32 6.19 -34.54
CA SER A 133 27.35 6.95 -35.23
C SER A 133 28.62 6.99 -34.38
N PHE A 134 29.74 6.72 -35.03
CA PHE A 134 30.97 6.48 -34.30
C PHE A 134 32.24 7.06 -34.97
N MET A 135 33.40 6.91 -34.33
CA MET A 135 34.62 7.55 -34.82
C MET A 135 35.23 6.76 -35.97
N CYS A 136 35.27 7.38 -37.15
CA CYS A 136 35.85 6.74 -38.30
C CYS A 136 36.43 7.72 -39.30
N ASP A 137 37.52 7.32 -39.95
CA ASP A 137 38.09 8.09 -41.06
C ASP A 137 37.68 7.52 -42.42
N PRO A 138 36.80 8.25 -43.12
CA PRO A 138 36.20 7.86 -44.39
C PRO A 138 37.22 7.74 -45.52
N THR A 139 38.38 8.40 -45.40
CA THR A 139 39.29 8.53 -46.54
C THR A 139 39.68 7.19 -47.18
N GLY A 140 39.53 7.12 -48.50
CA GLY A 140 39.70 5.88 -49.24
C GLY A 140 38.36 5.37 -49.74
N VAL A 141 37.29 5.94 -49.22
CA VAL A 141 35.95 5.48 -49.54
C VAL A 141 35.57 5.79 -51.00
N ASP A 142 36.27 6.77 -51.58
CA ASP A 142 36.13 7.14 -53.01
C ASP A 142 37.17 6.46 -53.92
N SER A 143 37.98 5.57 -53.33
CA SER A 143 38.98 4.83 -54.07
C SER A 143 38.45 3.46 -54.40
N GLU A 144 39.31 2.66 -55.02
CA GLU A 144 39.04 1.26 -55.26
C GLU A 144 39.21 0.51 -53.95
N GLU A 145 40.41 0.56 -53.38
CA GLU A 145 40.71 -0.11 -52.12
C GLU A 145 39.65 0.17 -51.05
N GLY A 146 39.18 1.40 -50.94
CA GLY A 146 38.17 1.73 -49.95
C GLY A 146 38.68 2.11 -48.56
N ALA A 147 37.83 2.80 -47.80
CA ALA A 147 38.14 3.15 -46.42
C ALA A 147 38.01 1.97 -45.46
N THR A 148 38.64 2.08 -44.30
CA THR A 148 38.48 1.09 -43.24
C THR A 148 38.21 1.73 -41.89
N CYS A 149 37.24 1.17 -41.16
CA CYS A 149 36.92 1.62 -39.81
C CYS A 149 36.71 0.46 -38.85
N ALA A 150 36.84 0.74 -37.56
CA ALA A 150 36.54 -0.24 -36.53
C ALA A 150 35.95 0.39 -35.28
N VAL A 151 35.17 -0.41 -34.56
CA VAL A 151 34.53 -0.04 -33.32
C VAL A 151 34.66 -1.22 -32.38
N LYS A 152 34.97 -0.96 -31.11
CA LYS A 152 34.99 -2.03 -30.12
C LYS A 152 33.67 -2.05 -29.33
N PHE A 153 33.17 -3.25 -29.05
CA PHE A 153 31.99 -3.43 -28.21
C PHE A 153 32.36 -4.34 -27.06
N GLY A 154 31.96 -3.99 -25.85
CA GLY A 154 32.15 -4.88 -24.71
C GLY A 154 31.34 -4.33 -23.57
N SER A 155 31.54 -4.88 -22.37
CA SER A 155 30.88 -4.30 -21.20
C SER A 155 31.56 -3.01 -20.79
N TRP A 156 30.77 -2.05 -20.33
CA TRP A 156 31.32 -0.83 -19.75
C TRP A 156 31.86 -0.98 -18.31
N SER A 157 31.02 -1.45 -17.40
CA SER A 157 31.41 -1.60 -16.00
C SER A 157 31.81 -2.98 -15.51
N TYR A 158 31.76 -4.01 -16.36
CA TYR A 158 32.10 -5.36 -15.92
C TYR A 158 33.38 -5.81 -16.58
N GLY A 159 34.10 -6.69 -15.91
CA GLY A 159 35.33 -7.21 -16.46
C GLY A 159 35.14 -8.61 -16.97
N GLY A 160 36.19 -9.19 -17.54
CA GLY A 160 36.16 -10.54 -18.07
C GLY A 160 35.88 -11.65 -17.06
N TRP A 161 36.15 -11.38 -15.78
CA TRP A 161 35.87 -12.32 -14.69
C TRP A 161 34.40 -12.32 -14.26
N GLU A 162 33.68 -11.28 -14.62
CA GLU A 162 32.25 -11.20 -14.38
C GLU A 162 31.35 -11.39 -15.60
N ILE A 163 31.69 -10.71 -16.69
CA ILE A 163 31.10 -10.93 -18.01
C ILE A 163 32.13 -11.33 -19.08
N ASP A 164 31.99 -12.54 -19.63
CA ASP A 164 32.85 -12.98 -20.71
C ASP A 164 32.18 -12.80 -22.08
N LEU A 165 32.92 -12.21 -23.01
CA LEU A 165 32.42 -11.99 -24.37
C LEU A 165 32.85 -13.11 -25.30
N LYS A 166 31.96 -13.49 -26.20
CA LYS A 166 32.29 -14.50 -27.18
C LYS A 166 31.52 -14.27 -28.46
N THR A 167 32.07 -14.77 -29.55
CA THR A 167 31.40 -14.71 -30.83
C THR A 167 31.14 -16.10 -31.39
N ASP A 168 30.06 -16.22 -32.13
CA ASP A 168 29.67 -17.45 -32.78
C ASP A 168 30.65 -17.72 -33.90
N THR A 169 30.82 -16.72 -34.76
CA THR A 169 31.76 -16.74 -35.87
C THR A 169 32.51 -15.42 -35.90
N ASP A 170 33.60 -15.36 -36.67
CA ASP A 170 34.34 -14.12 -36.95
C ASP A 170 33.76 -13.35 -38.15
N GLN A 171 32.67 -13.88 -38.70
CA GLN A 171 32.01 -13.36 -39.90
C GLN A 171 30.75 -12.57 -39.63
N VAL A 172 30.83 -11.25 -39.84
CA VAL A 172 29.67 -10.37 -39.72
C VAL A 172 28.70 -10.75 -40.80
N ASP A 173 27.41 -10.75 -40.47
CA ASP A 173 26.39 -11.15 -41.42
C ASP A 173 25.97 -9.99 -42.33
N LEU A 174 26.24 -10.17 -43.62
CA LEU A 174 25.87 -9.21 -44.66
C LEU A 174 24.61 -9.57 -45.45
N SER A 175 23.98 -10.68 -45.11
CA SER A 175 22.88 -11.18 -45.93
C SER A 175 21.68 -10.22 -46.00
N SER A 176 21.53 -9.39 -44.98
CA SER A 176 20.48 -8.38 -44.93
C SER A 176 20.90 -6.98 -45.38
N TYR A 177 22.12 -6.85 -45.89
CA TYR A 177 22.66 -5.53 -46.21
C TYR A 177 22.02 -4.89 -47.43
N TYR A 178 21.59 -3.64 -47.27
CA TYR A 178 20.81 -2.94 -48.28
C TYR A 178 21.56 -2.84 -49.59
N ALA A 179 20.94 -3.33 -50.66
CA ALA A 179 21.59 -3.42 -51.97
C ALA A 179 21.86 -2.05 -52.61
N SER A 180 20.91 -1.14 -52.45
CA SER A 180 20.96 0.17 -53.07
C SER A 180 21.65 1.23 -52.21
N SER A 181 22.25 0.79 -51.10
CA SER A 181 22.98 1.68 -50.20
C SER A 181 24.04 2.49 -50.92
N LYS A 182 24.29 3.70 -50.43
CA LYS A 182 25.31 4.57 -51.00
C LYS A 182 26.70 3.94 -50.94
N TYR A 183 26.88 2.97 -50.06
CA TYR A 183 28.20 2.38 -49.85
C TYR A 183 28.17 0.86 -49.96
N GLU A 184 29.26 0.29 -50.47
CA GLU A 184 29.41 -1.13 -50.68
C GLU A 184 30.23 -1.70 -49.55
N ILE A 185 29.90 -2.90 -49.07
CA ILE A 185 30.70 -3.54 -48.03
C ILE A 185 31.68 -4.54 -48.66
N LEU A 186 32.98 -4.24 -48.61
CA LEU A 186 34.00 -5.14 -49.14
C LEU A 186 34.30 -6.30 -48.18
N SER A 187 34.49 -5.99 -46.90
CA SER A 187 34.53 -7.02 -45.86
C SER A 187 34.09 -6.47 -44.50
N ALA A 188 33.55 -7.35 -43.67
CA ALA A 188 33.23 -7.02 -42.29
C ALA A 188 33.62 -8.20 -41.40
N THR A 189 34.47 -7.96 -40.40
CA THR A 189 34.86 -9.05 -39.52
C THR A 189 34.44 -8.75 -38.07
N GLN A 190 34.15 -9.79 -37.28
CA GLN A 190 33.93 -9.60 -35.86
C GLN A 190 34.83 -10.50 -35.00
N THR A 191 35.77 -9.87 -34.30
CA THR A 191 36.89 -10.55 -33.65
C THR A 191 36.97 -10.26 -32.16
N ARG A 192 37.09 -11.30 -31.35
CA ARG A 192 37.26 -11.14 -29.91
C ARG A 192 38.72 -10.91 -29.51
N SER A 193 38.94 -10.05 -28.53
CA SER A 193 40.28 -9.84 -28.01
C SER A 193 40.23 -9.54 -26.51
N GLU A 194 41.26 -9.91 -25.76
CA GLU A 194 41.33 -9.63 -24.33
C GLU A 194 42.36 -8.58 -24.01
N ARG A 195 41.92 -7.54 -23.30
CA ARG A 195 42.80 -6.47 -22.84
C ARG A 195 43.28 -6.82 -21.45
N PHE A 196 44.57 -6.71 -21.23
CA PHE A 196 45.16 -7.11 -19.96
C PHE A 196 45.96 -5.95 -19.46
N TYR A 197 46.32 -6.01 -18.18
CA TYR A 197 47.29 -5.04 -17.66
C TYR A 197 48.39 -5.68 -16.80
N GLU A 198 49.57 -5.05 -16.85
CA GLU A 198 50.61 -5.35 -15.88
C GLU A 198 50.04 -4.96 -14.52
N CYS A 199 49.49 -3.75 -14.49
CA CYS A 199 49.00 -3.15 -13.25
C CYS A 199 47.95 -3.90 -12.44
N CYS A 200 46.78 -4.12 -13.05
CA CYS A 200 45.66 -4.78 -12.43
C CYS A 200 45.25 -6.05 -13.21
N LYS A 201 45.05 -7.14 -12.49
CA LYS A 201 45.17 -8.52 -13.00
C LYS A 201 43.98 -9.15 -13.77
N GLU A 202 42.88 -8.42 -13.90
CA GLU A 202 41.66 -8.98 -14.52
C GLU A 202 41.49 -8.70 -16.02
N PRO A 203 41.35 -9.75 -16.85
CA PRO A 203 41.25 -9.55 -18.31
C PRO A 203 40.02 -8.71 -18.70
N TYR A 204 40.07 -7.90 -19.75
CA TYR A 204 38.79 -7.34 -20.16
C TYR A 204 38.49 -7.68 -21.60
N PRO A 205 37.26 -8.15 -21.85
CA PRO A 205 37.10 -8.47 -23.26
C PRO A 205 36.44 -7.35 -24.06
N ASP A 206 36.45 -7.55 -25.37
CA ASP A 206 35.75 -6.71 -26.31
C ASP A 206 35.63 -7.49 -27.61
N VAL A 207 34.70 -7.08 -28.46
CA VAL A 207 34.57 -7.61 -29.80
C VAL A 207 34.82 -6.45 -30.73
N ASN A 208 35.69 -6.66 -31.71
CA ASN A 208 36.09 -5.60 -32.61
C ASN A 208 35.41 -5.78 -33.94
N LEU A 209 34.52 -4.86 -34.27
CA LEU A 209 33.88 -4.85 -35.57
C LEU A 209 34.73 -4.00 -36.51
N VAL A 210 35.30 -4.63 -37.53
CA VAL A 210 36.13 -3.94 -38.51
C VAL A 210 35.43 -3.98 -39.85
N VAL A 211 35.29 -2.81 -40.49
CA VAL A 211 34.53 -2.71 -41.73
C VAL A 211 35.29 -2.04 -42.85
N LYS A 212 35.45 -2.75 -43.95
CA LYS A 212 36.05 -2.18 -45.16
C LYS A 212 34.95 -1.87 -46.18
N PHE A 213 34.85 -0.61 -46.58
CA PHE A 213 33.74 -0.15 -47.40
C PHE A 213 34.13 0.95 -48.38
N ARG A 214 33.44 1.01 -49.51
CA ARG A 214 33.71 2.05 -50.51
C ARG A 214 32.40 2.59 -51.08
N GLU A 215 32.47 3.77 -51.69
CA GLU A 215 31.32 4.29 -52.44
C GLU A 215 31.04 3.34 -53.58
N ARG A 216 29.77 3.12 -53.88
CA ARG A 216 29.39 2.23 -54.96
C ARG A 216 29.65 2.91 -56.29
N ARG A 217 29.77 2.13 -57.35
CA ARG A 217 29.96 2.73 -58.68
C ARG A 217 28.87 2.26 -59.65
N LYS B 3 -32.95 13.67 -14.36
CA LYS B 3 -33.26 14.42 -15.57
C LYS B 3 -32.58 13.75 -16.77
N ASP B 4 -32.18 14.57 -17.74
CA ASP B 4 -31.30 14.15 -18.82
C ASP B 4 -29.87 14.16 -18.28
N ASP B 5 -29.74 14.63 -17.03
CA ASP B 5 -28.49 14.53 -16.29
C ASP B 5 -28.22 13.11 -15.79
N ASP B 6 -29.22 12.48 -15.17
CA ASP B 6 -29.06 11.12 -14.67
C ASP B 6 -28.49 10.17 -15.74
N ASP B 7 -28.99 10.34 -16.96
CA ASP B 7 -28.51 9.57 -18.12
C ASP B 7 -27.01 9.71 -18.34
N LYS B 8 -26.50 10.91 -18.09
CA LYS B 8 -25.06 11.19 -18.23
C LYS B 8 -24.22 10.63 -17.08
N LEU B 9 -24.77 10.60 -15.87
CA LEU B 9 -24.04 10.11 -14.70
C LEU B 9 -23.83 8.62 -14.77
N HIS B 10 -24.89 7.89 -15.13
CA HIS B 10 -24.80 6.44 -15.35
C HIS B 10 -23.85 6.19 -16.49
N SER B 11 -23.88 7.11 -17.45
CA SER B 11 -23.08 7.03 -18.64
C SER B 11 -21.60 6.94 -18.25
N GLN B 12 -21.16 7.89 -17.43
CA GLN B 12 -19.78 7.94 -16.95
C GLN B 12 -19.48 6.73 -16.07
N ALA B 13 -20.32 6.53 -15.06
CA ALA B 13 -20.12 5.44 -14.12
C ALA B 13 -20.04 4.05 -14.76
N ASN B 14 -20.85 3.80 -15.78
CA ASN B 14 -20.81 2.52 -16.47
C ASN B 14 -19.51 2.30 -17.23
N LEU B 15 -18.92 3.39 -17.68
CA LEU B 15 -17.68 3.36 -18.44
C LEU B 15 -16.48 3.15 -17.50
N MET B 16 -16.48 3.89 -16.41
CA MET B 16 -15.46 3.73 -15.39
C MET B 16 -15.51 2.31 -14.92
N ARG B 17 -16.73 1.83 -14.71
CA ARG B 17 -16.96 0.46 -14.30
C ARG B 17 -16.42 -0.50 -15.36
N LEU B 18 -16.77 -0.29 -16.61
CA LEU B 18 -16.35 -1.20 -17.68
C LEU B 18 -14.83 -1.22 -17.85
N LYS B 19 -14.20 -0.08 -17.68
CA LYS B 19 -12.77 0.01 -17.85
C LYS B 19 -12.06 -0.70 -16.74
N SER B 20 -12.66 -0.67 -15.56
CA SER B 20 -12.12 -1.36 -14.38
C SER B 20 -12.21 -2.88 -14.48
N ASP B 21 -13.32 -3.40 -14.99
CA ASP B 21 -13.45 -4.85 -15.07
C ASP B 21 -12.44 -5.45 -16.02
N LEU B 22 -12.19 -4.76 -17.12
CA LEU B 22 -11.19 -5.23 -18.07
C LEU B 22 -9.77 -5.07 -17.54
N PHE B 23 -9.40 -3.84 -17.17
CA PHE B 23 -8.01 -3.52 -16.81
C PHE B 23 -7.55 -3.82 -15.38
N ASN B 24 -8.38 -3.50 -14.39
CA ASN B 24 -8.05 -3.77 -12.97
C ASN B 24 -8.34 -5.19 -12.43
N ARG B 25 -9.50 -5.75 -12.79
CA ARG B 25 -9.87 -7.07 -12.28
C ARG B 25 -9.35 -8.19 -13.18
N SER B 26 -8.67 -7.85 -14.25
CA SER B 26 -8.00 -8.86 -15.06
C SER B 26 -6.61 -8.37 -15.43
N PRO B 27 -5.63 -9.29 -15.46
CA PRO B 27 -4.26 -8.94 -15.82
C PRO B 27 -4.21 -8.54 -17.29
N MET B 28 -3.16 -7.84 -17.69
CA MET B 28 -3.00 -7.53 -19.11
C MET B 28 -2.68 -8.81 -19.90
N TYR B 29 -3.23 -8.88 -21.11
CA TYR B 29 -3.02 -9.99 -22.02
C TYR B 29 -1.52 -10.18 -22.17
N PRO B 30 -1.04 -11.42 -21.97
CA PRO B 30 0.35 -11.87 -22.02
C PRO B 30 0.93 -11.81 -23.43
N GLY B 31 0.05 -11.69 -24.42
CA GLY B 31 0.45 -11.77 -25.81
C GLY B 31 0.04 -13.08 -26.47
N PRO B 32 0.12 -13.14 -27.80
CA PRO B 32 -0.14 -14.38 -28.53
C PRO B 32 0.83 -15.51 -28.20
N THR B 33 0.36 -16.74 -28.24
CA THR B 33 1.24 -17.89 -28.15
C THR B 33 0.87 -18.88 -29.25
N LYS B 34 1.74 -19.88 -29.47
CA LYS B 34 1.48 -20.91 -30.47
C LYS B 34 0.13 -21.59 -30.23
N ASP B 35 -0.28 -21.67 -28.97
CA ASP B 35 -1.58 -22.20 -28.60
C ASP B 35 -2.65 -21.12 -28.55
N ASP B 36 -2.25 -19.86 -28.65
CA ASP B 36 -3.19 -18.74 -28.67
C ASP B 36 -2.71 -17.68 -29.66
N PRO B 37 -2.82 -17.96 -30.97
CA PRO B 37 -2.34 -17.05 -32.01
C PRO B 37 -3.34 -15.93 -32.24
N LEU B 38 -2.84 -14.81 -32.75
CA LEU B 38 -3.63 -13.63 -32.96
C LEU B 38 -3.40 -13.10 -34.36
N THR B 39 -4.46 -12.63 -34.98
CA THR B 39 -4.35 -12.08 -36.32
C THR B 39 -4.29 -10.56 -36.27
N VAL B 40 -3.31 -9.99 -36.93
CA VAL B 40 -3.22 -8.55 -36.97
C VAL B 40 -3.44 -8.05 -38.39
N TYR B 41 -4.31 -7.06 -38.54
CA TYR B 41 -4.48 -6.43 -39.83
C TYR B 41 -3.71 -5.12 -39.90
N LEU B 42 -2.88 -5.00 -40.93
CA LEU B 42 -2.08 -3.80 -41.14
C LEU B 42 -2.48 -3.15 -42.45
N SER B 43 -2.90 -1.89 -42.39
CA SER B 43 -3.23 -1.13 -43.59
C SER B 43 -2.61 0.29 -43.58
N PHE B 44 -2.18 0.79 -44.73
CA PHE B 44 -1.52 2.10 -44.81
C PHE B 44 -2.30 3.18 -45.54
N SER B 45 -2.03 4.41 -45.21
CA SER B 45 -2.61 5.54 -45.90
C SER B 45 -1.49 6.60 -46.02
N LEU B 46 -1.14 7.05 -47.20
CA LEU B 46 -0.03 7.97 -47.29
C LEU B 46 -0.42 9.41 -47.35
N LEU B 47 0.18 10.20 -46.48
CA LEU B 47 -0.03 11.62 -46.40
C LEU B 47 1.01 12.46 -47.09
N ASP B 48 2.27 12.11 -46.96
CA ASP B 48 3.27 12.91 -47.62
C ASP B 48 4.60 12.18 -47.84
N ILE B 49 5.29 12.44 -48.95
CA ILE B 49 6.71 12.13 -48.97
C ILE B 49 7.47 13.45 -48.77
N VAL B 50 8.05 13.63 -47.59
CA VAL B 50 8.64 14.91 -47.26
C VAL B 50 9.98 15.17 -47.94
N LYS B 51 10.92 14.24 -47.82
CA LYS B 51 12.17 14.43 -48.52
C LYS B 51 12.76 13.15 -49.03
N ALA B 52 13.42 13.28 -50.17
CA ALA B 52 14.27 12.22 -50.70
C ALA B 52 15.67 12.77 -50.58
N ASP B 53 16.55 12.03 -49.93
CA ASP B 53 17.92 12.48 -49.73
C ASP B 53 18.84 11.55 -50.51
N SER B 54 19.42 12.10 -51.58
CA SER B 54 20.19 11.33 -52.53
C SER B 54 21.63 11.19 -52.06
N SER B 55 21.98 11.96 -51.02
CA SER B 55 23.31 11.91 -50.40
C SER B 55 23.48 10.73 -49.44
N THR B 56 22.47 10.48 -48.61
CA THR B 56 22.35 9.26 -47.77
C THR B 56 21.52 8.06 -48.29
N ASN B 57 20.78 8.23 -49.38
CA ASN B 57 19.74 7.27 -49.75
C ASN B 57 18.74 6.95 -48.62
N GLU B 58 18.07 7.97 -48.08
CA GLU B 58 16.91 7.77 -47.21
C GLU B 58 15.77 8.67 -47.64
N VAL B 59 14.54 8.14 -47.56
CA VAL B 59 13.33 8.93 -47.81
C VAL B 59 12.50 9.12 -46.50
N ASP B 60 11.87 10.27 -46.36
CA ASP B 60 11.06 10.53 -45.17
C ASP B 60 9.61 10.55 -45.55
N LEU B 61 8.83 9.72 -44.87
CA LEU B 61 7.45 9.51 -45.24
C LEU B 61 6.55 9.77 -44.05
N VAL B 62 5.43 10.47 -44.26
CA VAL B 62 4.37 10.60 -43.26
C VAL B 62 3.14 9.79 -43.65
N TYR B 63 2.70 8.87 -42.80
CA TYR B 63 1.61 7.98 -43.17
C TYR B 63 0.79 7.57 -41.97
N TRP B 64 -0.40 7.05 -42.22
CA TRP B 64 -1.16 6.42 -41.16
C TRP B 64 -0.99 4.94 -41.30
N GLU B 65 -0.80 4.30 -40.17
CA GLU B 65 -0.68 2.87 -40.10
C GLU B 65 -1.86 2.42 -39.29
N GLN B 66 -2.81 1.74 -39.93
CA GLN B 66 -3.95 1.21 -39.22
C GLN B 66 -3.73 -0.23 -38.80
N GLN B 67 -3.81 -0.44 -37.49
CA GLN B 67 -3.70 -1.76 -36.88
C GLN B 67 -5.05 -2.17 -36.32
N SER B 68 -5.45 -3.41 -36.58
CA SER B 68 -6.71 -3.98 -36.07
C SER B 68 -6.44 -5.40 -35.58
N TRP B 69 -7.05 -5.73 -34.46
CA TRP B 69 -6.97 -7.10 -33.95
C TRP B 69 -8.16 -7.34 -33.00
N LYS B 70 -8.44 -8.60 -32.68
CA LYS B 70 -9.58 -8.93 -31.83
C LYS B 70 -9.08 -9.76 -30.67
N LEU B 71 -9.36 -9.34 -29.44
CA LEU B 71 -8.95 -10.12 -28.28
C LEU B 71 -10.19 -10.63 -27.54
N ASN B 72 -10.20 -11.92 -27.19
CA ASN B 72 -11.32 -12.47 -26.46
C ASN B 72 -11.47 -11.78 -25.12
N SER B 73 -10.35 -11.46 -24.48
CA SER B 73 -10.36 -10.83 -23.15
C SER B 73 -10.84 -9.37 -23.12
N LEU B 74 -11.05 -8.76 -24.29
CA LEU B 74 -11.65 -7.42 -24.39
C LEU B 74 -13.16 -7.40 -24.69
N MET B 75 -13.77 -8.57 -24.76
CA MET B 75 -15.20 -8.66 -25.03
C MET B 75 -16.08 -8.30 -23.83
N TRP B 76 -17.27 -7.79 -24.13
CA TRP B 76 -18.29 -7.61 -23.11
C TRP B 76 -19.72 -7.56 -23.66
N ASP B 77 -20.67 -7.73 -22.75
CA ASP B 77 -22.08 -7.60 -23.09
C ASP B 77 -22.52 -6.18 -22.81
N PRO B 78 -22.83 -5.44 -23.88
CA PRO B 78 -23.34 -4.06 -23.82
C PRO B 78 -24.54 -3.91 -22.91
N ASN B 79 -25.51 -4.84 -22.94
CA ASN B 79 -26.68 -4.79 -22.06
C ASN B 79 -26.28 -4.62 -20.60
N GLU B 80 -25.14 -5.23 -20.25
CA GLU B 80 -24.66 -5.25 -18.89
C GLU B 80 -23.93 -3.96 -18.45
N TYR B 81 -23.30 -3.23 -19.38
CA TYR B 81 -22.91 -1.85 -19.06
C TYR B 81 -23.64 -0.87 -19.97
N GLY B 82 -24.68 -0.18 -19.51
CA GLY B 82 -25.14 1.02 -20.17
C GLY B 82 -25.43 0.94 -21.66
N ASN B 83 -25.47 -0.26 -22.23
CA ASN B 83 -25.44 -0.46 -23.68
CA ASN B 83 -25.49 -0.40 -23.70
C ASN B 83 -24.35 0.36 -24.38
N ILE B 84 -23.15 0.29 -23.80
CA ILE B 84 -21.96 0.96 -24.31
C ILE B 84 -21.33 -0.04 -25.23
N THR B 85 -21.29 0.27 -26.52
CA THR B 85 -20.70 -0.67 -27.47
C THR B 85 -19.23 -0.45 -27.79
N ASP B 86 -18.69 0.71 -27.44
CA ASP B 86 -17.27 0.96 -27.66
C ASP B 86 -16.76 2.11 -26.81
N PHE B 87 -15.45 2.21 -26.63
CA PHE B 87 -14.84 3.31 -25.89
C PHE B 87 -13.41 3.59 -26.35
N ARG B 88 -12.90 4.80 -26.12
CA ARG B 88 -11.51 5.10 -26.49
C ARG B 88 -10.62 4.96 -25.26
N THR B 89 -9.42 4.41 -25.44
CA THR B 89 -8.48 4.30 -24.33
C THR B 89 -7.06 4.65 -24.75
N SER B 90 -6.19 4.89 -23.78
CA SER B 90 -4.81 5.19 -24.09
C SER B 90 -4.14 3.94 -24.64
N ALA B 91 -3.30 4.07 -25.66
CA ALA B 91 -2.67 2.88 -26.22
C ALA B 91 -1.86 2.12 -25.18
N ALA B 92 -1.40 2.82 -24.15
CA ALA B 92 -0.63 2.20 -23.08
C ALA B 92 -1.46 1.31 -22.14
N ASP B 93 -2.77 1.54 -22.07
CA ASP B 93 -3.66 0.71 -21.25
C ASP B 93 -3.86 -0.70 -21.79
N ILE B 94 -3.67 -0.90 -23.10
CA ILE B 94 -3.85 -2.24 -23.70
C ILE B 94 -2.55 -2.80 -24.26
N TRP B 95 -2.62 -4.02 -24.73
CA TRP B 95 -1.47 -4.66 -25.34
C TRP B 95 -1.45 -4.18 -26.77
N THR B 96 -0.26 -3.95 -27.31
CA THR B 96 -0.14 -3.60 -28.72
C THR B 96 0.88 -4.52 -29.39
N PRO B 97 0.61 -4.87 -30.66
CA PRO B 97 1.54 -5.70 -31.42
C PRO B 97 2.79 -4.90 -31.70
N ASP B 98 3.93 -5.56 -31.76
CA ASP B 98 5.07 -4.75 -31.99
C ASP B 98 5.38 -4.88 -33.47
N ILE B 99 4.99 -3.85 -34.21
CA ILE B 99 5.09 -3.91 -35.64
C ILE B 99 6.10 -2.83 -35.91
N THR B 100 7.02 -3.10 -36.83
CA THR B 100 8.10 -2.18 -37.08
C THR B 100 8.41 -2.13 -38.53
N ALA B 101 8.85 -0.96 -38.98
CA ALA B 101 9.54 -0.83 -40.24
C ALA B 101 10.92 -1.51 -40.09
N TYR B 102 11.22 -2.46 -40.98
CA TYR B 102 12.44 -3.25 -40.88
C TYR B 102 13.66 -2.52 -41.42
N SER B 103 13.40 -1.62 -42.36
CA SER B 103 14.40 -0.76 -42.97
C SER B 103 14.50 0.66 -42.43
N SER B 104 13.80 0.98 -41.34
CA SER B 104 13.93 2.33 -40.77
C SER B 104 15.38 2.66 -40.43
N THR B 105 15.81 3.87 -40.80
CA THR B 105 17.12 4.44 -40.45
C THR B 105 17.16 5.43 -39.27
N ARG B 106 16.01 5.75 -38.70
CA ARG B 106 15.92 6.62 -37.52
C ARG B 106 14.74 6.14 -36.68
N PRO B 107 14.72 6.46 -35.39
CA PRO B 107 13.54 6.03 -34.62
C PRO B 107 12.31 6.74 -35.18
N VAL B 108 11.17 6.06 -35.19
CA VAL B 108 9.97 6.63 -35.80
C VAL B 108 9.44 7.75 -34.92
N GLN B 109 8.80 8.74 -35.55
CA GLN B 109 8.24 9.83 -34.80
C GLN B 109 6.75 9.82 -34.93
N VAL B 110 6.07 9.82 -33.79
CA VAL B 110 4.64 9.79 -33.74
C VAL B 110 4.06 11.20 -33.81
N LEU B 111 3.15 11.40 -34.75
CA LEU B 111 2.50 12.69 -35.01
C LEU B 111 1.12 12.82 -34.37
N SER B 112 0.69 11.76 -33.71
CA SER B 112 -0.67 11.70 -33.21
C SER B 112 -0.74 11.21 -31.77
N PRO B 113 -1.84 11.51 -31.08
CA PRO B 113 -2.09 10.96 -29.75
C PRO B 113 -2.06 9.45 -29.83
N GLN B 114 -1.61 8.78 -28.77
CA GLN B 114 -1.72 7.33 -28.83
C GLN B 114 -2.90 6.83 -28.02
N ASN B 115 -3.93 6.48 -28.77
CA ASN B 115 -5.24 6.15 -28.23
C ASN B 115 -5.77 5.10 -29.16
N ALA B 116 -6.52 4.16 -28.59
CA ALA B 116 -7.10 3.10 -29.39
C ALA B 116 -8.61 3.13 -29.21
N LEU B 117 -9.33 2.50 -30.14
CA LEU B 117 -10.75 2.26 -29.95
C LEU B 117 -10.97 0.77 -29.75
N VAL B 118 -11.79 0.45 -28.75
CA VAL B 118 -12.07 -0.93 -28.40
C VAL B 118 -13.58 -1.08 -28.44
N ASN B 119 -14.09 -2.18 -28.97
CA ASN B 119 -15.54 -2.42 -28.93
C ASN B 119 -15.97 -3.77 -28.41
N SER B 120 -17.26 -3.90 -28.14
CA SER B 120 -17.77 -4.96 -27.30
C SER B 120 -17.42 -6.38 -27.74
N SER B 121 -17.13 -6.59 -29.03
CA SER B 121 -16.76 -7.93 -29.49
C SER B 121 -15.25 -8.20 -29.43
N GLY B 122 -14.51 -7.22 -28.92
CA GLY B 122 -13.11 -7.37 -28.63
C GLY B 122 -12.19 -6.93 -29.75
N HIS B 123 -12.73 -6.20 -30.72
CA HIS B 123 -11.94 -5.59 -31.78
C HIS B 123 -11.29 -4.27 -31.35
N VAL B 124 -10.02 -4.13 -31.69
CA VAL B 124 -9.26 -2.95 -31.37
C VAL B 124 -8.76 -2.32 -32.67
N GLN B 125 -8.88 -1.01 -32.73
CA GLN B 125 -8.42 -0.26 -33.88
C GLN B 125 -7.44 0.85 -33.46
N TYR B 126 -6.20 0.72 -33.88
CA TYR B 126 -5.16 1.66 -33.48
C TYR B 126 -4.54 2.33 -34.73
N LEU B 127 -4.69 3.65 -34.86
CA LEU B 127 -4.18 4.38 -36.02
C LEU B 127 -3.20 5.52 -35.71
N PRO B 128 -1.94 5.19 -35.39
CA PRO B 128 -0.87 6.17 -35.21
C PRO B 128 -0.43 6.85 -36.50
N ALA B 129 -0.34 8.18 -36.50
CA ALA B 129 0.23 8.91 -37.62
C ALA B 129 1.73 8.97 -37.37
N GLN B 130 2.55 8.66 -38.36
CA GLN B 130 3.98 8.54 -38.12
C GLN B 130 4.83 9.23 -39.18
N ARG B 131 6.01 9.70 -38.77
CA ARG B 131 7.03 10.06 -39.74
C ARG B 131 8.18 9.07 -39.65
N LEU B 132 8.48 8.43 -40.77
CA LEU B 132 9.49 7.38 -40.84
C LEU B 132 10.54 7.67 -41.90
N SER B 133 11.80 7.39 -41.58
CA SER B 133 12.89 7.45 -42.55
C SER B 133 13.33 6.03 -42.83
N PHE B 134 13.37 5.63 -44.10
CA PHE B 134 13.72 4.26 -44.40
C PHE B 134 14.67 4.25 -45.57
N MET B 135 15.34 3.12 -45.79
CA MET B 135 16.40 3.10 -46.78
C MET B 135 15.80 3.10 -48.16
N CYS B 136 16.07 4.13 -48.93
CA CYS B 136 15.54 4.22 -50.29
C CYS B 136 16.53 4.92 -51.19
N ASP B 137 16.73 4.40 -52.40
CA ASP B 137 17.52 5.10 -53.41
C ASP B 137 16.59 5.92 -54.34
N PRO B 138 16.62 7.24 -54.23
CA PRO B 138 15.83 8.23 -54.96
C PRO B 138 16.13 8.30 -56.47
N THR B 139 17.18 7.62 -56.92
CA THR B 139 17.62 7.71 -58.31
C THR B 139 16.42 7.55 -59.20
N GLY B 140 16.30 8.42 -60.19
CA GLY B 140 15.22 8.38 -61.15
C GLY B 140 13.98 9.12 -60.72
N VAL B 141 14.05 9.84 -59.60
CA VAL B 141 12.89 10.54 -59.08
C VAL B 141 12.67 11.87 -59.82
N ASP B 142 13.72 12.31 -60.50
CA ASP B 142 13.67 13.49 -61.37
C ASP B 142 13.30 13.14 -62.83
N SER B 143 13.01 11.86 -63.09
CA SER B 143 12.58 11.39 -64.41
C SER B 143 11.08 11.13 -64.46
N GLU B 144 10.60 10.60 -65.59
CA GLU B 144 9.17 10.32 -65.76
CA GLU B 144 9.17 10.29 -65.79
C GLU B 144 8.72 9.01 -65.11
N GLU B 145 9.56 7.98 -65.15
CA GLU B 145 9.25 6.70 -64.50
C GLU B 145 9.33 6.84 -62.99
N GLY B 146 9.95 7.92 -62.54
CA GLY B 146 10.16 8.14 -61.13
C GLY B 146 11.05 7.07 -60.53
N ALA B 147 11.08 7.03 -59.21
CA ALA B 147 11.91 6.07 -58.51
C ALA B 147 10.99 5.19 -57.70
N THR B 148 11.46 4.01 -57.33
CA THR B 148 10.64 3.08 -56.59
C THR B 148 11.37 2.57 -55.36
N CYS B 149 10.68 2.61 -54.22
CA CYS B 149 11.19 2.05 -52.97
C CYS B 149 10.25 1.07 -52.29
N ALA B 150 10.79 0.24 -51.41
CA ALA B 150 9.91 -0.61 -50.60
C ALA B 150 10.39 -0.70 -49.15
N VAL B 151 9.42 -0.79 -48.24
CA VAL B 151 9.70 -1.06 -46.85
C VAL B 151 8.76 -2.12 -46.28
N LYS B 152 9.34 -3.21 -45.76
CA LYS B 152 8.59 -4.27 -45.09
C LYS B 152 8.24 -3.96 -43.64
N PHE B 153 6.97 -4.15 -43.28
CA PHE B 153 6.53 -4.02 -41.90
C PHE B 153 6.18 -5.39 -41.33
N GLY B 154 6.49 -5.60 -40.05
CA GLY B 154 6.00 -6.78 -39.34
C GLY B 154 6.35 -6.85 -37.87
N SER B 155 5.92 -7.92 -37.22
CA SER B 155 6.32 -8.15 -35.85
C SER B 155 7.79 -8.36 -35.83
N TRP B 156 8.44 -7.72 -34.87
CA TRP B 156 9.87 -7.88 -34.68
C TRP B 156 10.17 -9.21 -33.99
N SER B 157 9.43 -9.45 -32.91
CA SER B 157 9.67 -10.59 -32.03
C SER B 157 8.82 -11.86 -32.19
N TYR B 158 7.80 -11.86 -33.07
CA TYR B 158 6.87 -13.00 -33.20
C TYR B 158 6.80 -13.55 -34.62
N GLY B 159 6.69 -14.87 -34.71
CA GLY B 159 6.53 -15.55 -35.97
C GLY B 159 5.10 -15.81 -36.39
N GLY B 160 4.94 -16.48 -37.52
CA GLY B 160 3.67 -16.61 -38.18
C GLY B 160 2.67 -17.48 -37.46
N TRP B 161 3.15 -18.36 -36.60
CA TRP B 161 2.25 -19.21 -35.82
C TRP B 161 1.66 -18.52 -34.57
N GLU B 162 2.33 -17.46 -34.12
CA GLU B 162 1.87 -16.62 -33.01
C GLU B 162 1.12 -15.37 -33.47
N ILE B 163 1.77 -14.53 -34.27
CA ILE B 163 1.10 -13.39 -34.87
C ILE B 163 0.91 -13.56 -36.39
N ASP B 164 -0.33 -13.47 -36.83
CA ASP B 164 -0.62 -13.65 -38.23
C ASP B 164 -0.93 -12.31 -38.87
N LEU B 165 -0.07 -11.88 -39.80
CA LEU B 165 -0.26 -10.61 -40.48
C LEU B 165 -1.15 -10.78 -41.69
N LYS B 166 -2.14 -9.91 -41.80
CA LYS B 166 -3.01 -9.91 -42.96
C LYS B 166 -3.14 -8.47 -43.37
N THR B 167 -3.67 -8.22 -44.56
CA THR B 167 -3.74 -6.85 -45.03
C THR B 167 -5.11 -6.59 -45.61
N ASP B 168 -5.56 -5.34 -45.48
CA ASP B 168 -6.90 -4.94 -45.92
CA ASP B 168 -6.91 -4.99 -45.90
C ASP B 168 -7.14 -5.10 -47.42
N THR B 169 -6.28 -4.47 -48.21
CA THR B 169 -6.38 -4.34 -49.65
C THR B 169 -4.99 -4.58 -50.20
N ASP B 170 -4.82 -4.69 -51.51
CA ASP B 170 -3.45 -4.54 -52.00
C ASP B 170 -3.22 -3.09 -52.41
N GLN B 171 -4.25 -2.28 -52.24
CA GLN B 171 -4.16 -0.88 -52.61
C GLN B 171 -4.07 0.02 -51.39
N VAL B 172 -2.95 0.74 -51.33
CA VAL B 172 -2.63 1.67 -50.27
C VAL B 172 -3.47 2.90 -50.51
N ASP B 173 -4.12 3.43 -49.48
CA ASP B 173 -5.08 4.50 -49.66
C ASP B 173 -4.33 5.80 -49.95
N LEU B 174 -4.56 6.37 -51.12
CA LEU B 174 -3.99 7.66 -51.48
C LEU B 174 -4.96 8.84 -51.33
N SER B 175 -6.18 8.58 -50.87
CA SER B 175 -7.21 9.62 -50.85
C SER B 175 -6.88 10.84 -49.99
N SER B 176 -6.05 10.65 -48.97
CA SER B 176 -5.60 11.72 -48.07
C SER B 176 -4.22 12.32 -48.38
N TYR B 177 -3.58 11.84 -49.43
CA TYR B 177 -2.24 12.28 -49.76
C TYR B 177 -2.24 13.76 -50.13
N TYR B 178 -1.13 14.41 -49.82
CA TYR B 178 -1.05 15.85 -49.93
C TYR B 178 -0.80 16.27 -51.36
N ALA B 179 -1.72 17.10 -51.86
CA ALA B 179 -1.74 17.55 -53.26
C ALA B 179 -0.50 18.34 -53.67
N SER B 180 0.02 19.13 -52.73
CA SER B 180 1.14 20.06 -52.98
C SER B 180 2.54 19.53 -52.63
N SER B 181 2.62 18.25 -52.30
CA SER B 181 3.88 17.61 -51.99
C SER B 181 4.90 17.77 -53.11
N LYS B 182 6.18 17.88 -52.74
CA LYS B 182 7.26 17.96 -53.70
C LYS B 182 7.27 16.71 -54.55
N TYR B 183 6.53 15.69 -54.12
CA TYR B 183 6.50 14.45 -54.86
C TYR B 183 5.08 13.96 -55.15
N GLU B 184 4.88 13.46 -56.36
CA GLU B 184 3.63 12.81 -56.71
C GLU B 184 3.83 11.30 -56.68
N ILE B 185 2.75 10.60 -56.34
CA ILE B 185 2.75 9.15 -56.22
C ILE B 185 2.17 8.49 -57.48
N LEU B 186 3.00 7.71 -58.16
CA LEU B 186 2.59 6.98 -59.34
C LEU B 186 1.80 5.74 -58.94
N SER B 187 2.33 4.98 -58.00
CA SER B 187 1.61 3.86 -57.43
C SER B 187 2.07 3.57 -56.01
N ALA B 188 1.14 3.10 -55.19
CA ALA B 188 1.48 2.60 -53.86
C ALA B 188 0.66 1.33 -53.60
N THR B 189 1.36 0.24 -53.29
CA THR B 189 0.66 -0.99 -53.01
C THR B 189 1.17 -1.62 -51.70
N GLN B 190 0.29 -2.36 -51.01
CA GLN B 190 0.65 -3.04 -49.79
C GLN B 190 0.35 -4.52 -49.91
N THR B 191 1.39 -5.33 -49.90
CA THR B 191 1.28 -6.76 -50.18
C THR B 191 1.70 -7.63 -49.00
N ARG B 192 0.89 -8.62 -48.64
CA ARG B 192 1.29 -9.56 -47.61
C ARG B 192 2.26 -10.56 -48.21
N SER B 193 3.19 -11.06 -47.42
CA SER B 193 4.17 -12.01 -47.92
C SER B 193 4.67 -12.84 -46.79
N GLU B 194 5.24 -13.99 -47.12
CA GLU B 194 5.85 -14.82 -46.09
C GLU B 194 7.13 -15.50 -46.51
N ARG B 195 8.03 -15.66 -45.55
CA ARG B 195 9.38 -16.15 -45.80
C ARG B 195 9.59 -17.44 -45.05
N PHE B 196 10.60 -18.20 -45.45
CA PHE B 196 11.04 -19.30 -44.62
C PHE B 196 12.55 -19.25 -44.36
N TYR B 197 12.96 -19.76 -43.21
CA TYR B 197 14.37 -19.72 -42.81
C TYR B 197 14.98 -21.12 -42.67
N GLU B 198 16.27 -21.23 -42.98
CA GLU B 198 16.97 -22.49 -42.87
C GLU B 198 16.61 -23.04 -41.51
N CYS B 199 16.56 -22.15 -40.53
CA CYS B 199 16.23 -22.53 -39.18
C CYS B 199 14.90 -23.32 -39.06
N CYS B 200 13.80 -22.78 -39.58
CA CYS B 200 12.49 -23.25 -39.10
C CYS B 200 11.35 -23.43 -40.10
N LYS B 201 10.38 -24.24 -39.68
CA LYS B 201 9.15 -24.48 -40.42
C LYS B 201 8.16 -23.34 -40.25
N GLU B 202 8.21 -22.65 -39.11
CA GLU B 202 7.33 -21.51 -38.87
C GLU B 202 7.58 -20.37 -39.85
N PRO B 203 6.53 -19.98 -40.61
CA PRO B 203 6.58 -18.91 -41.61
C PRO B 203 6.69 -17.52 -40.98
N TYR B 204 7.33 -16.58 -41.66
CA TYR B 204 7.35 -15.21 -41.17
C TYR B 204 6.68 -14.27 -42.16
N PRO B 205 5.49 -13.76 -41.78
CA PRO B 205 4.81 -12.73 -42.54
C PRO B 205 5.36 -11.32 -42.32
N ASP B 206 5.40 -10.55 -43.40
CA ASP B 206 5.53 -9.11 -43.38
C ASP B 206 4.57 -8.51 -44.40
N VAL B 207 4.32 -7.21 -44.34
CA VAL B 207 3.55 -6.53 -45.38
C VAL B 207 4.53 -5.62 -46.13
N ASN B 208 4.59 -5.77 -47.44
CA ASN B 208 5.53 -5.01 -48.24
C ASN B 208 4.85 -3.77 -48.81
N LEU B 209 5.27 -2.60 -48.37
CA LEU B 209 4.77 -1.33 -48.90
C LEU B 209 5.73 -0.87 -49.99
N VAL B 210 5.21 -0.74 -51.21
CA VAL B 210 6.06 -0.38 -52.34
C VAL B 210 5.53 0.92 -52.92
N VAL B 211 6.39 1.93 -52.92
CA VAL B 211 5.97 3.24 -53.40
C VAL B 211 6.75 3.72 -54.61
N LYS B 212 6.00 4.15 -55.61
CA LYS B 212 6.57 4.68 -56.84
C LYS B 212 6.17 6.14 -56.86
N PHE B 213 7.16 7.02 -56.99
CA PHE B 213 6.93 8.45 -56.89
C PHE B 213 7.94 9.16 -57.76
N ARG B 214 7.67 10.42 -58.07
CA ARG B 214 8.60 11.26 -58.82
C ARG B 214 8.34 12.70 -58.44
N GLU B 215 9.33 13.55 -58.66
CA GLU B 215 9.13 14.95 -58.32
C GLU B 215 7.91 15.44 -59.07
N ARG B 216 6.98 16.01 -58.32
CA ARG B 216 5.85 16.65 -58.93
C ARG B 216 6.41 17.84 -59.69
N ARG B 217 5.70 18.28 -60.71
CA ARG B 217 5.98 19.58 -61.33
C ARG B 217 4.89 20.02 -62.30
N LYS C 3 -4.02 36.00 12.26
CA LYS C 3 -4.57 37.32 12.06
C LYS C 3 -4.80 37.61 10.57
N ASP C 4 -3.88 38.36 9.98
CA ASP C 4 -3.77 38.54 8.54
C ASP C 4 -3.31 37.21 7.95
N ASP C 5 -2.43 36.54 8.68
CA ASP C 5 -1.84 35.27 8.25
CA ASP C 5 -1.86 35.25 8.24
C ASP C 5 -2.81 34.11 8.49
N ASP C 6 -3.81 34.32 9.33
CA ASP C 6 -4.80 33.28 9.50
C ASP C 6 -5.54 33.11 8.19
N ASP C 7 -6.01 34.22 7.61
CA ASP C 7 -6.71 34.21 6.33
C ASP C 7 -5.88 33.51 5.28
N LYS C 8 -4.59 33.74 5.33
CA LYS C 8 -3.63 33.09 4.43
C LYS C 8 -3.75 31.56 4.50
N LEU C 9 -3.75 31.02 5.71
CA LEU C 9 -3.83 29.60 5.87
C LEU C 9 -5.12 29.02 5.40
N HIS C 10 -6.21 29.64 5.78
CA HIS C 10 -7.51 29.17 5.37
C HIS C 10 -7.54 29.17 3.85
N SER C 11 -6.89 30.16 3.24
CA SER C 11 -6.77 30.23 1.78
C SER C 11 -6.11 28.99 1.21
N GLN C 12 -4.91 28.68 1.73
CA GLN C 12 -4.16 27.52 1.28
C GLN C 12 -4.92 26.22 1.53
N ALA C 13 -5.36 26.03 2.77
CA ALA C 13 -6.14 24.84 3.16
C ALA C 13 -7.38 24.62 2.31
N ASN C 14 -8.15 25.69 2.10
CA ASN C 14 -9.34 25.63 1.27
C ASN C 14 -9.11 25.05 -0.11
N LEU C 15 -8.09 25.54 -0.81
CA LEU C 15 -7.79 25.12 -2.16
C LEU C 15 -7.19 23.72 -2.23
N MET C 16 -6.45 23.33 -1.19
CA MET C 16 -5.94 21.97 -1.12
C MET C 16 -7.13 21.02 -0.92
N ARG C 17 -8.12 21.49 -0.18
CA ARG C 17 -9.32 20.71 0.06
C ARG C 17 -10.18 20.60 -1.19
N LEU C 18 -10.31 21.70 -1.94
CA LEU C 18 -11.07 21.68 -3.19
C LEU C 18 -10.45 20.71 -4.18
N LYS C 19 -9.14 20.78 -4.36
CA LYS C 19 -8.46 19.94 -5.32
C LYS C 19 -8.51 18.49 -4.88
N SER C 20 -8.58 18.27 -3.57
CA SER C 20 -8.69 16.92 -3.06
C SER C 20 -10.07 16.30 -3.36
N ASP C 21 -11.13 17.08 -3.25
CA ASP C 21 -12.48 16.59 -3.55
C ASP C 21 -12.69 16.23 -5.02
N LEU C 22 -12.10 17.04 -5.90
CA LEU C 22 -12.24 16.86 -7.34
C LEU C 22 -11.35 15.73 -7.89
N PHE C 23 -10.12 15.66 -7.39
CA PHE C 23 -9.05 14.81 -7.96
C PHE C 23 -8.57 13.55 -7.25
N ASN C 24 -8.35 13.67 -5.95
CA ASN C 24 -8.03 12.53 -5.09
C ASN C 24 -9.29 11.80 -4.56
N ARG C 25 -10.36 12.55 -4.32
CA ARG C 25 -11.65 11.96 -3.92
C ARG C 25 -12.47 11.41 -5.09
N SER C 26 -12.41 12.08 -6.24
CA SER C 26 -13.15 11.61 -7.40
C SER C 26 -12.19 11.16 -8.50
N PRO C 27 -12.59 10.16 -9.29
CA PRO C 27 -11.78 9.56 -10.36
C PRO C 27 -11.69 10.49 -11.56
N MET C 28 -10.53 10.56 -12.21
CA MET C 28 -10.43 11.44 -13.38
C MET C 28 -11.53 11.03 -14.36
N TYR C 29 -12.12 12.05 -14.98
CA TYR C 29 -13.21 11.90 -15.93
C TYR C 29 -12.82 10.95 -17.09
N PRO C 30 -13.70 10.00 -17.42
CA PRO C 30 -13.50 8.88 -18.37
C PRO C 30 -13.40 9.32 -19.83
N GLY C 31 -13.81 10.55 -20.12
CA GLY C 31 -13.86 11.05 -21.47
C GLY C 31 -15.28 11.19 -21.95
N PRO C 32 -15.51 12.00 -22.99
CA PRO C 32 -16.87 12.18 -23.47
C PRO C 32 -17.34 10.89 -24.08
N THR C 33 -18.64 10.78 -24.22
CA THR C 33 -19.29 9.62 -24.82
C THR C 33 -20.42 10.13 -25.69
N LYS C 34 -20.98 9.25 -26.51
CA LYS C 34 -22.17 9.56 -27.30
C LYS C 34 -23.32 9.95 -26.36
N ASP C 35 -23.34 9.35 -25.17
CA ASP C 35 -24.35 9.67 -24.15
C ASP C 35 -23.96 10.85 -23.24
N ASP C 36 -22.70 11.26 -23.31
CA ASP C 36 -22.24 12.40 -22.52
C ASP C 36 -21.26 13.16 -23.39
N PRO C 37 -21.76 13.87 -24.43
CA PRO C 37 -20.85 14.47 -25.39
C PRO C 37 -20.34 15.78 -24.86
N LEU C 38 -19.44 16.41 -25.59
CA LEU C 38 -18.73 17.56 -25.07
C LEU C 38 -18.37 18.48 -26.21
N THR C 39 -18.40 19.79 -25.95
CA THR C 39 -17.93 20.75 -26.95
C THR C 39 -16.64 21.44 -26.52
N VAL C 40 -15.63 21.36 -27.38
CA VAL C 40 -14.37 22.06 -27.19
C VAL C 40 -14.35 23.23 -28.16
N TYR C 41 -14.01 24.41 -27.65
CA TYR C 41 -13.79 25.58 -28.51
C TYR C 41 -12.32 25.78 -28.80
N LEU C 42 -11.99 25.98 -30.08
CA LEU C 42 -10.63 26.34 -30.47
C LEU C 42 -10.52 27.78 -30.94
N SER C 43 -9.40 28.40 -30.63
CA SER C 43 -9.16 29.78 -30.98
C SER C 43 -7.66 29.87 -31.26
N PHE C 44 -7.25 30.59 -32.31
CA PHE C 44 -5.83 30.69 -32.62
C PHE C 44 -5.31 32.11 -32.56
N SER C 45 -4.12 32.26 -32.00
CA SER C 45 -3.42 33.53 -31.95
C SER C 45 -2.07 33.26 -32.57
N LEU C 46 -1.82 33.86 -33.73
CA LEU C 46 -0.64 33.59 -34.52
C LEU C 46 0.54 34.52 -34.14
N LEU C 47 1.73 33.94 -34.08
CA LEU C 47 2.89 34.55 -33.44
C LEU C 47 4.05 34.80 -34.39
N ASP C 48 4.57 33.72 -34.96
CA ASP C 48 5.64 33.82 -35.92
C ASP C 48 5.52 32.73 -36.97
N ILE C 49 5.66 33.09 -38.25
CA ILE C 49 6.03 32.07 -39.21
C ILE C 49 7.55 32.13 -39.24
N VAL C 50 8.17 31.09 -38.69
CA VAL C 50 9.61 31.07 -38.50
C VAL C 50 10.40 30.72 -39.76
N LYS C 51 9.95 29.68 -40.45
CA LYS C 51 10.67 29.18 -41.59
C LYS C 51 9.73 28.60 -42.65
N ALA C 52 9.99 28.88 -43.92
CA ALA C 52 9.24 28.25 -45.01
C ALA C 52 10.20 27.44 -45.86
N ASP C 53 9.97 26.13 -45.97
CA ASP C 53 10.95 25.27 -46.62
C ASP C 53 10.45 24.82 -47.98
N SER C 54 11.05 25.36 -49.04
CA SER C 54 10.61 25.13 -50.39
C SER C 54 11.26 23.89 -51.01
N SER C 55 12.26 23.33 -50.34
CA SER C 55 12.81 22.04 -50.74
C SER C 55 11.97 20.85 -50.28
N THR C 56 11.54 20.89 -49.03
CA THR C 56 10.65 19.85 -48.49
C THR C 56 9.16 20.22 -48.42
N ASN C 57 8.80 21.43 -48.83
CA ASN C 57 7.44 21.95 -48.66
C ASN C 57 6.85 21.75 -47.26
N GLU C 58 7.61 22.10 -46.23
CA GLU C 58 7.10 22.15 -44.85
C GLU C 58 7.26 23.58 -44.37
N VAL C 59 6.33 24.06 -43.54
CA VAL C 59 6.48 25.36 -42.89
C VAL C 59 6.53 25.23 -41.37
N ASP C 60 7.28 26.12 -40.71
CA ASP C 60 7.37 26.14 -39.25
C ASP C 60 6.64 27.34 -38.66
N LEU C 61 5.71 27.07 -37.77
CA LEU C 61 4.83 28.08 -37.24
C LEU C 61 4.82 28.10 -35.74
N VAL C 62 4.70 29.27 -35.16
CA VAL C 62 4.56 29.41 -33.72
C VAL C 62 3.23 30.07 -33.41
N TYR C 63 2.44 29.45 -32.53
CA TYR C 63 1.18 30.07 -32.14
C TYR C 63 0.75 29.68 -30.74
N TRP C 64 -0.32 30.32 -30.30
CA TRP C 64 -1.01 29.95 -29.08
C TRP C 64 -2.31 29.35 -29.57
N GLU C 65 -2.74 28.28 -28.92
CA GLU C 65 -3.96 27.61 -29.25
C GLU C 65 -4.77 27.60 -27.98
N GLN C 66 -5.88 28.30 -27.98
CA GLN C 66 -6.76 28.35 -26.82
C GLN C 66 -7.77 27.23 -26.92
N GLN C 67 -7.87 26.44 -25.86
CA GLN C 67 -8.82 25.34 -25.82
C GLN C 67 -9.71 25.50 -24.61
N SER C 68 -11.00 25.35 -24.79
CA SER C 68 -11.86 25.32 -23.62
C SER C 68 -13.02 24.35 -23.75
N TRP C 69 -13.41 23.79 -22.63
CA TRP C 69 -14.55 22.94 -22.58
C TRP C 69 -15.16 23.11 -21.22
N LYS C 70 -16.26 22.42 -20.97
CA LYS C 70 -16.87 22.47 -19.66
C LYS C 70 -17.19 21.07 -19.20
N LEU C 71 -16.93 20.80 -17.93
CA LEU C 71 -17.31 19.52 -17.35
C LEU C 71 -18.15 19.78 -16.11
N ASN C 72 -19.29 19.11 -16.01
CA ASN C 72 -20.09 19.23 -14.80
C ASN C 72 -19.28 18.74 -13.60
N SER C 73 -18.48 17.71 -13.81
CA SER C 73 -17.71 17.09 -12.73
C SER C 73 -16.68 18.01 -12.13
N LEU C 74 -16.39 19.11 -12.81
CA LEU C 74 -15.45 20.14 -12.36
C LEU C 74 -16.07 21.36 -11.63
N MET C 75 -17.38 21.36 -11.44
CA MET C 75 -18.04 22.45 -10.70
C MET C 75 -17.88 22.36 -9.19
N TRP C 76 -18.04 23.51 -8.54
CA TRP C 76 -18.18 23.56 -7.11
C TRP C 76 -18.87 24.86 -6.70
N ASP C 77 -19.38 24.88 -5.47
CA ASP C 77 -19.97 26.08 -4.90
C ASP C 77 -18.85 26.84 -4.21
N PRO C 78 -18.50 28.02 -4.70
CA PRO C 78 -17.46 28.82 -4.07
C PRO C 78 -17.72 29.09 -2.59
N ASN C 79 -18.97 29.02 -2.13
CA ASN C 79 -19.28 29.25 -0.70
C ASN C 79 -18.69 28.19 0.23
N GLU C 80 -18.73 26.94 -0.22
CA GLU C 80 -18.30 25.82 0.60
C GLU C 80 -16.77 25.78 0.72
N TYR C 81 -16.12 26.74 0.09
CA TYR C 81 -14.72 26.56 -0.33
C TYR C 81 -13.96 27.89 -0.28
N GLY C 82 -14.45 28.82 0.54
CA GLY C 82 -13.73 30.04 0.81
C GLY C 82 -13.94 31.09 -0.28
N ASN C 83 -15.01 30.92 -1.05
CA ASN C 83 -15.22 31.71 -2.26
C ASN C 83 -14.04 31.66 -3.24
N ILE C 84 -13.39 30.50 -3.38
CA ILE C 84 -12.49 30.32 -4.52
C ILE C 84 -13.37 30.19 -5.76
N THR C 85 -13.19 31.08 -6.74
CA THR C 85 -13.91 30.95 -8.01
C THR C 85 -13.16 30.23 -9.14
N ASP C 86 -11.86 30.02 -8.97
CA ASP C 86 -11.04 29.25 -9.90
C ASP C 86 -9.65 28.98 -9.34
N PHE C 87 -8.87 28.19 -10.08
CA PHE C 87 -7.51 27.88 -9.70
C PHE C 87 -6.70 27.39 -10.91
N ARG C 88 -5.37 27.49 -10.83
CA ARG C 88 -4.49 27.00 -11.88
C ARG C 88 -4.11 25.57 -11.56
N THR C 89 -3.96 24.71 -12.55
CA THR C 89 -3.44 23.38 -12.25
C THR C 89 -2.62 22.82 -13.38
N SER C 90 -1.83 21.79 -13.10
CA SER C 90 -1.14 21.08 -14.17
C SER C 90 -2.18 20.40 -15.05
N ALA C 91 -1.94 20.36 -16.36
CA ALA C 91 -2.91 19.77 -17.26
C ALA C 91 -2.79 18.25 -17.32
N ALA C 92 -1.85 17.71 -16.56
CA ALA C 92 -1.71 16.27 -16.48
C ALA C 92 -2.69 15.73 -15.45
N ASP C 93 -3.23 16.62 -14.62
CA ASP C 93 -4.12 16.21 -13.55
C ASP C 93 -5.57 16.22 -13.97
N ILE C 94 -5.84 16.81 -15.13
CA ILE C 94 -7.19 16.75 -15.67
C ILE C 94 -7.23 16.11 -17.02
N TRP C 95 -8.45 15.97 -17.49
CA TRP C 95 -8.66 15.42 -18.79
C TRP C 95 -8.38 16.53 -19.81
N THR C 96 -7.75 16.15 -20.91
CA THR C 96 -7.56 17.10 -21.98
C THR C 96 -8.00 16.41 -23.25
N PRO C 97 -8.62 17.18 -24.16
CA PRO C 97 -9.06 16.65 -25.46
C PRO C 97 -7.86 16.23 -26.29
N ASP C 98 -8.00 15.28 -27.21
CA ASP C 98 -6.85 14.92 -28.01
C ASP C 98 -7.08 15.78 -29.23
N ILE C 99 -6.25 16.80 -29.45
CA ILE C 99 -6.51 17.63 -30.62
C ILE C 99 -5.21 17.73 -31.34
N THR C 100 -5.21 17.41 -32.62
CA THR C 100 -4.00 17.26 -33.41
C THR C 100 -4.12 18.09 -34.69
N ALA C 101 -3.01 18.65 -35.14
CA ALA C 101 -2.89 19.14 -36.50
C ALA C 101 -2.79 17.88 -37.32
N TYR C 102 -3.58 17.78 -38.39
CA TYR C 102 -3.68 16.57 -39.18
C TYR C 102 -2.52 16.46 -40.14
N SER C 103 -2.05 17.61 -40.60
CA SER C 103 -0.97 17.71 -41.58
C SER C 103 0.44 17.90 -40.98
N SER C 104 0.57 17.79 -39.65
CA SER C 104 1.89 17.88 -39.04
C SER C 104 2.91 16.89 -39.64
N THR C 105 4.09 17.40 -40.01
CA THR C 105 5.20 16.56 -40.50
C THR C 105 6.26 16.22 -39.48
N ARG C 106 6.14 16.82 -38.28
CA ARG C 106 7.05 16.57 -37.17
CA ARG C 106 7.06 16.58 -37.17
C ARG C 106 6.30 16.77 -35.86
N PRO C 107 6.70 16.05 -34.78
CA PRO C 107 5.94 16.16 -33.53
C PRO C 107 5.86 17.59 -33.00
N VAL C 108 4.66 18.00 -32.59
CA VAL C 108 4.48 19.36 -32.11
C VAL C 108 5.37 19.56 -30.89
N GLN C 109 6.03 20.72 -30.83
CA GLN C 109 6.79 21.09 -29.65
C GLN C 109 6.03 22.15 -28.84
N VAL C 110 6.05 21.97 -27.53
CA VAL C 110 5.39 22.91 -26.64
C VAL C 110 6.39 23.93 -26.10
N LEU C 111 6.05 25.19 -26.25
CA LEU C 111 6.90 26.32 -25.83
C LEU C 111 6.48 26.93 -24.49
N SER C 112 5.43 26.39 -23.88
CA SER C 112 4.99 26.90 -22.59
C SER C 112 4.75 25.80 -21.58
N PRO C 113 4.43 26.22 -20.38
CA PRO C 113 4.09 25.34 -19.30
C PRO C 113 2.72 24.82 -19.55
N GLN C 114 2.54 23.54 -19.34
CA GLN C 114 1.25 22.97 -19.55
C GLN C 114 0.55 23.05 -18.22
N ASN C 115 -0.19 24.11 -18.03
CA ASN C 115 -0.99 24.30 -16.86
C ASN C 115 -2.27 24.83 -17.38
N ALA C 116 -3.37 24.53 -16.72
CA ALA C 116 -4.66 24.97 -17.17
C ALA C 116 -5.43 25.62 -16.08
N LEU C 117 -6.40 26.45 -16.45
CA LEU C 117 -7.23 27.16 -15.47
C LEU C 117 -8.66 26.61 -15.43
N VAL C 118 -9.04 26.38 -14.22
CA VAL C 118 -10.36 25.79 -14.00
C VAL C 118 -11.29 26.71 -13.18
N ASN C 119 -12.51 26.83 -13.51
CA ASN C 119 -13.41 27.70 -12.73
C ASN C 119 -14.74 27.04 -12.31
N SER C 120 -15.38 27.60 -11.31
CA SER C 120 -16.42 26.97 -10.49
C SER C 120 -17.63 26.53 -11.28
N SER C 121 -17.84 27.20 -12.42
CA SER C 121 -18.86 26.83 -13.40
C SER C 121 -18.54 25.49 -14.09
N GLY C 122 -17.28 25.09 -14.01
CA GLY C 122 -16.82 23.87 -14.66
C GLY C 122 -15.98 24.11 -15.90
N HIS C 123 -15.81 25.35 -16.32
CA HIS C 123 -15.13 25.66 -17.54
C HIS C 123 -13.64 25.42 -17.39
N VAL C 124 -13.04 24.83 -18.41
CA VAL C 124 -11.61 24.66 -18.41
C VAL C 124 -11.00 25.42 -19.57
N GLN C 125 -9.88 26.07 -19.31
CA GLN C 125 -9.24 26.88 -20.31
C GLN C 125 -7.76 26.53 -20.37
N TYR C 126 -7.31 26.04 -21.52
CA TYR C 126 -5.95 25.56 -21.68
C TYR C 126 -5.33 26.24 -22.90
N LEU C 127 -4.13 26.78 -22.76
CA LEU C 127 -3.56 27.59 -23.84
C LEU C 127 -2.04 27.42 -24.06
N PRO C 128 -1.63 26.31 -24.68
CA PRO C 128 -0.21 26.11 -24.97
C PRO C 128 0.34 26.89 -26.17
N ALA C 129 1.59 27.31 -26.05
CA ALA C 129 2.34 27.81 -27.18
C ALA C 129 2.95 26.59 -27.84
N GLN C 130 2.90 26.52 -29.16
CA GLN C 130 3.49 25.39 -29.86
C GLN C 130 4.27 25.80 -31.08
N ARG C 131 5.23 24.97 -31.49
CA ARG C 131 5.85 25.16 -32.78
C ARG C 131 5.55 23.94 -33.60
N LEU C 132 4.96 24.17 -34.77
CA LEU C 132 4.48 23.14 -35.66
C LEU C 132 5.13 23.16 -37.03
N SER C 133 5.73 22.06 -37.42
CA SER C 133 6.04 21.80 -38.84
C SER C 133 4.86 21.12 -39.54
N PHE C 134 4.35 21.72 -40.61
CA PHE C 134 3.21 21.12 -41.28
C PHE C 134 3.33 21.22 -42.80
N MET C 135 2.52 20.46 -43.53
CA MET C 135 2.69 20.42 -44.97
C MET C 135 2.11 21.67 -45.63
N CYS C 136 3.00 22.42 -46.26
CA CYS C 136 2.63 23.61 -47.03
C CYS C 136 3.63 23.87 -48.16
N ASP C 137 3.10 24.32 -49.30
CA ASP C 137 3.94 24.69 -50.43
C ASP C 137 4.01 26.21 -50.49
N PRO C 138 5.21 26.75 -50.22
CA PRO C 138 5.41 28.19 -50.10
C PRO C 138 5.45 28.99 -51.41
N THR C 139 5.09 28.34 -52.51
CA THR C 139 5.17 28.96 -53.81
C THR C 139 4.57 30.33 -54.00
N GLY C 140 5.32 31.21 -54.65
CA GLY C 140 4.86 32.57 -54.86
C GLY C 140 4.74 33.30 -53.53
N VAL C 141 5.55 32.88 -52.56
CA VAL C 141 5.77 33.64 -51.35
C VAL C 141 6.65 34.83 -51.72
N ASP C 142 7.32 34.72 -52.88
CA ASP C 142 8.09 35.77 -53.54
C ASP C 142 7.17 36.84 -54.11
N SER C 143 6.05 36.39 -54.65
CA SER C 143 5.08 37.28 -55.24
C SER C 143 4.61 38.26 -54.21
N GLU C 144 4.22 39.45 -54.65
CA GLU C 144 3.58 40.39 -53.76
C GLU C 144 2.26 39.75 -53.30
N GLU C 145 1.82 38.72 -54.03
CA GLU C 145 0.54 38.05 -53.76
C GLU C 145 0.59 36.91 -52.72
N GLY C 146 1.79 36.44 -52.38
CA GLY C 146 1.96 35.51 -51.27
C GLY C 146 1.64 34.05 -51.53
N ALA C 147 1.87 33.22 -50.51
CA ALA C 147 1.46 31.83 -50.59
C ALA C 147 0.20 31.63 -49.77
N THR C 148 -0.37 30.43 -49.83
CA THR C 148 -1.53 30.09 -49.01
C THR C 148 -1.38 28.68 -48.50
N CYS C 149 -1.58 28.52 -47.21
CA CYS C 149 -1.52 27.21 -46.60
C CYS C 149 -2.65 27.01 -45.63
N ALA C 150 -2.95 25.75 -45.38
CA ALA C 150 -3.94 25.41 -44.39
C ALA C 150 -3.55 24.15 -43.64
N VAL C 151 -4.02 24.07 -42.41
CA VAL C 151 -3.76 22.92 -41.57
C VAL C 151 -5.05 22.64 -40.81
N LYS C 152 -5.42 21.37 -40.72
CA LYS C 152 -6.63 20.96 -40.02
CA LYS C 152 -6.62 20.96 -40.00
C LYS C 152 -6.34 20.53 -38.58
N PHE C 153 -7.26 20.88 -37.68
CA PHE C 153 -7.19 20.45 -36.29
C PHE C 153 -8.50 19.78 -35.91
N GLY C 154 -8.44 18.64 -35.25
CA GLY C 154 -9.64 18.03 -34.71
C GLY C 154 -9.30 16.96 -33.69
N SER C 155 -10.29 16.24 -33.19
CA SER C 155 -9.92 15.12 -32.33
C SER C 155 -9.30 14.05 -33.20
N TRP C 156 -8.35 13.32 -32.64
CA TRP C 156 -7.78 12.20 -33.35
C TRP C 156 -8.66 10.95 -33.26
N SER C 157 -9.09 10.63 -32.04
CA SER C 157 -9.90 9.44 -31.78
C SER C 157 -11.43 9.62 -31.64
N TYR C 158 -11.93 10.85 -31.65
CA TYR C 158 -13.33 11.07 -31.34
C TYR C 158 -14.12 11.65 -32.50
N GLY C 159 -15.37 11.19 -32.64
CA GLY C 159 -16.29 11.72 -33.61
C GLY C 159 -17.19 12.80 -33.05
N GLY C 160 -17.99 13.42 -33.92
CA GLY C 160 -18.78 14.59 -33.56
C GLY C 160 -19.86 14.38 -32.52
N TRP C 161 -20.24 13.15 -32.28
CA TRP C 161 -21.27 12.92 -31.30
C TRP C 161 -20.67 12.73 -29.97
N GLU C 162 -19.36 12.76 -29.89
CA GLU C 162 -18.66 12.62 -28.63
C GLU C 162 -17.93 13.88 -28.27
N ILE C 163 -17.33 14.51 -29.26
CA ILE C 163 -16.73 15.80 -29.11
C ILE C 163 -17.05 16.65 -30.29
N ASP C 164 -17.79 17.71 -30.08
CA ASP C 164 -18.15 18.63 -31.15
C ASP C 164 -17.21 19.81 -31.11
N LEU C 165 -16.68 20.20 -32.26
CA LEU C 165 -15.63 21.21 -32.35
C LEU C 165 -16.17 22.54 -32.82
N LYS C 166 -15.84 23.61 -32.11
CA LYS C 166 -16.34 24.94 -32.45
C LYS C 166 -15.28 26.02 -32.31
N THR C 167 -15.58 27.19 -32.84
CA THR C 167 -14.67 28.31 -32.89
C THR C 167 -15.46 29.52 -32.44
N ASP C 168 -14.80 30.42 -31.70
CA ASP C 168 -15.52 31.60 -31.24
CA ASP C 168 -15.41 31.65 -31.19
C ASP C 168 -15.60 32.69 -32.31
N THR C 169 -14.59 32.77 -33.18
CA THR C 169 -14.58 33.73 -34.26
C THR C 169 -13.92 33.06 -35.42
N ASP C 170 -14.31 33.42 -36.64
CA ASP C 170 -13.65 32.87 -37.82
C ASP C 170 -12.39 33.66 -38.12
N GLN C 171 -12.10 34.65 -37.26
CA GLN C 171 -10.89 35.46 -37.37
C GLN C 171 -9.80 34.98 -36.42
N VAL C 172 -8.67 34.57 -36.99
CA VAL C 172 -7.47 34.22 -36.22
C VAL C 172 -6.92 35.48 -35.55
N ASP C 173 -6.46 35.40 -34.31
CA ASP C 173 -5.94 36.59 -33.64
C ASP C 173 -4.52 36.85 -34.10
N LEU C 174 -4.32 38.01 -34.73
CA LEU C 174 -2.99 38.46 -35.18
C LEU C 174 -2.27 39.52 -34.33
N SER C 175 -2.92 40.01 -33.29
CA SER C 175 -2.38 41.14 -32.53
C SER C 175 -1.00 40.87 -31.91
N SER C 176 -0.69 39.61 -31.65
CA SER C 176 0.60 39.25 -31.06
C SER C 176 1.67 38.87 -32.08
N TYR C 177 1.36 39.01 -33.37
CA TYR C 177 2.30 38.62 -34.42
C TYR C 177 3.60 39.40 -34.38
N TYR C 178 4.69 38.71 -34.69
CA TYR C 178 6.01 39.30 -34.55
C TYR C 178 6.25 40.22 -35.72
N ALA C 179 6.47 41.51 -35.43
CA ALA C 179 6.50 42.52 -36.48
C ALA C 179 7.75 42.42 -37.34
N SER C 180 8.81 41.88 -36.79
CA SER C 180 10.09 41.74 -37.49
C SER C 180 10.32 40.38 -38.18
N SER C 181 9.29 39.54 -38.19
CA SER C 181 9.33 38.23 -38.85
C SER C 181 9.67 38.28 -40.33
N LYS C 182 10.37 37.24 -40.79
CA LYS C 182 10.74 37.10 -42.19
C LYS C 182 9.54 37.14 -43.09
N TYR C 183 8.38 36.79 -42.56
CA TYR C 183 7.18 36.71 -43.39
C TYR C 183 6.08 37.54 -42.78
N GLU C 184 5.24 38.13 -43.62
CA GLU C 184 4.15 38.96 -43.14
C GLU C 184 2.82 38.27 -43.38
N ILE C 185 1.82 38.58 -42.56
CA ILE C 185 0.51 37.91 -42.66
C ILE C 185 -0.52 38.76 -43.44
N LEU C 186 -0.91 38.25 -44.62
CA LEU C 186 -1.95 38.88 -45.43
C LEU C 186 -3.36 38.60 -44.90
N SER C 187 -3.64 37.33 -44.61
CA SER C 187 -4.88 36.97 -43.92
C SER C 187 -4.74 35.68 -43.12
N ALA C 188 -5.48 35.58 -42.02
CA ALA C 188 -5.63 34.31 -41.34
C ALA C 188 -7.05 34.08 -40.85
N THR C 189 -7.59 32.93 -41.23
CA THR C 189 -8.94 32.52 -40.84
C THR C 189 -8.90 31.17 -40.16
N GLN C 190 -9.89 30.95 -39.30
CA GLN C 190 -10.10 29.69 -38.60
C GLN C 190 -11.57 29.29 -38.75
N THR C 191 -11.81 28.17 -39.42
CA THR C 191 -13.16 27.83 -39.89
C THR C 191 -13.54 26.38 -39.61
N ARG C 192 -14.74 26.20 -39.06
CA ARG C 192 -15.25 24.88 -38.71
C ARG C 192 -15.73 24.09 -39.92
N SER C 193 -15.17 22.90 -40.11
CA SER C 193 -15.62 22.02 -41.17
C SER C 193 -16.24 20.75 -40.58
N GLU C 194 -17.12 20.10 -41.32
CA GLU C 194 -17.71 18.83 -40.88
C GLU C 194 -17.63 17.86 -42.02
N ARG C 195 -17.22 16.63 -41.74
CA ARG C 195 -16.95 15.68 -42.80
CA ARG C 195 -16.95 15.68 -42.80
C ARG C 195 -17.56 14.33 -42.53
N PHE C 196 -18.34 13.84 -43.48
CA PHE C 196 -18.97 12.55 -43.36
C PHE C 196 -18.19 11.53 -44.15
N TYR C 197 -18.17 10.32 -43.63
CA TYR C 197 -17.55 9.18 -44.30
C TYR C 197 -18.65 8.15 -44.60
N GLU C 198 -18.41 7.31 -45.59
CA GLU C 198 -19.36 6.23 -45.87
C GLU C 198 -19.51 5.37 -44.63
N CYS C 199 -18.38 5.15 -43.96
CA CYS C 199 -18.34 4.23 -42.83
C CYS C 199 -19.47 4.47 -41.84
N CYS C 200 -19.69 5.72 -41.50
CA CYS C 200 -20.67 6.08 -40.48
C CYS C 200 -21.49 7.34 -40.82
N LYS C 201 -22.62 7.52 -40.12
CA LYS C 201 -23.49 8.66 -40.33
C LYS C 201 -23.15 9.78 -39.33
N GLU C 202 -22.16 9.50 -38.49
CA GLU C 202 -21.65 10.45 -37.52
C GLU C 202 -20.72 11.47 -38.17
N PRO C 203 -20.89 12.76 -37.83
CA PRO C 203 -20.04 13.85 -38.32
C PRO C 203 -18.67 13.84 -37.68
N TYR C 204 -17.64 14.21 -38.43
CA TYR C 204 -16.34 14.45 -37.85
C TYR C 204 -15.95 15.89 -38.04
N PRO C 205 -15.96 16.67 -36.95
CA PRO C 205 -15.60 18.08 -37.02
C PRO C 205 -14.08 18.30 -37.08
N ASP C 206 -13.71 19.44 -37.64
CA ASP C 206 -12.34 19.91 -37.61
C ASP C 206 -12.38 21.41 -37.70
N VAL C 207 -11.32 22.06 -37.24
CA VAL C 207 -11.13 23.47 -37.50
C VAL C 207 -9.98 23.64 -38.50
N ASN C 208 -10.23 24.43 -39.53
CA ASN C 208 -9.25 24.58 -40.58
C ASN C 208 -8.61 25.89 -40.31
N LEU C 209 -7.28 25.92 -40.29
CA LEU C 209 -6.54 27.15 -40.15
C LEU C 209 -5.97 27.48 -41.52
N VAL C 210 -6.41 28.60 -42.09
CA VAL C 210 -5.96 29.00 -43.42
C VAL C 210 -5.18 30.29 -43.34
N VAL C 211 -3.96 30.27 -43.87
CA VAL C 211 -3.05 31.39 -43.70
C VAL C 211 -2.42 31.84 -45.01
N LYS C 212 -2.58 33.12 -45.32
CA LYS C 212 -1.91 33.72 -46.49
C LYS C 212 -0.79 34.72 -46.09
N PHE C 213 0.42 34.39 -46.49
CA PHE C 213 1.59 35.12 -46.07
C PHE C 213 2.55 35.35 -47.25
N ARG C 214 3.43 36.33 -47.11
CA ARG C 214 4.49 36.60 -48.09
C ARG C 214 5.76 37.08 -47.39
N GLU C 215 6.88 37.02 -48.11
CA GLU C 215 8.12 37.56 -47.57
C GLU C 215 7.90 39.02 -47.24
N ARG C 216 8.19 39.38 -46.01
CA ARG C 216 8.00 40.73 -45.55
C ARG C 216 8.92 41.69 -46.22
N ARG C 217 8.39 42.86 -46.52
CA ARG C 217 9.16 43.97 -47.03
C ARG C 217 9.04 45.25 -46.18
N ALA C 218 8.07 45.28 -45.28
CA ALA C 218 7.85 46.46 -44.34
C ALA C 218 7.75 47.82 -45.12
N LYS D 3 32.48 10.05 18.32
CA LYS D 3 33.51 11.08 18.25
C LYS D 3 32.98 12.38 17.66
N ASP D 4 33.74 12.92 16.72
CA ASP D 4 33.34 14.13 16.03
C ASP D 4 32.36 13.74 14.95
N ASP D 5 32.50 12.51 14.47
CA ASP D 5 31.71 12.05 13.34
C ASP D 5 30.38 11.41 13.75
N ASP D 6 30.15 11.25 15.04
CA ASP D 6 28.81 11.00 15.50
C ASP D 6 28.02 12.27 15.15
N ASP D 7 28.68 13.43 15.31
CA ASP D 7 28.10 14.71 14.93
C ASP D 7 27.72 14.72 13.45
N LYS D 8 28.51 14.01 12.64
CA LYS D 8 28.17 13.83 11.23
C LYS D 8 26.84 13.10 11.08
N LEU D 9 26.61 12.09 11.92
CA LEU D 9 25.36 11.36 11.90
C LEU D 9 24.19 12.26 12.25
N HIS D 10 24.28 12.93 13.38
CA HIS D 10 23.15 13.70 13.81
C HIS D 10 22.76 14.71 12.75
N SER D 11 23.75 15.22 12.03
CA SER D 11 23.48 16.22 11.01
C SER D 11 22.76 15.58 9.83
N GLN D 12 23.18 14.38 9.44
CA GLN D 12 22.46 13.65 8.40
C GLN D 12 21.05 13.39 8.86
N ALA D 13 20.92 12.79 10.05
CA ALA D 13 19.62 12.50 10.62
C ALA D 13 18.76 13.76 10.72
N ASN D 14 19.36 14.87 11.15
CA ASN D 14 18.63 16.13 11.27
C ASN D 14 18.13 16.65 9.94
N LEU D 15 18.87 16.39 8.89
CA LEU D 15 18.47 16.87 7.58
C LEU D 15 17.27 16.09 7.13
N MET D 16 17.39 14.76 7.17
CA MET D 16 16.32 13.88 6.76
C MET D 16 15.04 14.32 7.46
N ARG D 17 15.16 14.48 8.77
CA ARG D 17 14.06 14.89 9.62
C ARG D 17 13.43 16.20 9.14
N LEU D 18 14.23 17.20 8.84
CA LEU D 18 13.64 18.44 8.41
C LEU D 18 12.89 18.26 7.12
N LYS D 19 13.50 17.54 6.22
CA LYS D 19 12.85 17.37 4.95
C LYS D 19 11.58 16.61 5.15
N SER D 20 11.61 15.63 6.02
CA SER D 20 10.42 14.87 6.25
C SER D 20 9.37 15.77 6.80
N ASP D 21 9.74 16.66 7.69
CA ASP D 21 8.71 17.46 8.24
C ASP D 21 8.08 18.23 7.14
N LEU D 22 8.90 18.85 6.31
CA LEU D 22 8.46 19.67 5.18
C LEU D 22 7.73 19.10 3.94
N PHE D 23 8.10 17.91 3.49
CA PHE D 23 7.53 17.36 2.25
C PHE D 23 6.61 16.16 2.39
N ASN D 24 6.45 15.71 3.63
CA ASN D 24 5.70 14.49 3.96
C ASN D 24 4.63 14.79 5.00
N ARG D 25 5.06 15.22 6.18
CA ARG D 25 4.18 15.77 7.21
C ARG D 25 3.30 16.85 6.63
N SER D 26 3.84 17.66 5.72
CA SER D 26 3.02 18.70 5.11
C SER D 26 2.87 18.58 3.58
N PRO D 27 1.73 19.05 3.05
CA PRO D 27 1.32 18.90 1.65
C PRO D 27 2.17 19.79 0.78
N MET D 28 2.31 19.46 -0.51
CA MET D 28 3.00 20.39 -1.38
C MET D 28 2.14 21.63 -1.64
N TYR D 29 2.82 22.76 -1.76
CA TYR D 29 2.21 24.06 -1.97
C TYR D 29 1.28 24.09 -3.20
N PRO D 30 0.03 24.51 -3.01
CA PRO D 30 -1.00 24.65 -4.04
C PRO D 30 -0.69 25.76 -5.02
N GLY D 31 0.24 26.62 -4.67
CA GLY D 31 0.61 27.73 -5.52
C GLY D 31 -0.10 28.98 -5.05
N PRO D 32 0.35 30.15 -5.49
CA PRO D 32 -0.23 31.42 -5.03
C PRO D 32 -1.68 31.58 -5.47
N THR D 33 -2.41 32.35 -4.69
CA THR D 33 -3.82 32.61 -4.91
C THR D 33 -3.99 34.10 -4.74
N LYS D 34 -5.16 34.62 -5.12
CA LYS D 34 -5.44 36.04 -4.90
C LYS D 34 -5.25 36.41 -3.42
N ASP D 35 -5.53 35.44 -2.52
CA ASP D 35 -5.47 35.66 -1.08
C ASP D 35 -4.14 35.25 -0.50
N ASP D 36 -3.27 34.76 -1.37
CA ASP D 36 -1.91 34.44 -0.98
C ASP D 36 -0.99 34.87 -2.13
N PRO D 37 -0.92 36.18 -2.40
CA PRO D 37 -0.06 36.62 -3.49
C PRO D 37 1.38 36.27 -3.17
N LEU D 38 2.20 36.13 -4.21
CA LEU D 38 3.59 35.75 -4.05
C LEU D 38 4.46 36.64 -4.92
N THR D 39 5.66 36.96 -4.44
CA THR D 39 6.58 37.77 -5.21
C THR D 39 7.73 36.91 -5.69
N VAL D 40 8.02 36.98 -6.97
CA VAL D 40 9.13 36.24 -7.53
C VAL D 40 10.16 37.21 -8.05
N TYR D 41 11.39 37.06 -7.60
CA TYR D 41 12.46 37.93 -8.06
C TYR D 41 13.20 37.28 -9.20
N LEU D 42 13.38 38.06 -10.26
CA LEU D 42 13.94 37.55 -11.50
C LEU D 42 15.12 38.41 -11.92
N SER D 43 16.23 37.75 -12.23
CA SER D 43 17.45 38.43 -12.60
C SER D 43 18.20 37.61 -13.64
N PHE D 44 18.84 38.27 -14.60
CA PHE D 44 19.53 37.55 -15.68
C PHE D 44 21.04 37.79 -15.71
N SER D 45 21.78 36.72 -15.98
CA SER D 45 23.19 36.81 -16.30
C SER D 45 23.41 36.14 -17.64
N LEU D 46 23.96 36.89 -18.58
CA LEU D 46 24.06 36.42 -19.95
C LEU D 46 25.43 35.83 -20.30
N LEU D 47 25.47 34.52 -20.52
CA LEU D 47 26.71 33.81 -20.88
C LEU D 47 27.17 33.88 -22.32
N ASP D 48 26.29 33.66 -23.27
CA ASP D 48 26.72 33.69 -24.65
C ASP D 48 25.58 33.99 -25.64
N ILE D 49 25.88 34.70 -26.73
CA ILE D 49 24.98 34.70 -27.86
C ILE D 49 25.64 33.75 -28.83
N VAL D 50 25.05 32.56 -29.01
CA VAL D 50 25.70 31.52 -29.77
C VAL D 50 25.52 31.73 -31.27
N LYS D 51 24.30 32.05 -31.67
CA LYS D 51 23.92 32.11 -33.07
C LYS D 51 22.91 33.21 -33.33
N ALA D 52 23.11 33.97 -34.39
CA ALA D 52 22.08 34.89 -34.87
C ALA D 52 21.74 34.49 -36.30
N ASP D 53 20.53 34.01 -36.52
CA ASP D 53 20.16 33.45 -37.83
C ASP D 53 19.26 34.40 -38.61
N SER D 54 19.78 35.00 -39.67
CA SER D 54 19.01 35.97 -40.44
C SER D 54 18.12 35.31 -41.50
N SER D 55 18.28 34.00 -41.67
CA SER D 55 17.40 33.19 -42.49
C SER D 55 16.08 32.85 -41.79
N THR D 56 16.14 32.48 -40.50
CA THR D 56 14.93 32.31 -39.70
C THR D 56 14.51 33.45 -38.74
N ASN D 57 15.33 34.49 -38.63
CA ASN D 57 15.15 35.49 -37.57
C ASN D 57 15.03 34.92 -36.15
N GLU D 58 15.96 34.03 -35.81
CA GLU D 58 16.02 33.44 -34.50
C GLU D 58 17.40 33.64 -33.89
N VAL D 59 17.47 34.19 -32.68
CA VAL D 59 18.74 34.19 -31.95
C VAL D 59 18.76 33.16 -30.80
N ASP D 60 19.94 32.59 -30.54
CA ASP D 60 20.15 31.62 -29.47
C ASP D 60 20.97 32.23 -28.34
N LEU D 61 20.37 32.34 -27.16
CA LEU D 61 21.02 32.83 -25.95
C LEU D 61 21.41 31.68 -25.05
N VAL D 62 22.55 31.77 -24.39
CA VAL D 62 22.79 30.92 -23.23
C VAL D 62 22.86 31.82 -22.01
N TYR D 63 22.05 31.55 -21.00
CA TYR D 63 22.00 32.45 -19.86
C TYR D 63 21.65 31.72 -18.55
N TRP D 64 21.90 32.38 -17.44
CA TRP D 64 21.42 31.95 -16.14
C TRP D 64 20.26 32.87 -15.79
N GLU D 65 19.26 32.31 -15.13
CA GLU D 65 18.07 33.06 -14.75
C GLU D 65 17.90 32.83 -13.27
N GLN D 66 18.04 33.88 -12.48
CA GLN D 66 17.92 33.73 -11.04
C GLN D 66 16.50 34.00 -10.61
N GLN D 67 15.87 32.98 -10.02
CA GLN D 67 14.51 33.10 -9.54
C GLN D 67 14.51 32.87 -8.05
N SER D 68 13.86 33.75 -7.32
CA SER D 68 13.74 33.58 -5.87
C SER D 68 12.40 34.10 -5.38
N TRP D 69 12.01 33.62 -4.21
CA TRP D 69 10.69 33.91 -3.66
C TRP D 69 10.70 33.29 -2.28
N LYS D 70 9.72 33.64 -1.47
CA LYS D 70 9.65 33.14 -0.09
C LYS D 70 8.32 32.45 0.19
N LEU D 71 8.39 31.29 0.82
CA LEU D 71 7.19 30.59 1.25
C LEU D 71 7.22 30.39 2.76
N ASN D 72 6.14 30.76 3.44
CA ASN D 72 6.04 30.53 4.87
C ASN D 72 6.07 29.03 5.11
N SER D 73 5.62 28.27 4.11
CA SER D 73 5.56 26.82 4.21
C SER D 73 6.95 26.24 4.37
N LEU D 74 7.95 26.99 3.90
CA LEU D 74 9.33 26.52 3.92
C LEU D 74 10.17 27.00 5.11
N MET D 75 9.58 27.76 6.02
CA MET D 75 10.32 28.25 7.18
C MET D 75 10.52 27.18 8.23
N TRP D 76 11.59 27.32 8.98
CA TRP D 76 11.82 26.49 10.16
C TRP D 76 12.77 27.23 11.11
N ASP D 77 12.82 26.79 12.38
CA ASP D 77 13.79 27.32 13.33
C ASP D 77 14.98 26.38 13.38
N PRO D 78 16.16 26.87 12.98
CA PRO D 78 17.33 25.99 12.83
C PRO D 78 17.72 25.31 14.12
N ASN D 79 17.24 25.80 15.26
CA ASN D 79 17.63 25.22 16.55
C ASN D 79 17.02 23.85 16.76
N GLU D 80 15.81 23.66 16.23
CA GLU D 80 15.11 22.39 16.38
C GLU D 80 15.70 21.32 15.47
N TYR D 81 16.53 21.75 14.53
CA TYR D 81 17.01 20.85 13.48
C TYR D 81 18.54 20.87 13.40
N GLY D 82 19.18 21.10 14.54
CA GLY D 82 20.61 20.90 14.66
C GLY D 82 21.41 22.02 14.02
N ASN D 83 20.81 23.20 13.96
CA ASN D 83 21.48 24.36 13.40
C ASN D 83 21.72 24.31 11.89
N ILE D 84 20.77 23.71 11.16
CA ILE D 84 20.78 23.74 9.69
C ILE D 84 20.06 25.01 9.22
N THR D 85 20.77 25.89 8.53
CA THR D 85 20.14 27.09 7.99
C THR D 85 19.76 26.99 6.50
N ASP D 86 20.15 25.91 5.83
CA ASP D 86 19.64 25.63 4.50
C ASP D 86 19.94 24.24 3.97
N PHE D 87 19.36 23.96 2.80
CA PHE D 87 19.59 22.70 2.08
C PHE D 87 19.34 22.81 0.55
N ARG D 88 20.12 22.04 -0.18
CA ARG D 88 19.90 21.88 -1.61
C ARG D 88 18.84 20.81 -1.79
N THR D 89 18.03 20.93 -2.83
CA THR D 89 17.01 19.93 -3.14
C THR D 89 16.67 19.94 -4.62
N SER D 90 16.20 18.80 -5.14
CA SER D 90 15.70 18.76 -6.51
CA SER D 90 15.69 18.74 -6.50
C SER D 90 14.51 19.70 -6.65
N ALA D 91 14.39 20.32 -7.82
CA ALA D 91 13.31 21.29 -8.02
C ALA D 91 11.96 20.61 -8.25
N ALA D 92 11.98 19.29 -8.32
CA ALA D 92 10.76 18.52 -8.46
C ALA D 92 10.00 18.47 -7.13
N ASP D 93 10.72 18.61 -6.02
CA ASP D 93 10.14 18.41 -4.70
C ASP D 93 9.52 19.67 -4.11
N ILE D 94 9.69 20.78 -4.80
CA ILE D 94 9.13 22.05 -4.34
C ILE D 94 8.40 22.74 -5.47
N TRP D 95 7.45 23.59 -5.09
CA TRP D 95 6.69 24.34 -6.06
C TRP D 95 7.62 25.31 -6.74
N THR D 96 7.60 25.36 -8.05
CA THR D 96 8.42 26.28 -8.78
C THR D 96 7.47 27.01 -9.66
N PRO D 97 7.75 28.28 -9.91
CA PRO D 97 6.93 29.15 -10.74
C PRO D 97 6.99 28.93 -12.22
N ASP D 98 5.91 29.27 -12.90
CA ASP D 98 5.87 29.11 -14.32
C ASP D 98 6.34 30.29 -15.12
N ILE D 99 7.60 30.68 -14.97
CA ILE D 99 8.13 31.79 -15.74
C ILE D 99 8.49 31.19 -17.04
N THR D 100 8.26 31.92 -18.11
CA THR D 100 8.57 31.41 -19.43
C THR D 100 8.90 32.56 -20.38
N ALA D 101 9.75 32.32 -21.37
CA ALA D 101 9.95 33.27 -22.45
C ALA D 101 8.70 33.32 -23.33
N TYR D 102 8.19 34.52 -23.57
CA TYR D 102 6.93 34.69 -24.28
C TYR D 102 7.12 34.53 -25.78
N SER D 103 8.33 34.81 -26.25
CA SER D 103 8.63 34.73 -27.68
C SER D 103 9.75 33.73 -27.95
N SER D 104 9.81 32.68 -27.13
CA SER D 104 10.47 31.43 -27.53
C SER D 104 9.95 30.96 -28.89
N THR D 105 10.89 30.60 -29.77
CA THR D 105 10.56 29.83 -30.95
C THR D 105 10.91 28.33 -30.84
N ARG D 106 11.53 27.93 -29.76
CA ARG D 106 11.87 26.53 -29.57
CA ARG D 106 11.86 26.52 -29.57
C ARG D 106 11.74 26.11 -28.11
N PRO D 107 11.66 24.81 -27.85
CA PRO D 107 11.64 24.43 -26.44
C PRO D 107 12.97 24.78 -25.81
N VAL D 108 12.94 25.28 -24.57
CA VAL D 108 14.17 25.66 -23.87
C VAL D 108 14.99 24.45 -23.47
N GLN D 109 16.29 24.47 -23.77
CA GLN D 109 17.17 23.41 -23.28
C GLN D 109 17.83 23.72 -21.92
N VAL D 110 17.65 22.82 -20.96
CA VAL D 110 18.23 22.99 -19.64
C VAL D 110 19.67 22.49 -19.58
N LEU D 111 20.58 23.43 -19.29
CA LEU D 111 22.03 23.18 -19.30
C LEU D 111 22.65 22.87 -17.95
N SER D 112 21.83 22.89 -16.89
CA SER D 112 22.30 22.70 -15.52
C SER D 112 21.42 21.74 -14.73
N PRO D 113 22.00 21.07 -13.73
CA PRO D 113 21.18 20.23 -12.85
C PRO D 113 20.05 21.09 -12.30
N GLN D 114 18.87 20.53 -12.12
CA GLN D 114 17.80 21.39 -11.66
C GLN D 114 17.60 21.12 -10.20
N ASN D 115 18.11 22.07 -9.42
CA ASN D 115 18.28 21.93 -7.98
C ASN D 115 18.09 23.31 -7.45
N ALA D 116 17.48 23.40 -6.29
CA ALA D 116 17.25 24.70 -5.67
C ALA D 116 17.89 24.76 -4.29
N LEU D 117 18.05 25.98 -3.79
CA LEU D 117 18.53 26.17 -2.44
C LEU D 117 17.38 26.72 -1.64
N VAL D 118 17.06 26.06 -0.54
CA VAL D 118 16.05 26.58 0.38
C VAL D 118 16.72 26.89 1.71
N ASN D 119 16.26 27.93 2.41
CA ASN D 119 16.80 28.22 3.75
C ASN D 119 15.81 28.69 4.82
N SER D 120 16.27 28.71 6.06
CA SER D 120 15.40 28.78 7.24
C SER D 120 14.37 29.91 7.21
N SER D 121 14.68 31.01 6.52
CA SER D 121 13.73 32.12 6.41
C SER D 121 12.58 31.79 5.47
N GLY D 122 12.67 30.65 4.80
CA GLY D 122 11.68 30.25 3.82
C GLY D 122 11.90 30.81 2.43
N HIS D 123 13.13 31.22 2.14
CA HIS D 123 13.48 31.75 0.83
C HIS D 123 14.03 30.64 -0.06
N VAL D 124 13.70 30.72 -1.34
CA VAL D 124 14.18 29.75 -2.32
C VAL D 124 14.95 30.41 -3.46
N GLN D 125 16.14 29.88 -3.77
CA GLN D 125 16.91 30.34 -4.92
C GLN D 125 16.97 29.24 -5.98
N TYR D 126 16.35 29.49 -7.12
CA TYR D 126 16.45 28.61 -8.28
C TYR D 126 17.25 29.33 -9.37
N LEU D 127 18.31 28.71 -9.82
CA LEU D 127 19.16 29.32 -10.79
C LEU D 127 19.49 28.30 -11.86
N PRO D 128 18.57 28.14 -12.79
CA PRO D 128 18.74 27.28 -13.97
C PRO D 128 19.52 27.92 -15.13
N ALA D 129 20.48 27.17 -15.65
CA ALA D 129 21.20 27.59 -16.84
C ALA D 129 20.49 27.02 -18.06
N GLN D 130 20.29 27.85 -19.08
CA GLN D 130 19.51 27.41 -20.23
C GLN D 130 19.90 28.03 -21.57
N ARG D 131 19.58 27.29 -22.64
CA ARG D 131 19.69 27.82 -24.00
C ARG D 131 18.33 28.10 -24.61
N LEU D 132 18.08 29.36 -24.94
CA LEU D 132 16.82 29.79 -25.50
C LEU D 132 16.98 30.22 -26.94
N SER D 133 16.02 29.84 -27.79
CA SER D 133 15.88 30.41 -29.14
C SER D 133 14.68 31.31 -29.12
N PHE D 134 14.82 32.55 -29.55
CA PHE D 134 13.69 33.45 -29.54
C PHE D 134 13.63 34.26 -30.81
N MET D 135 12.49 34.92 -31.06
CA MET D 135 12.31 35.60 -32.33
C MET D 135 13.10 36.89 -32.27
N CYS D 136 14.11 36.99 -33.11
CA CYS D 136 14.98 38.17 -33.17
C CYS D 136 15.36 38.43 -34.62
N ASP D 137 15.23 39.67 -35.06
CA ASP D 137 15.75 40.06 -36.35
C ASP D 137 17.09 40.78 -36.19
N PRO D 138 18.19 40.16 -36.55
CA PRO D 138 19.48 40.81 -36.35
C PRO D 138 19.99 41.87 -37.31
N THR D 139 19.19 42.51 -38.10
CA THR D 139 19.71 43.51 -39.02
C THR D 139 20.66 44.53 -38.46
N GLY D 140 21.82 44.67 -39.08
CA GLY D 140 22.82 45.59 -38.57
C GLY D 140 23.72 45.01 -37.49
N VAL D 141 23.74 43.70 -37.37
CA VAL D 141 24.61 43.05 -36.40
C VAL D 141 26.04 43.24 -36.87
N ASP D 142 26.19 43.45 -38.17
CA ASP D 142 27.49 43.62 -38.79
C ASP D 142 27.92 45.08 -38.87
N SER D 143 27.04 46.01 -38.52
CA SER D 143 27.41 47.43 -38.43
C SER D 143 28.00 47.74 -37.05
N GLU D 144 28.39 48.99 -36.81
CA GLU D 144 28.85 49.35 -35.48
C GLU D 144 27.70 49.63 -34.51
N GLU D 145 26.66 50.29 -35.01
CA GLU D 145 25.47 50.58 -34.22
CA GLU D 145 25.49 50.58 -34.19
C GLU D 145 24.91 49.29 -33.60
N GLY D 146 25.07 48.18 -34.32
CA GLY D 146 24.63 46.89 -33.84
C GLY D 146 23.15 46.60 -34.02
N ALA D 147 22.70 45.46 -33.51
CA ALA D 147 21.31 45.05 -33.65
C ALA D 147 20.70 44.95 -32.27
N THR D 148 19.37 44.98 -32.19
CA THR D 148 18.70 44.88 -30.89
C THR D 148 17.52 43.95 -30.89
N CYS D 149 17.47 43.06 -29.91
CA CYS D 149 16.34 42.15 -29.77
C CYS D 149 15.78 42.11 -28.36
N ALA D 150 14.46 42.05 -28.24
CA ALA D 150 13.83 41.98 -26.94
C ALA D 150 13.11 40.66 -26.75
N VAL D 151 13.12 40.20 -25.49
CA VAL D 151 12.39 39.00 -25.09
C VAL D 151 11.76 39.23 -23.74
N LYS D 152 10.48 38.91 -23.60
CA LYS D 152 9.78 39.09 -22.34
C LYS D 152 9.60 37.78 -21.59
N PHE D 153 9.67 37.87 -20.27
CA PHE D 153 9.50 36.73 -19.39
C PHE D 153 8.40 37.02 -18.37
N GLY D 154 7.70 35.98 -17.92
CA GLY D 154 6.68 36.15 -16.92
C GLY D 154 5.92 34.86 -16.71
N SER D 155 5.02 34.88 -15.74
CA SER D 155 4.17 33.73 -15.47
C SER D 155 3.31 33.48 -16.68
N TRP D 156 3.15 32.21 -17.06
CA TRP D 156 2.23 31.87 -18.14
C TRP D 156 0.80 31.89 -17.63
N SER D 157 0.56 31.26 -16.49
CA SER D 157 -0.80 31.10 -16.00
C SER D 157 -1.30 32.06 -14.92
N TYR D 158 -0.46 32.98 -14.45
CA TYR D 158 -0.79 33.81 -13.28
C TYR D 158 -0.66 35.30 -13.50
N GLY D 159 -1.62 36.05 -12.99
CA GLY D 159 -1.58 37.49 -13.12
C GLY D 159 -0.92 38.14 -11.92
N GLY D 160 -0.81 39.46 -11.95
CA GLY D 160 -0.15 40.23 -10.91
C GLY D 160 -0.70 40.05 -9.50
N TRP D 161 -1.98 39.72 -9.38
CA TRP D 161 -2.60 39.58 -8.06
C TRP D 161 -2.30 38.24 -7.40
N GLU D 162 -1.70 37.33 -8.16
CA GLU D 162 -1.25 36.04 -7.66
C GLU D 162 0.28 35.97 -7.63
N ILE D 163 0.92 36.13 -8.78
CA ILE D 163 2.37 36.29 -8.84
C ILE D 163 2.76 37.72 -9.21
N ASP D 164 3.79 38.23 -8.56
CA ASP D 164 4.31 39.57 -8.87
C ASP D 164 5.78 39.49 -9.26
N LEU D 165 6.10 39.97 -10.45
CA LEU D 165 7.47 40.03 -10.91
C LEU D 165 8.12 41.31 -10.44
N LYS D 166 9.37 41.20 -9.99
CA LYS D 166 10.23 42.33 -9.69
C LYS D 166 11.65 41.97 -10.10
N THR D 167 12.39 42.98 -10.53
CA THR D 167 13.83 42.87 -10.78
C THR D 167 14.55 43.57 -9.64
N ASP D 168 15.51 42.89 -9.02
CA ASP D 168 16.32 43.50 -7.94
C ASP D 168 17.26 44.57 -8.48
N THR D 169 17.82 44.32 -9.67
CA THR D 169 18.61 45.29 -10.40
C THR D 169 18.10 45.43 -11.83
N ASP D 170 18.13 46.65 -12.34
CA ASP D 170 17.79 46.93 -13.73
C ASP D 170 18.93 46.56 -14.69
N GLN D 171 20.13 46.39 -14.17
CA GLN D 171 21.24 46.09 -15.07
C GLN D 171 21.41 44.58 -15.21
N VAL D 172 21.52 44.10 -16.45
CA VAL D 172 21.75 42.68 -16.68
C VAL D 172 23.18 42.37 -16.27
N ASP D 173 23.44 41.18 -15.73
CA ASP D 173 24.79 40.85 -15.31
C ASP D 173 25.62 40.34 -16.49
N LEU D 174 26.64 41.10 -16.86
CA LEU D 174 27.50 40.79 -18.00
C LEU D 174 28.81 40.12 -17.62
N SER D 175 29.03 39.92 -16.32
CA SER D 175 30.34 39.51 -15.80
C SER D 175 30.88 38.13 -16.24
N SER D 176 30.01 37.15 -16.45
CA SER D 176 30.44 35.82 -16.90
C SER D 176 30.35 35.59 -18.42
N TYR D 177 29.95 36.62 -19.13
CA TYR D 177 29.79 36.52 -20.57
C TYR D 177 31.08 36.09 -21.26
N TYR D 178 30.95 35.38 -22.37
CA TYR D 178 32.10 34.80 -23.07
C TYR D 178 32.80 35.83 -23.93
N ALA D 179 34.09 36.06 -23.64
CA ALA D 179 34.86 37.12 -24.32
C ALA D 179 35.19 36.77 -25.78
N SER D 180 35.42 35.49 -26.03
CA SER D 180 35.72 35.00 -27.38
C SER D 180 34.47 34.59 -28.19
N SER D 181 33.28 34.88 -27.65
CA SER D 181 32.02 34.73 -28.38
C SER D 181 31.96 35.51 -29.69
N LYS D 182 31.34 34.94 -30.71
CA LYS D 182 31.20 35.60 -31.99
C LYS D 182 30.52 36.97 -31.86
N TYR D 183 29.72 37.16 -30.83
CA TYR D 183 29.04 38.43 -30.70
C TYR D 183 29.44 39.10 -29.41
N GLU D 184 29.49 40.43 -29.43
CA GLU D 184 29.85 41.18 -28.25
C GLU D 184 28.65 41.99 -27.82
N ILE D 185 28.49 42.14 -26.51
CA ILE D 185 27.34 42.87 -25.98
C ILE D 185 27.63 44.35 -25.82
N LEU D 186 26.88 45.17 -26.57
CA LEU D 186 26.89 46.61 -26.36
C LEU D 186 26.17 46.97 -25.07
N SER D 187 24.93 46.52 -24.93
CA SER D 187 24.17 46.70 -23.70
C SER D 187 23.14 45.58 -23.48
N ALA D 188 22.82 45.30 -22.23
CA ALA D 188 21.73 44.39 -21.89
C ALA D 188 21.05 44.91 -20.63
N THR D 189 19.72 44.93 -20.64
CA THR D 189 18.99 45.49 -19.52
C THR D 189 17.72 44.73 -19.23
N GLN D 190 17.48 44.43 -17.96
CA GLN D 190 16.26 43.75 -17.58
C GLN D 190 15.30 44.70 -16.87
N THR D 191 14.22 45.04 -17.57
CA THR D 191 13.25 46.01 -17.07
C THR D 191 11.91 45.34 -16.76
N ARG D 192 11.26 45.80 -15.70
CA ARG D 192 9.94 45.31 -15.36
C ARG D 192 8.86 46.20 -15.95
N SER D 193 7.75 45.60 -16.36
CA SER D 193 6.63 46.37 -16.89
C SER D 193 5.32 45.86 -16.34
N GLU D 194 4.26 46.64 -16.47
CA GLU D 194 2.92 46.17 -16.15
C GLU D 194 1.98 46.40 -17.33
N ARG D 195 1.21 45.38 -17.68
CA ARG D 195 0.31 45.50 -18.81
C ARG D 195 -1.14 45.29 -18.36
N PHE D 196 -2.07 45.93 -19.06
CA PHE D 196 -3.49 45.79 -18.75
C PHE D 196 -4.35 45.30 -19.92
N TYR D 197 -5.49 44.69 -19.59
CA TYR D 197 -6.46 44.24 -20.60
C TYR D 197 -7.86 44.67 -20.17
N GLU D 198 -8.73 44.99 -21.13
CA GLU D 198 -10.14 45.32 -20.82
C GLU D 198 -10.88 44.12 -20.24
N CYS D 199 -10.43 42.92 -20.61
CA CYS D 199 -10.97 41.68 -20.07
C CYS D 199 -11.10 41.69 -18.55
N CYS D 200 -10.04 42.17 -17.88
CA CYS D 200 -9.93 42.13 -16.43
C CYS D 200 -9.06 43.28 -15.92
N LYS D 201 -9.28 43.70 -14.65
CA LYS D 201 -8.59 44.85 -14.09
C LYS D 201 -7.24 44.47 -13.48
N GLU D 202 -6.96 43.13 -13.37
CA GLU D 202 -5.69 42.63 -12.88
C GLU D 202 -4.55 43.03 -13.81
N PRO D 203 -3.46 43.59 -13.23
CA PRO D 203 -2.22 43.94 -13.92
C PRO D 203 -1.40 42.69 -14.24
N TYR D 204 -0.77 42.67 -15.40
CA TYR D 204 0.09 41.55 -15.77
C TYR D 204 1.53 42.00 -15.94
N PRO D 205 2.40 41.61 -14.99
CA PRO D 205 3.82 41.94 -15.06
C PRO D 205 4.62 41.07 -16.04
N ASP D 206 5.58 41.69 -16.71
CA ASP D 206 6.58 40.95 -17.45
C ASP D 206 7.93 41.57 -17.14
N VAL D 207 9.00 40.82 -17.39
CA VAL D 207 10.35 41.38 -17.33
C VAL D 207 10.92 41.34 -18.73
N ASN D 208 11.15 42.52 -19.30
CA ASN D 208 11.57 42.63 -20.68
C ASN D 208 13.09 42.63 -20.80
N LEU D 209 13.65 41.65 -21.50
CA LEU D 209 15.09 41.63 -21.66
C LEU D 209 15.50 42.23 -23.00
N VAL D 210 16.26 43.33 -22.95
CA VAL D 210 16.68 44.02 -24.17
C VAL D 210 18.17 43.88 -24.37
N VAL D 211 18.59 43.33 -25.50
CA VAL D 211 20.01 43.20 -25.76
C VAL D 211 20.43 43.85 -27.09
N LYS D 212 21.48 44.68 -27.01
CA LYS D 212 22.11 45.32 -28.16
C LYS D 212 23.43 44.62 -28.40
N PHE D 213 23.69 44.23 -29.63
CA PHE D 213 24.91 43.47 -29.89
C PHE D 213 25.36 43.57 -31.35
N ARG D 214 26.63 43.29 -31.57
CA ARG D 214 27.17 43.34 -32.90
C ARG D 214 28.11 42.18 -33.09
N GLU D 215 28.45 41.89 -34.34
CA GLU D 215 29.41 40.84 -34.64
C GLU D 215 30.70 41.30 -34.01
N ARG D 216 31.60 40.37 -33.74
CA ARG D 216 32.88 40.75 -33.14
C ARG D 216 34.05 40.16 -33.90
N LYS E 3 28.93 -28.38 -3.44
CA LYS E 3 28.39 -28.25 -4.78
C LYS E 3 28.67 -26.88 -5.39
N ASP E 4 29.01 -26.87 -6.67
CA ASP E 4 29.32 -25.63 -7.37
C ASP E 4 28.09 -24.72 -7.44
N ASP E 5 26.95 -25.32 -7.75
CA ASP E 5 25.69 -24.59 -7.89
C ASP E 5 25.26 -23.90 -6.60
N ASP E 6 25.37 -24.62 -5.50
CA ASP E 6 24.97 -24.09 -4.20
C ASP E 6 25.74 -22.81 -3.89
N ASP E 7 26.98 -22.73 -4.37
CA ASP E 7 27.80 -21.54 -4.13
C ASP E 7 27.28 -20.36 -4.94
N LYS E 8 26.99 -20.61 -6.22
CA LYS E 8 26.38 -19.61 -7.09
C LYS E 8 25.10 -19.06 -6.46
N LEU E 9 24.39 -19.90 -5.73
CA LEU E 9 23.11 -19.54 -5.15
C LEU E 9 23.34 -18.59 -3.99
N HIS E 10 24.06 -19.06 -2.97
CA HIS E 10 24.46 -18.24 -1.82
C HIS E 10 25.09 -16.92 -2.25
N SER E 11 25.95 -16.96 -3.27
CA SER E 11 26.57 -15.76 -3.79
C SER E 11 25.54 -14.69 -4.12
N GLN E 12 24.55 -15.07 -4.95
CA GLN E 12 23.47 -14.18 -5.35
C GLN E 12 22.69 -13.61 -4.18
N ALA E 13 22.13 -14.51 -3.37
CA ALA E 13 21.35 -14.12 -2.21
C ALA E 13 22.11 -13.13 -1.36
N ASN E 14 23.39 -13.40 -1.16
CA ASN E 14 24.28 -12.53 -0.41
C ASN E 14 24.27 -11.10 -0.93
N LEU E 15 24.50 -10.97 -2.23
CA LEU E 15 24.48 -9.67 -2.93
C LEU E 15 23.10 -8.97 -2.79
N MET E 16 22.02 -9.71 -3.02
CA MET E 16 20.69 -9.15 -2.84
C MET E 16 20.46 -8.60 -1.42
N ARG E 17 20.89 -9.39 -0.44
CA ARG E 17 20.79 -9.01 0.97
C ARG E 17 21.61 -7.77 1.25
N LEU E 18 22.77 -7.69 0.60
CA LEU E 18 23.70 -6.59 0.79
C LEU E 18 23.18 -5.28 0.24
N LYS E 19 22.63 -5.33 -0.96
CA LYS E 19 22.02 -4.17 -1.60
C LYS E 19 20.79 -3.79 -0.82
N SER E 20 20.05 -4.80 -0.37
CA SER E 20 18.86 -4.61 0.46
C SER E 20 19.16 -3.88 1.78
N ASP E 21 20.22 -4.28 2.47
CA ASP E 21 20.63 -3.59 3.68
C ASP E 21 20.89 -2.09 3.45
N LEU E 22 21.71 -1.77 2.44
CA LEU E 22 21.99 -0.39 2.09
C LEU E 22 20.79 0.43 1.57
N PHE E 23 20.26 0.04 0.40
CA PHE E 23 19.13 0.69 -0.30
C PHE E 23 17.68 0.65 0.24
N ASN E 24 17.19 -0.53 0.62
CA ASN E 24 15.85 -0.67 1.21
C ASN E 24 15.78 -0.23 2.68
N ARG E 25 16.76 -0.66 3.48
CA ARG E 25 16.70 -0.52 4.95
C ARG E 25 17.08 0.85 5.47
N SER E 26 17.98 1.52 4.77
CA SER E 26 18.33 2.88 5.16
C SER E 26 17.85 3.81 4.06
N PRO E 27 17.43 5.01 4.45
CA PRO E 27 16.96 6.07 3.55
C PRO E 27 18.12 6.63 2.75
N MET E 28 17.92 6.90 1.46
CA MET E 28 19.02 7.36 0.62
C MET E 28 19.63 8.65 1.17
N TYR E 29 20.95 8.75 1.06
CA TYR E 29 21.75 9.87 1.56
C TYR E 29 21.22 11.23 1.07
N PRO E 30 20.96 12.16 2.03
CA PRO E 30 20.29 13.46 1.84
C PRO E 30 21.10 14.46 1.04
N GLY E 31 22.38 14.18 0.87
CA GLY E 31 23.32 15.13 0.28
C GLY E 31 24.28 15.69 1.31
N PRO E 32 25.42 16.21 0.86
CA PRO E 32 26.43 16.75 1.79
C PRO E 32 25.93 17.99 2.50
N THR E 33 26.50 18.25 3.67
CA THR E 33 26.25 19.48 4.37
C THR E 33 27.59 20.12 4.79
N LYS E 34 27.52 21.27 5.44
CA LYS E 34 28.71 21.93 5.95
C LYS E 34 29.28 21.13 7.11
N ASP E 35 28.37 20.50 7.86
CA ASP E 35 28.72 19.71 9.03
C ASP E 35 29.15 18.31 8.63
N ASP E 36 28.91 17.97 7.37
CA ASP E 36 29.32 16.69 6.82
C ASP E 36 29.77 16.86 5.37
N PRO E 37 30.98 17.41 5.18
CA PRO E 37 31.46 17.74 3.83
C PRO E 37 31.77 16.48 3.01
N LEU E 38 31.74 16.62 1.69
CA LEU E 38 32.15 15.53 0.81
C LEU E 38 33.24 15.93 -0.18
N THR E 39 34.18 15.02 -0.41
CA THR E 39 35.23 15.24 -1.38
C THR E 39 34.97 14.39 -2.61
N VAL E 40 34.92 15.04 -3.77
CA VAL E 40 34.74 14.39 -5.04
C VAL E 40 36.01 14.52 -5.87
N TYR E 41 36.54 13.39 -6.33
CA TYR E 41 37.69 13.40 -7.22
C TYR E 41 37.26 13.32 -8.68
N LEU E 42 37.63 14.32 -9.49
CA LEU E 42 37.38 14.28 -10.93
C LEU E 42 38.62 13.83 -11.68
N SER E 43 38.48 13.64 -12.98
CA SER E 43 39.60 13.30 -13.84
C SER E 43 39.05 13.17 -15.26
N PHE E 44 39.89 13.30 -16.28
CA PHE E 44 39.39 13.26 -17.66
C PHE E 44 40.24 12.42 -18.57
N SER E 45 39.57 11.73 -19.47
CA SER E 45 40.23 10.85 -20.41
C SER E 45 39.68 11.27 -21.75
N LEU E 46 40.57 11.73 -22.64
CA LEU E 46 40.16 12.28 -23.92
C LEU E 46 40.14 11.28 -25.05
N LEU E 47 39.06 11.38 -25.82
CA LEU E 47 38.68 10.44 -26.87
C LEU E 47 38.57 11.08 -28.24
N ASP E 48 37.68 12.06 -28.39
CA ASP E 48 37.63 12.79 -29.67
C ASP E 48 37.20 14.26 -29.63
N ILE E 49 37.88 15.11 -30.39
CA ILE E 49 37.30 16.40 -30.73
C ILE E 49 36.63 16.18 -32.08
N VAL E 50 35.30 16.15 -32.04
CA VAL E 50 34.52 15.74 -33.19
C VAL E 50 34.32 16.89 -34.18
N LYS E 51 34.08 18.09 -33.67
CA LYS E 51 33.76 19.21 -34.53
C LYS E 51 34.23 20.52 -33.92
N ALA E 52 34.71 21.44 -34.75
CA ALA E 52 35.01 22.80 -34.30
C ALA E 52 34.26 23.77 -35.19
N ASP E 53 33.35 24.54 -34.61
CA ASP E 53 32.43 25.30 -35.44
C ASP E 53 32.76 26.77 -35.40
N SER E 54 33.28 27.29 -36.52
CA SER E 54 33.84 28.64 -36.52
C SER E 54 32.74 29.69 -36.57
N SER E 55 31.57 29.29 -37.04
CA SER E 55 30.45 30.21 -37.20
C SER E 55 29.71 30.48 -35.90
N THR E 56 29.56 29.44 -35.09
CA THR E 56 29.02 29.58 -33.74
C THR E 56 30.03 29.70 -32.58
N ASN E 57 31.30 29.44 -32.87
CA ASN E 57 32.31 29.28 -31.83
C ASN E 57 31.97 28.23 -30.76
N GLU E 58 31.56 27.04 -31.20
CA GLU E 58 31.35 25.89 -30.31
C GLU E 58 32.24 24.73 -30.74
N VAL E 59 32.64 23.90 -29.79
CA VAL E 59 33.39 22.68 -30.10
C VAL E 59 32.71 21.46 -29.47
N ASP E 60 32.84 20.32 -30.15
CA ASP E 60 32.25 19.06 -29.71
C ASP E 60 33.33 18.12 -29.23
N LEU E 61 33.24 17.74 -27.97
CA LEU E 61 34.27 16.90 -27.39
C LEU E 61 33.62 15.65 -26.85
N VAL E 62 34.27 14.51 -27.08
CA VAL E 62 33.82 13.22 -26.56
C VAL E 62 34.90 12.71 -25.61
N TYR E 63 34.51 12.43 -24.37
CA TYR E 63 35.48 12.12 -23.33
C TYR E 63 34.88 11.29 -22.23
N TRP E 64 35.74 10.61 -21.47
CA TRP E 64 35.32 10.00 -20.20
C TRP E 64 35.61 10.96 -19.02
N GLU E 65 34.59 11.20 -18.21
CA GLU E 65 34.77 11.95 -17.00
C GLU E 65 34.67 10.99 -15.81
N GLN E 66 35.77 10.82 -15.08
CA GLN E 66 35.74 9.99 -13.89
C GLN E 66 35.45 10.76 -12.60
N GLN E 67 34.46 10.28 -11.86
CA GLN E 67 34.04 10.83 -10.59
C GLN E 67 34.20 9.76 -9.50
N SER E 68 34.71 10.18 -8.34
CA SER E 68 34.87 9.28 -7.19
C SER E 68 34.56 10.05 -5.93
N TRP E 69 34.06 9.34 -4.93
CA TRP E 69 33.76 9.90 -3.62
C TRP E 69 33.58 8.73 -2.69
N LYS E 70 33.33 9.00 -1.42
CA LYS E 70 33.16 7.94 -0.43
C LYS E 70 32.05 8.36 0.50
N LEU E 71 31.20 7.40 0.87
CA LEU E 71 30.15 7.62 1.87
C LEU E 71 30.23 6.53 2.94
N ASN E 72 30.14 6.92 4.21
CA ASN E 72 30.16 5.90 5.26
C ASN E 72 28.94 5.00 5.11
N SER E 73 27.89 5.56 4.54
CA SER E 73 26.64 4.81 4.39
C SER E 73 26.81 3.63 3.45
N LEU E 74 27.78 3.73 2.54
CA LEU E 74 27.99 2.66 1.55
C LEU E 74 28.94 1.58 2.02
N MET E 75 29.46 1.74 3.25
CA MET E 75 30.42 0.81 3.84
C MET E 75 29.78 -0.46 4.37
N TRP E 76 30.52 -1.56 4.24
CA TRP E 76 30.09 -2.84 4.80
C TRP E 76 31.30 -3.74 5.07
N ASP E 77 31.06 -4.78 5.88
CA ASP E 77 32.08 -5.78 6.18
C ASP E 77 31.93 -6.94 5.22
N PRO E 78 32.95 -7.17 4.39
CA PRO E 78 32.84 -8.29 3.42
C PRO E 78 32.59 -9.66 4.07
N ASN E 79 33.02 -9.87 5.32
CA ASN E 79 32.78 -11.15 5.96
C ASN E 79 31.30 -11.33 6.26
N GLU E 80 30.64 -10.21 6.53
CA GLU E 80 29.20 -10.20 6.77
C GLU E 80 28.38 -10.72 5.58
N TYR E 81 28.80 -10.40 4.34
CA TYR E 81 28.03 -10.79 3.13
C TYR E 81 28.63 -11.68 1.98
N GLY E 82 29.48 -12.66 2.24
CA GLY E 82 30.02 -13.50 1.17
C GLY E 82 31.41 -13.06 0.68
N ASN E 83 32.18 -12.32 1.49
CA ASN E 83 33.42 -11.66 1.09
CA ASN E 83 33.47 -11.74 1.02
C ASN E 83 33.27 -10.88 -0.23
N ILE E 84 32.12 -10.21 -0.37
CA ILE E 84 31.88 -9.33 -1.51
C ILE E 84 32.59 -8.03 -1.21
N THR E 85 33.58 -7.72 -2.03
CA THR E 85 34.32 -6.48 -1.85
C THR E 85 33.80 -5.30 -2.69
N ASP E 86 32.96 -5.59 -3.68
CA ASP E 86 32.41 -4.56 -4.57
C ASP E 86 31.16 -5.03 -5.33
N PHE E 87 30.35 -4.10 -5.81
CA PHE E 87 29.20 -4.45 -6.66
C PHE E 87 28.86 -3.31 -7.63
N ARG E 88 28.36 -3.65 -8.83
CA ARG E 88 27.89 -2.67 -9.81
C ARG E 88 26.47 -2.26 -9.49
N THR E 89 26.12 -1.01 -9.75
CA THR E 89 24.74 -0.60 -9.55
C THR E 89 24.32 0.50 -10.49
N SER E 90 23.03 0.55 -10.80
CA SER E 90 22.51 1.67 -11.56
C SER E 90 22.76 2.99 -10.83
N ALA E 91 23.18 4.00 -11.57
CA ALA E 91 23.52 5.28 -10.97
C ALA E 91 22.30 6.00 -10.36
N ALA E 92 21.11 5.59 -10.74
CA ALA E 92 19.92 6.19 -10.13
C ALA E 92 19.65 5.60 -8.75
N ASP E 93 20.28 4.46 -8.45
CA ASP E 93 20.16 3.83 -7.13
C ASP E 93 20.94 4.58 -6.03
N ILE E 94 21.96 5.34 -6.41
CA ILE E 94 22.80 6.04 -5.46
C ILE E 94 22.74 7.53 -5.68
N TRP E 95 23.12 8.27 -4.65
CA TRP E 95 23.22 9.71 -4.75
C TRP E 95 24.42 10.02 -5.63
N THR E 96 24.26 10.97 -6.55
CA THR E 96 25.41 11.36 -7.35
C THR E 96 25.58 12.86 -7.28
N PRO E 97 26.80 13.32 -7.56
CA PRO E 97 27.13 14.74 -7.40
C PRO E 97 26.74 15.56 -8.62
N ASP E 98 26.25 16.78 -8.40
CA ASP E 98 25.69 17.60 -9.47
C ASP E 98 26.78 18.36 -10.20
N ILE E 99 27.82 17.65 -10.62
CA ILE E 99 28.91 18.25 -11.37
C ILE E 99 28.48 18.59 -12.79
N THR E 100 28.80 19.81 -13.23
CA THR E 100 28.33 20.30 -14.51
C THR E 100 29.42 21.18 -15.15
N ALA E 101 29.57 21.10 -16.48
CA ALA E 101 30.43 22.03 -17.19
C ALA E 101 29.71 23.37 -17.29
N TYR E 102 30.36 24.43 -16.82
CA TYR E 102 29.73 25.74 -16.65
C TYR E 102 29.63 26.45 -17.97
N SER E 103 30.36 25.89 -18.94
CA SER E 103 30.57 26.49 -20.25
C SER E 103 29.71 25.93 -21.39
N SER E 104 28.90 24.91 -21.12
CA SER E 104 28.16 24.19 -22.18
C SER E 104 27.11 25.03 -22.96
N THR E 105 27.08 24.84 -24.27
CA THR E 105 26.03 25.40 -25.12
C THR E 105 24.85 24.46 -25.45
N ARG E 106 24.99 23.19 -25.13
N ARG E 106 24.99 23.18 -25.14
CA ARG E 106 23.96 22.20 -25.42
CA ARG E 106 23.94 22.21 -25.43
C ARG E 106 23.86 21.16 -24.30
C ARG E 106 23.86 21.17 -24.32
N PRO E 107 22.64 20.66 -24.05
CA PRO E 107 22.51 19.63 -23.03
C PRO E 107 23.50 18.51 -23.32
N VAL E 108 24.21 18.07 -22.30
CA VAL E 108 25.19 17.00 -22.44
C VAL E 108 24.50 15.70 -22.83
N GLN E 109 25.15 14.87 -23.64
CA GLN E 109 24.57 13.60 -24.05
C GLN E 109 25.38 12.46 -23.48
N VAL E 110 24.71 11.43 -22.97
CA VAL E 110 25.45 10.35 -22.33
C VAL E 110 25.64 9.20 -23.26
N LEU E 111 26.90 8.79 -23.46
CA LEU E 111 27.22 7.79 -24.47
C LEU E 111 27.35 6.38 -23.93
N SER E 112 27.24 6.23 -22.60
CA SER E 112 27.38 4.90 -21.98
C SER E 112 26.29 4.59 -20.98
N PRO E 113 26.18 3.31 -20.60
CA PRO E 113 25.28 2.91 -19.51
C PRO E 113 25.56 3.76 -18.27
N GLN E 114 24.54 4.05 -17.46
CA GLN E 114 24.85 4.78 -16.26
C GLN E 114 24.90 3.82 -15.08
N ASN E 115 26.13 3.56 -14.66
CA ASN E 115 26.41 2.56 -13.66
C ASN E 115 27.59 3.04 -12.88
N ALA E 116 27.70 2.56 -11.67
CA ALA E 116 28.71 3.03 -10.78
C ALA E 116 29.27 1.78 -10.10
N LEU E 117 30.57 1.74 -9.88
CA LEU E 117 31.13 0.68 -9.05
C LEU E 117 31.05 1.17 -7.61
N VAL E 118 30.70 0.29 -6.68
CA VAL E 118 30.74 0.62 -5.24
C VAL E 118 31.52 -0.46 -4.49
N ASN E 119 32.31 -0.09 -3.50
CA ASN E 119 32.87 -1.15 -2.65
C ASN E 119 32.90 -0.98 -1.14
N SER E 120 33.45 -2.00 -0.47
CA SER E 120 33.25 -2.21 0.97
C SER E 120 33.51 -0.98 1.84
N SER E 121 34.51 -0.18 1.48
CA SER E 121 34.86 1.02 2.25
C SER E 121 33.98 2.22 1.87
N GLY E 122 33.04 1.98 0.97
CA GLY E 122 32.07 2.99 0.63
C GLY E 122 32.55 3.96 -0.43
N HIS E 123 33.51 3.53 -1.25
CA HIS E 123 33.95 4.33 -2.39
C HIS E 123 33.09 4.09 -3.63
N VAL E 124 32.64 5.17 -4.24
CA VAL E 124 31.83 5.06 -5.44
C VAL E 124 32.67 5.50 -6.61
N GLN E 125 32.64 4.73 -7.69
CA GLN E 125 33.37 5.11 -8.88
C GLN E 125 32.43 5.19 -10.06
N TYR E 126 32.30 6.37 -10.63
CA TYR E 126 31.35 6.63 -11.70
C TYR E 126 32.11 7.21 -12.90
N LEU E 127 31.86 6.66 -14.08
CA LEU E 127 32.69 6.98 -15.23
C LEU E 127 31.86 7.10 -16.52
N PRO E 128 30.99 8.11 -16.59
CA PRO E 128 30.18 8.34 -17.79
C PRO E 128 30.95 8.84 -19.03
N ALA E 129 30.70 8.22 -20.18
CA ALA E 129 31.20 8.75 -21.45
C ALA E 129 30.22 9.84 -21.83
N GLN E 130 30.68 10.90 -22.48
CA GLN E 130 29.79 12.01 -22.79
C GLN E 130 30.21 12.77 -24.04
N ARG E 131 29.26 13.41 -24.70
CA ARG E 131 29.60 14.33 -25.76
C ARG E 131 29.11 15.69 -25.37
N LEU E 132 30.04 16.65 -25.34
CA LEU E 132 29.77 18.02 -24.88
C LEU E 132 30.06 19.05 -25.98
N SER E 133 29.19 20.04 -26.06
CA SER E 133 29.41 21.25 -26.84
C SER E 133 29.58 22.41 -25.89
N PHE E 134 30.70 23.11 -26.02
CA PHE E 134 30.96 24.26 -25.16
C PHE E 134 31.50 25.41 -25.94
N MET E 135 31.47 26.59 -25.33
CA MET E 135 32.02 27.78 -25.96
C MET E 135 33.53 27.62 -26.04
N CYS E 136 34.03 27.70 -27.27
CA CYS E 136 35.46 27.76 -27.57
C CYS E 136 35.64 28.44 -28.90
N ASP E 137 36.82 29.04 -29.08
CA ASP E 137 37.16 29.67 -30.34
C ASP E 137 38.20 28.84 -31.08
N PRO E 138 37.79 28.22 -32.18
CA PRO E 138 38.63 27.36 -33.02
C PRO E 138 39.75 28.16 -33.71
N THR E 139 39.65 29.50 -33.70
CA THR E 139 40.56 30.34 -34.49
C THR E 139 42.01 30.01 -34.26
N GLY E 140 42.72 29.79 -35.37
CA GLY E 140 44.11 29.42 -35.33
C GLY E 140 44.35 27.93 -35.28
N VAL E 141 43.31 27.15 -35.54
CA VAL E 141 43.42 25.71 -35.44
C VAL E 141 44.05 25.15 -36.73
N ASP E 142 44.05 25.99 -37.76
CA ASP E 142 44.62 25.65 -39.07
C ASP E 142 46.10 26.03 -39.21
N SER E 143 46.70 26.48 -38.10
CA SER E 143 48.12 26.80 -38.05
C SER E 143 48.85 25.82 -37.13
N GLU E 144 50.15 26.04 -36.95
CA GLU E 144 50.95 25.12 -36.13
C GLU E 144 50.68 25.28 -34.63
N GLU E 145 50.45 26.52 -34.20
CA GLU E 145 50.25 26.86 -32.79
C GLU E 145 48.98 26.24 -32.24
N GLY E 146 48.01 26.09 -33.13
CA GLY E 146 46.74 25.52 -32.78
C GLY E 146 45.84 26.52 -32.09
N ALA E 147 44.67 26.03 -31.70
CA ALA E 147 43.72 26.81 -30.93
C ALA E 147 43.74 26.28 -29.50
N THR E 148 43.56 27.17 -28.54
CA THR E 148 43.44 26.73 -27.17
C THR E 148 42.02 27.01 -26.71
N CYS E 149 41.39 26.03 -26.08
CA CYS E 149 40.08 26.22 -25.47
C CYS E 149 40.04 25.71 -24.04
N ALA E 150 39.05 26.14 -23.28
CA ALA E 150 38.92 25.67 -21.90
C ALA E 150 37.47 25.64 -21.41
N VAL E 151 37.17 24.72 -20.51
CA VAL E 151 35.84 24.58 -19.92
C VAL E 151 35.96 24.22 -18.45
N LYS E 152 35.18 24.89 -17.60
CA LYS E 152 35.20 24.63 -16.18
C LYS E 152 34.10 23.69 -15.71
N PHE E 153 34.44 22.78 -14.79
CA PHE E 153 33.49 21.82 -14.24
C PHE E 153 33.48 22.02 -12.75
N GLY E 154 32.32 21.87 -12.14
CA GLY E 154 32.21 21.92 -10.70
C GLY E 154 30.77 21.70 -10.32
N SER E 155 30.49 21.55 -9.03
CA SER E 155 29.11 21.39 -8.59
C SER E 155 28.31 22.66 -8.86
N TRP E 156 27.08 22.50 -9.30
CA TRP E 156 26.23 23.64 -9.61
C TRP E 156 25.57 24.25 -8.38
N SER E 157 25.07 23.42 -7.48
CA SER E 157 24.35 23.89 -6.30
C SER E 157 25.16 23.95 -4.99
N TYR E 158 26.40 23.44 -5.00
CA TYR E 158 27.15 23.24 -3.75
C TYR E 158 28.49 23.98 -3.71
N GLY E 159 28.78 24.59 -2.56
CA GLY E 159 30.08 25.19 -2.34
C GLY E 159 31.09 24.23 -1.76
N GLY E 160 32.33 24.71 -1.69
CA GLY E 160 33.46 23.94 -1.22
C GLY E 160 33.42 23.44 0.20
N TRP E 161 32.59 24.08 1.04
CA TRP E 161 32.34 23.61 2.41
C TRP E 161 31.40 22.42 2.53
N GLU E 162 30.69 22.12 1.45
CA GLU E 162 29.83 20.94 1.31
C GLU E 162 30.48 19.90 0.39
N ILE E 163 30.76 20.31 -0.84
CA ILE E 163 31.48 19.50 -1.82
C ILE E 163 32.85 20.12 -2.19
N ASP E 164 33.90 19.35 -1.99
CA ASP E 164 35.22 19.83 -2.35
C ASP E 164 35.79 19.07 -3.54
N LEU E 165 36.16 19.80 -4.60
CA LEU E 165 36.72 19.18 -5.80
C LEU E 165 38.21 18.92 -5.71
N LYS E 166 38.66 17.73 -6.13
CA LYS E 166 40.09 17.40 -6.14
C LYS E 166 40.44 16.68 -7.44
N THR E 167 41.72 16.58 -7.76
CA THR E 167 42.15 15.82 -8.94
C THR E 167 43.39 14.97 -8.69
N ASP E 168 43.42 13.78 -9.28
CA ASP E 168 44.59 12.90 -9.22
C ASP E 168 45.85 13.61 -9.72
N THR E 169 45.80 14.11 -10.95
CA THR E 169 46.94 14.80 -11.58
C THR E 169 46.44 16.02 -12.38
N ASP E 170 47.36 16.80 -12.97
CA ASP E 170 47.02 17.93 -13.82
C ASP E 170 47.05 17.46 -15.27
N GLN E 171 47.37 16.19 -15.45
CA GLN E 171 47.48 15.60 -16.78
C GLN E 171 46.20 14.89 -17.17
N VAL E 172 45.55 15.41 -18.20
CA VAL E 172 44.45 14.71 -18.82
C VAL E 172 44.94 13.42 -19.48
N ASP E 173 44.12 12.38 -19.53
CA ASP E 173 44.56 11.13 -20.12
C ASP E 173 44.23 11.07 -21.61
N LEU E 174 45.26 11.11 -22.44
CA LEU E 174 45.15 11.05 -23.90
C LEU E 174 45.43 9.68 -24.51
N SER E 175 45.74 8.69 -23.69
CA SER E 175 46.13 7.38 -24.22
C SER E 175 45.00 6.75 -25.03
N SER E 176 43.77 7.20 -24.79
CA SER E 176 42.63 6.71 -25.55
C SER E 176 42.19 7.61 -26.69
N TYR E 177 42.92 8.70 -26.95
CA TYR E 177 42.50 9.62 -28.00
C TYR E 177 42.54 9.02 -29.40
N TYR E 178 41.58 9.41 -30.22
CA TYR E 178 41.33 8.75 -31.50
C TYR E 178 42.40 9.17 -32.48
N ALA E 179 43.15 8.18 -32.95
CA ALA E 179 44.35 8.40 -33.77
C ALA E 179 44.02 9.16 -35.05
N SER E 180 42.87 8.83 -35.62
CA SER E 180 42.44 9.35 -36.91
C SER E 180 41.54 10.58 -36.86
N SER E 181 41.36 11.16 -35.67
CA SER E 181 40.51 12.33 -35.50
C SER E 181 40.89 13.51 -36.39
N LYS E 182 39.89 14.30 -36.81
CA LYS E 182 40.14 15.52 -37.58
C LYS E 182 41.08 16.50 -36.86
N TYR E 183 41.15 16.38 -35.54
CA TYR E 183 42.03 17.23 -34.76
C TYR E 183 43.00 16.41 -33.95
N GLU E 184 44.24 16.87 -33.86
CA GLU E 184 45.24 16.28 -32.97
C GLU E 184 45.46 17.15 -31.72
N ILE E 185 45.73 16.49 -30.60
CA ILE E 185 45.86 17.18 -29.32
C ILE E 185 47.31 17.53 -28.98
N LEU E 186 47.59 18.81 -28.72
CA LEU E 186 48.95 19.24 -28.39
C LEU E 186 49.19 19.15 -26.89
N SER E 187 48.45 19.96 -26.11
CA SER E 187 48.43 19.83 -24.66
C SER E 187 47.01 19.68 -24.10
N ALA E 188 46.90 18.92 -23.01
CA ALA E 188 45.65 18.80 -22.26
C ALA E 188 45.95 18.76 -20.76
N THR E 189 45.26 19.63 -20.01
CA THR E 189 45.46 19.70 -18.58
C THR E 189 44.14 19.80 -17.79
N GLN E 190 44.11 19.18 -16.62
CA GLN E 190 43.04 19.43 -15.66
C GLN E 190 43.60 20.18 -14.44
N THR E 191 43.14 21.42 -14.24
CA THR E 191 43.68 22.28 -13.17
C THR E 191 42.63 22.74 -12.14
N ARG E 192 42.85 22.39 -10.88
CA ARG E 192 41.92 22.79 -9.85
C ARG E 192 42.07 24.26 -9.46
N SER E 193 41.00 24.91 -9.05
CA SER E 193 41.13 26.21 -8.40
C SER E 193 39.90 26.52 -7.57
N GLU E 194 40.01 27.45 -6.63
CA GLU E 194 38.88 27.82 -5.81
C GLU E 194 38.49 29.24 -6.07
N ARG E 195 37.21 29.49 -6.24
CA ARG E 195 36.77 30.86 -6.49
C ARG E 195 36.19 31.47 -5.24
N PHE E 196 36.40 32.77 -5.09
CA PHE E 196 35.93 33.50 -3.92
C PHE E 196 35.22 34.74 -4.40
N TYR E 197 34.11 35.07 -3.76
CA TYR E 197 33.31 36.22 -4.18
C TYR E 197 33.28 37.32 -3.11
N GLU E 198 33.02 38.54 -3.54
CA GLU E 198 32.85 39.64 -2.61
C GLU E 198 31.87 39.20 -1.52
N CYS E 199 30.75 38.64 -1.95
CA CYS E 199 29.61 38.34 -1.09
C CYS E 199 29.84 37.33 0.04
N CYS E 200 30.61 36.28 -0.22
CA CYS E 200 30.65 35.12 0.68
C CYS E 200 32.03 34.57 0.98
N LYS E 201 32.21 34.13 2.22
CA LYS E 201 33.49 33.59 2.69
C LYS E 201 33.78 32.18 2.18
N GLU E 202 32.81 31.54 1.54
CA GLU E 202 32.96 30.15 1.14
C GLU E 202 33.64 29.97 -0.20
N PRO E 203 34.60 29.05 -0.26
CA PRO E 203 35.28 28.66 -1.50
C PRO E 203 34.33 27.96 -2.48
N TYR E 204 34.53 28.20 -3.77
CA TYR E 204 33.80 27.55 -4.84
C TYR E 204 34.76 26.93 -5.84
N PRO E 205 35.10 25.66 -5.64
CA PRO E 205 36.10 24.99 -6.49
C PRO E 205 35.58 24.67 -7.88
N ASP E 206 36.52 24.48 -8.79
CA ASP E 206 36.24 23.95 -10.11
C ASP E 206 37.46 23.23 -10.61
N VAL E 207 37.25 22.28 -11.53
CA VAL E 207 38.36 21.76 -12.31
C VAL E 207 38.32 22.39 -13.69
N ASN E 208 39.48 22.81 -14.16
CA ASN E 208 39.57 23.54 -15.42
C ASN E 208 40.25 22.62 -16.39
N LEU E 209 39.56 22.29 -17.47
CA LEU E 209 40.12 21.43 -18.48
C LEU E 209 40.60 22.36 -19.58
N VAL E 210 41.89 22.32 -19.86
CA VAL E 210 42.44 23.15 -20.92
C VAL E 210 43.04 22.32 -22.04
N VAL E 211 42.55 22.56 -23.25
CA VAL E 211 42.96 21.75 -24.39
C VAL E 211 43.57 22.64 -25.47
N LYS E 212 44.72 22.21 -25.99
CA LYS E 212 45.40 22.87 -27.10
C LYS E 212 45.35 21.90 -28.30
N PHE E 213 44.74 22.33 -29.40
CA PHE E 213 44.48 21.40 -30.49
C PHE E 213 44.60 22.04 -31.87
N ARG E 214 44.91 21.23 -32.87
CA ARG E 214 45.04 21.73 -34.24
C ARG E 214 44.61 20.67 -35.25
N GLU E 215 44.28 21.11 -36.47
CA GLU E 215 43.91 20.22 -37.55
C GLU E 215 45.00 19.17 -37.78
N ARG E 216 44.58 17.94 -38.08
CA ARG E 216 45.51 16.81 -38.26
C ARG E 216 46.47 16.91 -39.46
N ARG E 217 46.10 17.70 -40.46
CA ARG E 217 46.91 17.87 -41.65
CA ARG E 217 46.92 17.86 -41.65
C ARG E 217 46.59 19.18 -42.36
N LYS F 3 -37.58 6.14 -12.13
CA LYS F 3 -37.98 4.75 -11.90
C LYS F 3 -37.65 4.38 -10.48
N ASP F 4 -38.46 3.51 -9.91
CA ASP F 4 -38.36 3.20 -8.49
C ASP F 4 -37.10 2.41 -8.17
N ASP F 5 -36.58 1.65 -9.14
CA ASP F 5 -35.38 0.84 -8.93
C ASP F 5 -34.13 1.71 -8.98
N ASP F 6 -34.20 2.76 -9.79
CA ASP F 6 -33.07 3.67 -9.91
C ASP F 6 -33.01 4.63 -8.73
N ASP F 7 -34.15 4.90 -8.12
CA ASP F 7 -34.16 5.74 -6.93
C ASP F 7 -33.46 5.03 -5.77
N LYS F 8 -33.75 3.75 -5.61
CA LYS F 8 -33.11 2.93 -4.59
C LYS F 8 -31.62 3.00 -4.79
N LEU F 9 -31.20 2.87 -6.05
CA LEU F 9 -29.80 2.86 -6.44
C LEU F 9 -29.13 4.21 -6.17
N HIS F 10 -29.77 5.30 -6.60
CA HIS F 10 -29.22 6.62 -6.38
C HIS F 10 -29.11 6.92 -4.90
N SER F 11 -30.00 6.37 -4.09
CA SER F 11 -29.98 6.66 -2.65
C SER F 11 -29.01 5.77 -1.86
N GLN F 12 -28.58 4.65 -2.44
CA GLN F 12 -27.55 3.79 -1.84
C GLN F 12 -26.21 4.49 -1.99
N ALA F 13 -26.04 5.16 -3.13
CA ALA F 13 -24.78 5.82 -3.47
C ALA F 13 -24.62 7.13 -2.74
N ASN F 14 -25.73 7.83 -2.53
CA ASN F 14 -25.72 9.05 -1.76
C ASN F 14 -25.30 8.80 -0.32
N LEU F 15 -25.72 7.67 0.24
CA LEU F 15 -25.41 7.38 1.61
C LEU F 15 -23.98 6.87 1.77
N MET F 16 -23.53 6.07 0.81
CA MET F 16 -22.15 5.62 0.83
C MET F 16 -21.24 6.84 0.69
N ARG F 17 -21.69 7.79 -0.11
CA ARG F 17 -20.91 9.01 -0.37
C ARG F 17 -20.88 9.94 0.83
N LEU F 18 -22.01 10.07 1.52
CA LEU F 18 -22.06 10.87 2.74
C LEU F 18 -21.10 10.32 3.78
N LYS F 19 -21.00 8.99 3.83
CA LYS F 19 -20.19 8.33 4.84
C LYS F 19 -18.69 8.47 4.63
N SER F 20 -18.22 8.41 3.39
CA SER F 20 -16.79 8.62 3.17
C SER F 20 -16.47 10.11 3.27
N ASP F 21 -17.39 10.97 2.84
CA ASP F 21 -17.19 12.41 2.99
C ASP F 21 -17.08 12.85 4.46
N LEU F 22 -17.46 11.97 5.39
CA LEU F 22 -17.32 12.21 6.83
C LEU F 22 -16.24 11.43 7.61
N PHE F 23 -16.21 10.12 7.39
CA PHE F 23 -15.27 9.23 8.08
C PHE F 23 -13.92 8.96 7.41
N ASN F 24 -13.88 9.07 6.10
CA ASN F 24 -12.69 8.68 5.35
C ASN F 24 -11.84 9.79 4.72
N ARG F 25 -12.49 10.71 4.01
CA ARG F 25 -11.87 11.97 3.62
C ARG F 25 -11.39 12.82 4.81
N SER F 26 -12.31 13.29 5.66
CA SER F 26 -11.88 14.01 6.87
C SER F 26 -11.59 13.05 8.05
N PRO F 27 -10.58 13.39 8.90
CA PRO F 27 -10.04 12.52 9.96
C PRO F 27 -10.94 12.43 11.19
N MET F 28 -10.89 11.31 11.93
CA MET F 28 -11.79 11.14 13.07
C MET F 28 -11.50 12.09 14.24
N TYR F 29 -12.58 12.64 14.78
CA TYR F 29 -12.58 13.67 15.82
C TYR F 29 -11.80 13.29 17.10
N PRO F 30 -10.85 14.15 17.49
CA PRO F 30 -9.83 13.89 18.51
C PRO F 30 -10.38 13.74 19.92
N GLY F 31 -11.63 14.16 20.13
CA GLY F 31 -12.21 14.23 21.45
C GLY F 31 -12.34 15.68 21.85
N PRO F 32 -13.10 15.97 22.90
CA PRO F 32 -13.16 17.41 23.22
C PRO F 32 -11.90 17.88 23.93
N THR F 33 -11.83 19.19 24.18
CA THR F 33 -10.72 19.81 24.90
C THR F 33 -11.33 21.00 25.60
N LYS F 34 -10.55 21.72 26.38
CA LYS F 34 -11.08 22.89 27.08
C LYS F 34 -11.50 23.99 26.09
N ASP F 35 -10.89 23.99 24.91
CA ASP F 35 -11.17 24.97 23.86
C ASP F 35 -12.28 24.51 22.94
N ASP F 36 -12.68 23.25 23.09
CA ASP F 36 -13.75 22.69 22.29
C ASP F 36 -14.53 21.74 23.18
N PRO F 37 -15.30 22.29 24.13
CA PRO F 37 -16.01 21.53 25.17
C PRO F 37 -17.27 20.91 24.61
N LEU F 38 -17.69 19.80 25.19
CA LEU F 38 -18.82 19.06 24.66
C LEU F 38 -19.83 18.68 25.73
N THR F 39 -21.11 18.90 25.44
CA THR F 39 -22.14 18.43 26.36
C THR F 39 -22.71 17.10 25.90
N VAL F 40 -22.67 16.13 26.80
CA VAL F 40 -23.31 14.84 26.64
C VAL F 40 -24.56 14.79 27.51
N TYR F 41 -25.70 14.42 26.93
CA TYR F 41 -26.89 14.24 27.75
C TYR F 41 -27.03 12.79 28.17
N LEU F 42 -27.44 12.56 29.42
CA LEU F 42 -27.72 11.21 29.91
C LEU F 42 -29.17 11.02 30.30
N SER F 43 -29.69 9.85 30.01
CA SER F 43 -31.01 9.44 30.47
C SER F 43 -31.01 7.94 30.73
N PHE F 44 -31.67 7.50 31.78
CA PHE F 44 -31.72 6.07 32.09
C PHE F 44 -33.12 5.50 31.90
N SER F 45 -33.17 4.26 31.44
CA SER F 45 -34.41 3.52 31.43
C SER F 45 -34.21 2.18 32.14
N LEU F 46 -34.86 2.02 33.27
CA LEU F 46 -34.77 0.79 34.02
C LEU F 46 -35.59 -0.31 33.38
N LEU F 47 -35.05 -1.52 33.44
CA LEU F 47 -35.61 -2.69 32.75
C LEU F 47 -35.92 -3.83 33.72
N ASP F 48 -34.88 -4.33 34.37
CA ASP F 48 -35.04 -5.38 35.34
C ASP F 48 -33.95 -5.26 36.39
N ILE F 49 -34.27 -5.53 37.66
CA ILE F 49 -33.24 -5.77 38.67
C ILE F 49 -33.16 -7.27 38.81
N VAL F 50 -32.08 -7.85 38.31
CA VAL F 50 -32.05 -9.29 38.16
C VAL F 50 -31.79 -10.01 39.47
N LYS F 51 -30.82 -9.54 40.24
CA LYS F 51 -30.61 -10.10 41.57
C LYS F 51 -29.94 -9.09 42.48
N ALA F 52 -30.13 -9.28 43.78
CA ALA F 52 -29.39 -8.53 44.80
C ALA F 52 -28.70 -9.53 45.72
N ASP F 53 -27.37 -9.60 45.69
CA ASP F 53 -26.65 -10.60 46.48
C ASP F 53 -26.25 -10.02 47.84
N SER F 54 -26.88 -10.53 48.90
CA SER F 54 -26.69 -9.93 50.22
C SER F 54 -25.41 -10.44 50.87
N SER F 55 -24.84 -11.48 50.30
CA SER F 55 -23.58 -12.03 50.79
C SER F 55 -22.38 -11.22 50.31
N THR F 56 -22.43 -10.78 49.05
CA THR F 56 -21.41 -9.89 48.50
C THR F 56 -21.78 -8.40 48.43
N ASN F 57 -23.00 -8.07 48.81
CA ASN F 57 -23.48 -6.70 48.61
C ASN F 57 -23.26 -6.17 47.20
N GLU F 58 -23.64 -6.96 46.21
CA GLU F 58 -23.69 -6.46 44.84
C GLU F 58 -25.10 -6.65 44.29
N VAL F 59 -25.46 -5.82 43.32
CA VAL F 59 -26.77 -5.90 42.71
C VAL F 59 -26.60 -5.83 41.20
N ASP F 60 -27.31 -6.69 40.49
CA ASP F 60 -27.24 -6.73 39.03
C ASP F 60 -28.47 -6.07 38.44
N LEU F 61 -28.22 -5.06 37.62
CA LEU F 61 -29.28 -4.28 37.00
C LEU F 61 -29.22 -4.38 35.45
N VAL F 62 -30.36 -4.52 34.78
CA VAL F 62 -30.40 -4.38 33.31
C VAL F 62 -31.07 -3.06 32.96
N TYR F 63 -30.49 -2.31 32.04
CA TYR F 63 -31.04 -0.99 31.71
C TYR F 63 -30.59 -0.50 30.35
N TRP F 64 -31.32 0.48 29.81
CA TRP F 64 -30.86 1.23 28.65
C TRP F 64 -30.32 2.57 29.14
N GLU F 65 -29.15 2.94 28.62
CA GLU F 65 -28.55 4.21 28.95
C GLU F 65 -28.50 5.08 27.70
N GLN F 66 -29.30 6.13 27.67
CA GLN F 66 -29.24 7.01 26.52
C GLN F 66 -28.14 8.04 26.66
N GLN F 67 -27.31 8.13 25.61
CA GLN F 67 -26.23 9.10 25.55
C GLN F 67 -26.46 9.94 24.31
N SER F 68 -26.46 11.26 24.47
CA SER F 68 -26.64 12.16 23.33
C SER F 68 -25.56 13.23 23.31
N TRP F 69 -25.13 13.59 22.13
CA TRP F 69 -24.20 14.70 21.98
C TRP F 69 -24.25 15.29 20.58
N LYS F 70 -23.77 16.53 20.43
CA LYS F 70 -23.67 17.14 19.11
C LYS F 70 -22.21 17.40 18.72
N LEU F 71 -21.91 17.24 17.44
CA LEU F 71 -20.60 17.55 16.90
C LEU F 71 -20.77 18.31 15.59
N ASN F 72 -20.11 19.46 15.47
CA ASN F 72 -20.15 20.21 14.21
C ASN F 72 -19.55 19.38 13.10
N SER F 73 -18.70 18.43 13.47
CA SER F 73 -18.00 17.63 12.47
C SER F 73 -18.86 16.59 11.74
N LEU F 74 -19.92 16.07 12.38
CA LEU F 74 -20.88 15.31 11.60
C LEU F 74 -22.09 16.20 11.38
N MET F 75 -22.14 16.80 10.21
CA MET F 75 -23.20 17.74 9.92
C MET F 75 -23.20 17.70 8.43
N TRP F 76 -24.36 17.83 7.80
CA TRP F 76 -24.36 17.91 6.37
C TRP F 76 -25.62 18.59 5.92
N ASP F 77 -25.56 19.09 4.70
CA ASP F 77 -26.72 19.69 4.06
C ASP F 77 -27.44 18.54 3.37
N PRO F 78 -28.62 18.16 3.87
CA PRO F 78 -29.34 17.03 3.27
C PRO F 78 -29.48 17.20 1.76
N ASN F 79 -29.56 18.45 1.29
CA ASN F 79 -29.78 18.74 -0.13
C ASN F 79 -28.72 18.16 -1.05
N GLU F 80 -27.47 18.18 -0.60
CA GLU F 80 -26.35 17.72 -1.42
C GLU F 80 -26.31 16.21 -1.49
N TYR F 81 -27.14 15.55 -0.69
CA TYR F 81 -26.89 14.17 -0.26
C TYR F 81 -28.15 13.34 -0.34
N GLY F 82 -29.11 13.76 -1.17
CA GLY F 82 -30.27 12.95 -1.48
C GLY F 82 -31.43 13.21 -0.53
N ASN F 83 -31.31 14.27 0.25
CA ASN F 83 -32.25 14.53 1.34
C ASN F 83 -32.23 13.41 2.38
N ILE F 84 -31.04 12.88 2.62
CA ILE F 84 -30.83 11.97 3.73
C ILE F 84 -30.69 12.84 4.98
N THR F 85 -31.63 12.69 5.92
CA THR F 85 -31.60 13.50 7.13
C THR F 85 -30.91 12.80 8.33
N ASP F 86 -30.65 11.50 8.18
CA ASP F 86 -29.89 10.79 9.21
C ASP F 86 -29.42 9.43 8.74
N PHE F 87 -28.62 8.75 9.58
CA PHE F 87 -28.08 7.44 9.26
C PHE F 87 -27.63 6.65 10.47
N ARG F 88 -27.54 5.33 10.33
CA ARG F 88 -27.07 4.44 11.39
C ARG F 88 -25.66 3.94 11.09
N THR F 89 -24.84 3.78 12.13
CA THR F 89 -23.50 3.23 11.95
C THR F 89 -23.03 2.49 13.17
N SER F 90 -22.02 1.66 12.98
CA SER F 90 -21.35 1.00 14.09
C SER F 90 -20.77 2.07 14.99
N ALA F 91 -20.83 1.86 16.30
CA ALA F 91 -20.30 2.85 17.22
C ALA F 91 -18.78 2.94 17.15
N ALA F 92 -18.14 1.90 16.61
CA ALA F 92 -16.70 1.94 16.45
C ALA F 92 -16.21 3.00 15.45
N ASP F 93 -17.10 3.44 14.56
CA ASP F 93 -16.75 4.41 13.52
C ASP F 93 -16.83 5.85 13.98
N ILE F 94 -17.42 6.05 15.14
CA ILE F 94 -17.57 7.41 15.63
C ILE F 94 -16.95 7.54 17.00
N TRP F 95 -16.58 8.75 17.33
CA TRP F 95 -16.16 9.00 18.68
C TRP F 95 -17.36 8.79 19.59
N THR F 96 -17.10 8.13 20.71
CA THR F 96 -18.10 7.95 21.74
C THR F 96 -17.46 8.36 23.06
N PRO F 97 -18.26 8.99 23.93
CA PRO F 97 -17.80 9.50 25.24
C PRO F 97 -17.44 8.37 26.19
N ASP F 98 -16.50 8.56 27.10
CA ASP F 98 -16.20 7.42 27.94
C ASP F 98 -16.92 7.63 29.25
N ILE F 99 -18.04 6.95 29.39
CA ILE F 99 -18.92 7.19 30.51
C ILE F 99 -18.97 5.87 31.19
N THR F 100 -18.79 5.88 32.50
CA THR F 100 -18.66 4.66 33.26
C THR F 100 -19.53 4.75 34.48
N ALA F 101 -19.90 3.60 35.01
CA ALA F 101 -20.44 3.51 36.36
C ALA F 101 -19.28 3.44 37.35
N TYR F 102 -19.25 4.34 38.32
CA TYR F 102 -18.13 4.42 39.24
C TYR F 102 -18.05 3.23 40.21
N SER F 103 -19.20 2.67 40.54
CA SER F 103 -19.32 1.60 41.54
C SER F 103 -19.30 0.17 40.98
N SER F 104 -19.05 0.00 39.68
CA SER F 104 -19.10 -1.35 39.08
C SER F 104 -18.13 -2.37 39.70
N THR F 105 -18.65 -3.56 40.00
CA THR F 105 -17.85 -4.69 40.49
C THR F 105 -17.47 -5.77 39.47
N ARG F 106 -17.99 -5.63 38.26
N ARG F 106 -17.98 -5.63 38.25
CA ARG F 106 -17.68 -6.52 37.14
CA ARG F 106 -17.68 -6.53 37.15
C ARG F 106 -17.65 -5.69 35.88
C ARG F 106 -17.70 -5.72 35.87
N PRO F 107 -17.00 -6.20 34.83
CA PRO F 107 -17.08 -5.52 33.54
C PRO F 107 -18.54 -5.42 33.12
N VAL F 108 -18.98 -4.26 32.63
CA VAL F 108 -20.33 -4.12 32.10
C VAL F 108 -20.51 -5.09 30.94
N GLN F 109 -21.73 -5.56 30.74
CA GLN F 109 -22.02 -6.44 29.62
C GLN F 109 -23.01 -5.80 28.64
N VAL F 110 -22.61 -5.72 27.37
CA VAL F 110 -23.47 -5.15 26.34
C VAL F 110 -24.47 -6.17 25.83
N LEU F 111 -25.76 -5.84 25.99
CA LEU F 111 -26.87 -6.74 25.64
C LEU F 111 -27.48 -6.51 24.26
N SER F 112 -26.97 -5.54 23.52
CA SER F 112 -27.59 -5.03 22.31
C SER F 112 -26.54 -4.66 21.27
N PRO F 113 -26.92 -4.67 19.98
CA PRO F 113 -25.99 -4.24 18.92
C PRO F 113 -25.40 -2.89 19.25
N GLN F 114 -24.12 -2.66 18.94
CA GLN F 114 -23.58 -1.35 19.29
C GLN F 114 -23.56 -0.51 18.03
N ASN F 115 -24.52 0.39 17.95
CA ASN F 115 -24.79 1.16 16.74
C ASN F 115 -25.39 2.46 17.19
N ALA F 116 -25.12 3.53 16.46
CA ALA F 116 -25.66 4.83 16.83
C ALA F 116 -26.42 5.50 15.69
N LEU F 117 -27.32 6.39 16.05
CA LEU F 117 -28.07 7.14 15.07
C LEU F 117 -27.51 8.54 14.92
N VAL F 118 -26.92 8.83 13.77
CA VAL F 118 -26.36 10.14 13.48
C VAL F 118 -27.28 10.92 12.53
N ASN F 119 -27.51 12.19 12.81
CA ASN F 119 -28.37 13.01 11.94
C ASN F 119 -27.78 14.35 11.47
N SER F 120 -28.45 14.96 10.49
CA SER F 120 -27.88 16.06 9.69
C SER F 120 -27.48 17.32 10.46
N SER F 121 -28.05 17.52 11.64
CA SER F 121 -27.65 18.65 12.48
C SER F 121 -26.43 18.31 13.37
N GLY F 122 -25.92 17.09 13.23
CA GLY F 122 -24.73 16.70 13.95
C GLY F 122 -24.95 15.96 15.25
N HIS F 123 -26.21 15.82 15.65
CA HIS F 123 -26.55 15.12 16.88
C HIS F 123 -26.30 13.63 16.72
N VAL F 124 -25.67 13.03 17.71
CA VAL F 124 -25.50 11.60 17.75
C VAL F 124 -26.39 11.05 18.86
N GLN F 125 -27.07 9.94 18.61
CA GLN F 125 -27.82 9.29 19.67
C GLN F 125 -27.34 7.86 19.83
N TYR F 126 -26.82 7.53 21.00
CA TYR F 126 -26.33 6.18 21.24
C TYR F 126 -27.04 5.51 22.42
N LEU F 127 -27.54 4.29 22.22
CA LEU F 127 -28.34 3.66 23.26
C LEU F 127 -27.97 2.21 23.57
N PRO F 128 -26.91 2.01 24.35
CA PRO F 128 -26.51 0.67 24.81
C PRO F 128 -27.44 0.05 25.85
N ALA F 129 -27.83 -1.21 25.67
CA ALA F 129 -28.55 -1.93 26.69
C ALA F 129 -27.54 -2.77 27.39
N GLN F 130 -27.50 -2.66 28.72
CA GLN F 130 -26.44 -3.27 29.53
C GLN F 130 -26.89 -3.99 30.80
N ARG F 131 -26.06 -4.93 31.23
CA ARG F 131 -26.19 -5.45 32.57
C ARG F 131 -24.93 -5.13 33.38
N LEU F 132 -25.17 -4.37 34.46
CA LEU F 132 -24.17 -3.89 35.38
C LEU F 132 -24.31 -4.55 36.75
N SER F 133 -23.22 -5.11 37.29
CA SER F 133 -23.17 -5.45 38.72
C SER F 133 -22.43 -4.32 39.43
N PHE F 134 -23.07 -3.71 40.40
CA PHE F 134 -22.48 -2.57 41.08
C PHE F 134 -22.59 -2.72 42.61
N MET F 135 -21.88 -1.88 43.36
CA MET F 135 -21.80 -2.08 44.80
C MET F 135 -23.07 -1.60 45.46
N CYS F 136 -23.76 -2.53 46.12
CA CYS F 136 -25.02 -2.20 46.77
C CYS F 136 -25.27 -3.11 47.96
N ASP F 137 -25.81 -2.55 49.03
CA ASP F 137 -26.17 -3.34 50.22
C ASP F 137 -27.68 -3.42 50.28
N PRO F 138 -28.22 -4.60 49.97
CA PRO F 138 -29.65 -4.88 49.76
C PRO F 138 -30.51 -4.82 51.03
N THR F 139 -29.92 -4.84 52.23
CA THR F 139 -30.73 -5.00 53.44
C THR F 139 -31.91 -4.04 53.48
N GLY F 140 -33.05 -4.57 53.94
CA GLY F 140 -34.29 -3.81 53.97
C GLY F 140 -35.09 -4.10 52.73
N VAL F 141 -34.54 -4.99 51.90
CA VAL F 141 -35.13 -5.32 50.62
C VAL F 141 -36.38 -6.16 50.87
N ASP F 142 -36.36 -6.89 51.99
CA ASP F 142 -37.48 -7.74 52.38
C ASP F 142 -38.48 -7.02 53.29
N SER F 143 -38.29 -5.71 53.50
CA SER F 143 -39.24 -4.93 54.26
C SER F 143 -40.09 -4.10 53.31
N GLU F 144 -41.05 -3.36 53.85
CA GLU F 144 -41.96 -2.56 53.04
C GLU F 144 -41.39 -1.20 52.64
N GLU F 145 -40.40 -0.75 53.42
CA GLU F 145 -39.75 0.55 53.23
C GLU F 145 -38.72 0.48 52.13
N GLY F 146 -38.21 -0.73 51.92
CA GLY F 146 -37.34 -1.01 50.80
C GLY F 146 -35.87 -0.76 51.10
N ALA F 147 -35.02 -1.30 50.23
CA ALA F 147 -33.60 -1.05 50.26
C ALA F 147 -33.32 0.09 49.29
N THR F 148 -32.34 0.93 49.60
CA THR F 148 -31.93 1.94 48.64
C THR F 148 -30.50 1.71 48.18
N CYS F 149 -30.24 2.01 46.91
CA CYS F 149 -28.89 1.90 46.37
C CYS F 149 -28.61 2.93 45.29
N ALA F 150 -27.35 3.31 45.19
CA ALA F 150 -26.94 4.33 44.25
C ALA F 150 -25.63 3.99 43.56
N VAL F 151 -25.52 4.43 42.31
CA VAL F 151 -24.30 4.29 41.54
C VAL F 151 -24.16 5.54 40.70
N LYS F 152 -22.93 6.06 40.64
CA LYS F 152 -22.67 7.30 39.90
C LYS F 152 -22.09 7.06 38.50
N PHE F 153 -22.54 7.86 37.56
CA PHE F 153 -22.11 7.76 36.16
C PHE F 153 -21.40 9.03 35.74
N GLY F 154 -20.32 8.92 34.98
CA GLY F 154 -19.64 10.09 34.45
C GLY F 154 -18.48 9.70 33.56
N SER F 155 -17.85 10.68 32.93
CA SER F 155 -16.64 10.38 32.17
C SER F 155 -15.58 9.82 33.09
N TRP F 156 -14.75 8.92 32.58
CA TRP F 156 -13.60 8.49 33.37
C TRP F 156 -12.42 9.48 33.31
N SER F 157 -12.04 9.87 32.11
CA SER F 157 -10.88 10.72 31.88
C SER F 157 -11.07 12.23 31.63
N TYR F 158 -12.29 12.72 31.60
CA TYR F 158 -12.54 14.12 31.20
C TYR F 158 -13.18 14.90 32.33
N GLY F 159 -12.81 16.18 32.47
CA GLY F 159 -13.43 17.01 33.48
C GLY F 159 -14.54 17.88 32.90
N GLY F 160 -15.23 18.63 33.75
CA GLY F 160 -16.38 19.42 33.35
C GLY F 160 -16.10 20.45 32.26
N TRP F 161 -14.82 20.72 32.04
CA TRP F 161 -14.40 21.73 31.07
C TRP F 161 -14.19 21.15 29.69
N GLU F 162 -14.16 19.83 29.60
CA GLU F 162 -14.06 19.14 28.33
C GLU F 162 -15.33 18.39 27.92
N ILE F 163 -15.85 17.59 28.85
CA ILE F 163 -17.17 16.99 28.78
C ILE F 163 -18.07 17.46 29.93
N ASP F 164 -19.19 18.07 29.56
CA ASP F 164 -20.23 18.48 30.50
C ASP F 164 -21.46 17.55 30.41
N LEU F 165 -21.79 16.87 31.52
CA LEU F 165 -22.99 16.04 31.62
C LEU F 165 -24.24 16.84 31.96
N LYS F 166 -25.33 16.55 31.25
CA LYS F 166 -26.62 17.08 31.65
C LYS F 166 -27.58 15.91 31.68
N THR F 167 -28.83 16.16 32.07
CA THR F 167 -29.88 15.18 31.95
C THR F 167 -31.10 15.90 31.44
N ASP F 168 -32.07 15.16 30.89
CA ASP F 168 -33.35 15.75 30.47
C ASP F 168 -34.30 15.98 31.66
N THR F 169 -34.33 15.00 32.57
CA THR F 169 -35.26 14.97 33.69
C THR F 169 -34.62 14.26 34.87
N ASP F 170 -35.17 14.44 36.06
CA ASP F 170 -34.66 13.76 37.25
C ASP F 170 -35.37 12.43 37.48
N GLN F 171 -36.29 12.09 36.59
CA GLN F 171 -37.01 10.83 36.73
C GLN F 171 -36.52 9.77 35.75
N VAL F 172 -35.95 8.70 36.32
CA VAL F 172 -35.62 7.53 35.54
C VAL F 172 -36.90 7.01 34.93
N ASP F 173 -36.78 6.46 33.71
CA ASP F 173 -37.93 5.97 32.95
C ASP F 173 -38.19 4.52 33.32
N LEU F 174 -39.35 4.29 33.94
CA LEU F 174 -39.78 2.96 34.39
C LEU F 174 -40.77 2.25 33.48
N SER F 175 -41.15 2.89 32.38
CA SER F 175 -42.24 2.36 31.56
C SER F 175 -41.88 1.06 30.80
N SER F 176 -40.60 0.72 30.71
CA SER F 176 -40.20 -0.60 30.21
C SER F 176 -39.84 -1.63 31.29
N TYR F 177 -39.97 -1.27 32.57
CA TYR F 177 -39.57 -2.17 33.66
C TYR F 177 -40.37 -3.46 33.67
N TYR F 178 -39.71 -4.55 34.04
CA TYR F 178 -40.32 -5.85 33.92
C TYR F 178 -41.30 -6.13 35.08
N ALA F 179 -42.57 -6.30 34.73
CA ALA F 179 -43.63 -6.33 35.75
C ALA F 179 -43.51 -7.57 36.60
N SER F 180 -42.84 -8.59 36.07
CA SER F 180 -42.67 -9.85 36.79
C SER F 180 -41.35 -10.03 37.54
N SER F 181 -40.54 -8.99 37.60
CA SER F 181 -39.26 -9.06 38.31
C SER F 181 -39.42 -9.55 39.77
N LYS F 182 -38.40 -10.22 40.30
CA LYS F 182 -38.39 -10.51 41.73
C LYS F 182 -38.49 -9.20 42.48
N TYR F 183 -38.14 -8.11 41.82
CA TYR F 183 -38.05 -6.84 42.51
C TYR F 183 -38.96 -5.79 41.91
N GLU F 184 -39.44 -4.92 42.77
CA GLU F 184 -40.38 -3.85 42.45
C GLU F 184 -39.70 -2.48 42.68
N ILE F 185 -39.95 -1.52 41.80
CA ILE F 185 -39.31 -0.22 41.94
C ILE F 185 -40.22 0.75 42.71
N LEU F 186 -39.82 1.12 43.92
CA LEU F 186 -40.51 2.18 44.65
C LEU F 186 -40.24 3.56 44.02
N SER F 187 -38.96 3.92 43.83
CA SER F 187 -38.60 5.09 43.03
C SER F 187 -37.19 4.99 42.41
N ALA F 188 -37.01 5.68 41.27
CA ALA F 188 -35.71 5.75 40.62
C ALA F 188 -35.51 7.17 40.13
N THR F 189 -34.39 7.77 40.53
CA THR F 189 -34.08 9.16 40.17
C THR F 189 -32.69 9.28 39.54
N GLN F 190 -32.57 10.16 38.56
CA GLN F 190 -31.27 10.49 37.99
C GLN F 190 -30.90 11.98 38.18
N THR F 191 -29.92 12.24 39.03
CA THR F 191 -29.59 13.61 39.44
C THR F 191 -28.13 14.02 39.18
N ARG F 192 -27.96 15.12 38.45
CA ARG F 192 -26.64 15.64 38.18
C ARG F 192 -26.03 16.30 39.42
N SER F 193 -24.77 15.97 39.71
CA SER F 193 -24.05 16.65 40.78
C SER F 193 -22.69 17.13 40.30
N GLU F 194 -22.21 18.26 40.83
CA GLU F 194 -20.86 18.70 40.53
C GLU F 194 -19.94 18.44 41.69
N ARG F 195 -18.74 18.01 41.37
CA ARG F 195 -17.73 17.76 42.38
C ARG F 195 -16.54 18.67 42.14
N PHE F 196 -15.95 19.17 43.22
CA PHE F 196 -14.73 19.93 43.09
C PHE F 196 -13.59 19.27 43.83
N TYR F 197 -12.41 19.31 43.21
CA TYR F 197 -11.20 18.74 43.78
C TYR F 197 -10.38 20.00 44.11
N GLU F 198 -10.03 20.20 45.36
CA GLU F 198 -9.28 21.42 45.66
C GLU F 198 -7.93 21.47 44.94
N CYS F 199 -7.47 20.33 44.61
CA CYS F 199 -6.25 20.15 43.86
C CYS F 199 -6.38 20.90 42.53
N CYS F 200 -7.63 21.17 42.14
CA CYS F 200 -7.98 21.69 40.82
C CYS F 200 -9.13 22.70 40.98
N LYS F 201 -9.34 23.56 39.98
CA LYS F 201 -10.52 24.41 39.93
CA LYS F 201 -10.53 24.40 39.95
C LYS F 201 -11.53 23.88 38.90
N GLU F 202 -11.16 22.80 38.23
CA GLU F 202 -12.06 22.16 37.28
C GLU F 202 -13.14 21.43 38.03
N PRO F 203 -14.41 21.71 37.68
CA PRO F 203 -15.55 20.97 38.21
C PRO F 203 -15.62 19.58 37.57
N TYR F 204 -15.99 18.56 38.34
CA TYR F 204 -16.20 17.23 37.77
C TYR F 204 -17.66 16.74 37.91
N PRO F 205 -18.41 16.69 36.79
CA PRO F 205 -19.81 16.27 36.81
C PRO F 205 -19.99 14.76 36.89
N ASP F 206 -21.14 14.36 37.44
CA ASP F 206 -21.56 12.98 37.41
C ASP F 206 -23.07 12.99 37.57
N VAL F 207 -23.71 11.91 37.11
CA VAL F 207 -25.13 11.67 37.32
C VAL F 207 -25.30 10.56 38.33
N ASN F 208 -26.00 10.87 39.42
CA ASN F 208 -26.30 9.88 40.45
C ASN F 208 -27.63 9.18 40.15
N LEU F 209 -27.55 7.88 39.90
CA LEU F 209 -28.74 7.06 39.74
C LEU F 209 -29.07 6.41 41.06
N VAL F 210 -30.26 6.71 41.59
CA VAL F 210 -30.65 6.25 42.91
C VAL F 210 -31.93 5.46 42.82
N VAL F 211 -31.92 4.25 43.35
CA VAL F 211 -33.06 3.35 43.21
C VAL F 211 -33.51 2.77 44.55
N LYS F 212 -34.81 2.91 44.84
CA LYS F 212 -35.43 2.31 46.00
C LYS F 212 -36.24 1.14 45.52
N PHE F 213 -35.91 -0.06 46.00
CA PHE F 213 -36.54 -1.29 45.52
C PHE F 213 -36.85 -2.24 46.67
N ARG F 214 -37.79 -3.15 46.44
CA ARG F 214 -38.12 -4.16 47.45
C ARG F 214 -38.68 -5.40 46.78
N GLU F 215 -38.70 -6.50 47.52
CA GLU F 215 -39.25 -7.74 47.02
C GLU F 215 -40.75 -7.55 46.81
N ARG F 216 -41.36 -8.41 46.01
CA ARG F 216 -42.77 -8.26 45.71
C ARG F 216 -43.67 -8.94 46.75
N LYS G 3 -8.69 -34.13 -17.74
CA LYS G 3 -9.73 -35.03 -17.26
C LYS G 3 -10.88 -34.25 -16.61
N ASP G 4 -11.31 -34.73 -15.45
CA ASP G 4 -12.46 -34.21 -14.74
C ASP G 4 -12.03 -33.18 -13.69
N ASP G 5 -10.72 -32.95 -13.61
CA ASP G 5 -10.20 -31.95 -12.68
C ASP G 5 -10.36 -30.55 -13.25
N ASP G 6 -10.37 -30.43 -14.58
CA ASP G 6 -10.50 -29.12 -15.19
C ASP G 6 -11.88 -28.57 -14.86
N ASP G 7 -12.88 -29.45 -14.76
CA ASP G 7 -14.24 -29.03 -14.44
C ASP G 7 -14.35 -28.58 -13.00
N LYS G 8 -13.52 -29.15 -12.14
CA LYS G 8 -13.40 -28.71 -10.74
C LYS G 8 -12.60 -27.42 -10.61
N LEU G 9 -11.60 -27.25 -11.47
CA LEU G 9 -10.77 -26.07 -11.47
C LEU G 9 -11.57 -24.84 -11.81
N HIS G 10 -12.39 -24.95 -12.84
CA HIS G 10 -13.21 -23.82 -13.27
C HIS G 10 -14.21 -23.45 -12.20
N SER G 11 -14.76 -24.46 -11.54
CA SER G 11 -15.72 -24.24 -10.49
C SER G 11 -15.13 -23.45 -9.31
N GLN G 12 -13.89 -23.75 -8.93
CA GLN G 12 -13.24 -22.97 -7.88
C GLN G 12 -13.00 -21.52 -8.30
N ALA G 13 -12.49 -21.33 -9.51
CA ALA G 13 -12.22 -19.99 -10.04
C ALA G 13 -13.49 -19.20 -10.16
N ASN G 14 -14.51 -19.83 -10.70
CA ASN G 14 -15.81 -19.19 -10.85
C ASN G 14 -16.32 -18.68 -9.53
N LEU G 15 -16.22 -19.51 -8.51
CA LEU G 15 -16.67 -19.11 -7.20
C LEU G 15 -15.85 -17.94 -6.70
N MET G 16 -14.53 -18.06 -6.74
CA MET G 16 -13.64 -16.97 -6.30
C MET G 16 -13.91 -15.67 -7.04
N ARG G 17 -14.12 -15.79 -8.35
CA ARG G 17 -14.41 -14.62 -9.17
C ARG G 17 -15.76 -14.01 -8.82
N LEU G 18 -16.76 -14.85 -8.57
CA LEU G 18 -18.06 -14.36 -8.12
C LEU G 18 -17.93 -13.56 -6.83
N LYS G 19 -17.18 -14.08 -5.86
CA LYS G 19 -16.99 -13.42 -4.57
C LYS G 19 -16.22 -12.11 -4.73
N SER G 20 -15.21 -12.09 -5.60
CA SER G 20 -14.45 -10.88 -5.84
C SER G 20 -15.32 -9.81 -6.51
N ASP G 21 -16.17 -10.22 -7.46
CA ASP G 21 -17.08 -9.28 -8.12
C ASP G 21 -18.08 -8.67 -7.15
N LEU G 22 -18.55 -9.46 -6.19
CA LEU G 22 -19.47 -8.96 -5.18
C LEU G 22 -18.80 -8.16 -4.05
N PHE G 23 -17.69 -8.69 -3.51
CA PHE G 23 -17.05 -8.17 -2.26
C PHE G 23 -15.81 -7.26 -2.33
N ASN G 24 -15.28 -7.03 -3.54
CA ASN G 24 -14.00 -6.34 -3.79
C ASN G 24 -14.21 -5.25 -4.84
N ARG G 25 -14.75 -5.70 -5.97
CA ARG G 25 -15.13 -4.88 -7.11
C ARG G 25 -16.47 -4.17 -6.83
N SER G 26 -16.90 -4.21 -5.58
CA SER G 26 -18.07 -3.50 -5.11
C SER G 26 -18.04 -3.52 -3.59
N PRO G 27 -18.37 -2.38 -2.97
CA PRO G 27 -18.26 -2.08 -1.53
C PRO G 27 -19.42 -2.67 -0.76
N MET G 28 -19.23 -2.89 0.54
CA MET G 28 -20.28 -3.48 1.36
C MET G 28 -21.52 -2.58 1.38
N TYR G 29 -22.67 -3.21 1.57
CA TYR G 29 -23.94 -2.53 1.67
C TYR G 29 -23.87 -1.51 2.81
N PRO G 30 -24.38 -0.29 2.57
CA PRO G 30 -24.46 0.75 3.61
C PRO G 30 -25.53 0.48 4.67
N GLY G 31 -26.47 -0.41 4.36
CA GLY G 31 -27.66 -0.65 5.17
C GLY G 31 -28.94 -0.14 4.53
N PRO G 32 -30.11 -0.57 5.06
CA PRO G 32 -31.40 -0.13 4.51
C PRO G 32 -31.69 1.32 4.84
N THR G 33 -32.42 1.97 3.94
CA THR G 33 -32.87 3.34 4.16
C THR G 33 -34.36 3.43 3.85
N LYS G 34 -34.97 4.56 4.21
CA LYS G 34 -36.36 4.82 3.88
C LYS G 34 -36.62 4.69 2.37
N ASP G 35 -35.63 5.08 1.56
CA ASP G 35 -35.72 5.03 0.10
C ASP G 35 -35.33 3.67 -0.46
N ASP G 36 -34.77 2.84 0.41
CA ASP G 36 -34.33 1.51 0.04
C ASP G 36 -34.62 0.64 1.25
N PRO G 37 -35.91 0.34 1.48
CA PRO G 37 -36.33 -0.42 2.65
C PRO G 37 -36.01 -1.89 2.49
N LEU G 38 -35.92 -2.61 3.59
CA LEU G 38 -35.60 -4.02 3.54
C LEU G 38 -36.55 -4.85 4.41
N THR G 39 -36.91 -6.05 3.95
CA THR G 39 -37.75 -6.94 4.74
C THR G 39 -36.92 -8.11 5.24
N VAL G 40 -36.96 -8.33 6.55
CA VAL G 40 -36.21 -9.41 7.15
C VAL G 40 -37.17 -10.43 7.73
N TYR G 41 -36.91 -11.70 7.42
CA TYR G 41 -37.79 -12.78 7.87
C TYR G 41 -37.24 -13.49 9.08
N LEU G 42 -38.05 -13.54 10.13
CA LEU G 42 -37.71 -14.27 11.33
C LEU G 42 -38.53 -15.52 11.54
N SER G 43 -37.85 -16.62 11.81
CA SER G 43 -38.53 -17.84 12.19
C SER G 43 -37.68 -18.56 13.23
N PHE G 44 -38.32 -19.06 14.29
CA PHE G 44 -37.62 -19.74 15.37
C PHE G 44 -37.88 -21.24 15.44
N SER G 45 -36.89 -21.97 15.90
CA SER G 45 -37.00 -23.39 16.14
C SER G 45 -36.40 -23.69 17.51
N LEU G 46 -37.19 -24.16 18.48
CA LEU G 46 -36.70 -24.40 19.86
C LEU G 46 -35.99 -25.72 20.07
N LEU G 47 -34.93 -25.68 20.85
CA LEU G 47 -34.14 -26.87 21.12
C LEU G 47 -34.20 -27.32 22.57
N ASP G 48 -33.80 -26.46 23.49
CA ASP G 48 -33.86 -26.81 24.89
C ASP G 48 -34.28 -25.61 25.72
N ILE G 49 -35.18 -25.82 26.68
CA ILE G 49 -35.25 -24.89 27.78
C ILE G 49 -34.35 -25.55 28.82
N VAL G 50 -33.18 -24.94 29.02
CA VAL G 50 -32.11 -25.53 29.82
C VAL G 50 -32.32 -25.34 31.31
N LYS G 51 -32.66 -24.12 31.68
CA LYS G 51 -32.75 -23.77 33.07
C LYS G 51 -33.83 -22.72 33.25
N ALA G 52 -34.55 -22.83 34.37
CA ALA G 52 -35.48 -21.78 34.80
C ALA G 52 -35.17 -21.40 36.24
N ASP G 53 -34.66 -20.20 36.45
CA ASP G 53 -34.17 -19.81 37.78
C ASP G 53 -35.23 -18.92 38.42
N SER G 54 -35.85 -19.44 39.47
CA SER G 54 -37.02 -18.78 40.05
C SER G 54 -36.54 -17.73 41.03
N SER G 55 -35.28 -17.83 41.40
CA SER G 55 -34.66 -16.90 42.34
C SER G 55 -34.27 -15.59 41.67
N THR G 56 -33.79 -15.66 40.44
CA THR G 56 -33.51 -14.46 39.68
C THR G 56 -34.55 -14.09 38.62
N ASN G 57 -35.52 -14.97 38.38
CA ASN G 57 -36.51 -14.81 37.31
C ASN G 57 -35.94 -14.73 35.88
N GLU G 58 -35.05 -15.65 35.56
CA GLU G 58 -34.40 -15.72 34.26
C GLU G 58 -34.59 -17.12 33.71
N VAL G 59 -34.91 -17.22 32.42
CA VAL G 59 -34.90 -18.52 31.77
C VAL G 59 -33.78 -18.60 30.74
N ASP G 60 -33.27 -19.81 30.55
CA ASP G 60 -32.22 -20.06 29.58
C ASP G 60 -32.73 -20.98 28.50
N LEU G 61 -32.71 -20.46 27.28
CA LEU G 61 -33.29 -21.13 26.12
C LEU G 61 -32.22 -21.36 25.05
N VAL G 62 -32.18 -22.56 24.50
CA VAL G 62 -31.32 -22.85 23.36
C VAL G 62 -32.18 -22.92 22.09
N TYR G 63 -31.79 -22.24 21.02
CA TYR G 63 -32.60 -22.24 19.81
C TYR G 63 -31.88 -21.88 18.51
N TRP G 64 -32.62 -21.98 17.40
CA TRP G 64 -32.15 -21.55 16.08
C TRP G 64 -33.00 -20.39 15.67
N GLU G 65 -32.35 -19.34 15.20
CA GLU G 65 -33.07 -18.19 14.67
C GLU G 65 -32.80 -18.14 13.18
N GLN G 66 -33.84 -18.32 12.37
CA GLN G 66 -33.65 -18.12 10.95
C GLN G 66 -33.96 -16.70 10.53
N GLN G 67 -33.03 -16.10 9.80
CA GLN G 67 -33.18 -14.76 9.26
C GLN G 67 -32.92 -14.80 7.76
N SER G 68 -33.82 -14.19 7.01
CA SER G 68 -33.66 -14.14 5.57
C SER G 68 -33.93 -12.73 5.13
N TRP G 69 -33.20 -12.30 4.11
CA TRP G 69 -33.47 -11.02 3.48
C TRP G 69 -33.02 -11.04 2.03
N LYS G 70 -33.45 -10.04 1.27
CA LYS G 70 -33.09 -9.97 -0.14
C LYS G 70 -32.36 -8.67 -0.51
N LEU G 71 -31.14 -8.80 -1.01
CA LEU G 71 -30.36 -7.66 -1.44
C LEU G 71 -30.12 -7.69 -2.95
N ASN G 72 -30.42 -6.57 -3.61
CA ASN G 72 -30.18 -6.44 -5.05
C ASN G 72 -28.69 -6.51 -5.35
N SER G 73 -27.88 -6.02 -4.42
CA SER G 73 -26.41 -5.99 -4.54
C SER G 73 -25.77 -7.37 -4.66
N LEU G 74 -26.49 -8.39 -4.19
CA LEU G 74 -26.03 -9.78 -4.16
C LEU G 74 -26.55 -10.67 -5.30
N MET G 75 -27.34 -10.11 -6.22
CA MET G 75 -27.83 -10.86 -7.37
C MET G 75 -26.71 -11.11 -8.39
N TRP G 76 -26.81 -12.20 -9.14
CA TRP G 76 -25.93 -12.45 -10.27
C TRP G 76 -26.53 -13.42 -11.29
N ASP G 77 -25.99 -13.43 -12.51
CA ASP G 77 -26.39 -14.38 -13.54
C ASP G 77 -25.55 -15.66 -13.46
N PRO G 78 -26.16 -16.77 -13.05
CA PRO G 78 -25.50 -18.08 -12.96
C PRO G 78 -24.87 -18.57 -14.25
N ASN G 79 -25.25 -18.06 -15.42
CA ASN G 79 -24.57 -18.45 -16.66
C ASN G 79 -23.15 -17.85 -16.75
N GLU G 80 -23.05 -16.58 -16.36
CA GLU G 80 -21.76 -15.89 -16.35
C GLU G 80 -20.72 -16.66 -15.55
N TYR G 81 -21.18 -17.40 -14.54
CA TYR G 81 -20.34 -17.73 -13.39
C TYR G 81 -20.26 -19.24 -13.19
N GLY G 82 -20.55 -19.99 -14.24
CA GLY G 82 -20.38 -21.43 -14.23
C GLY G 82 -21.57 -22.15 -13.62
N ASN G 83 -22.73 -21.51 -13.67
CA ASN G 83 -23.96 -22.10 -13.15
C ASN G 83 -24.02 -22.21 -11.63
N ILE G 84 -23.44 -21.22 -10.95
CA ILE G 84 -23.41 -21.20 -9.50
C ILE G 84 -24.69 -20.52 -9.08
N THR G 85 -25.59 -21.30 -8.48
CA THR G 85 -26.86 -20.78 -8.00
C THR G 85 -26.74 -20.22 -6.60
N ASP G 86 -25.79 -20.73 -5.82
CA ASP G 86 -25.55 -20.21 -4.48
C ASP G 86 -24.20 -20.58 -3.88
N PHE G 87 -23.75 -19.81 -2.89
CA PHE G 87 -22.50 -20.13 -2.21
C PHE G 87 -22.64 -19.98 -0.70
N ARG G 88 -21.68 -20.54 0.04
CA ARG G 88 -21.58 -20.28 1.48
C ARG G 88 -20.53 -19.18 1.77
N THR G 89 -20.89 -18.23 2.64
CA THR G 89 -19.93 -17.23 3.07
C THR G 89 -19.99 -17.07 4.59
N SER G 90 -19.01 -16.39 5.17
CA SER G 90 -19.06 -16.12 6.60
C SER G 90 -19.83 -14.82 6.85
N ALA G 91 -20.57 -14.78 7.95
CA ALA G 91 -21.46 -13.65 8.22
C ALA G 91 -20.74 -12.30 8.31
N ALA G 92 -19.43 -12.35 8.56
CA ALA G 92 -18.61 -11.15 8.68
C ALA G 92 -18.40 -10.43 7.34
N ASP G 93 -18.60 -11.17 6.24
CA ASP G 93 -18.37 -10.64 4.90
C ASP G 93 -19.59 -9.98 4.28
N ILE G 94 -20.74 -10.15 4.90
CA ILE G 94 -21.94 -9.52 4.40
C ILE G 94 -22.57 -8.64 5.47
N TRP G 95 -23.38 -7.70 5.03
CA TRP G 95 -24.17 -6.91 5.95
C TRP G 95 -25.20 -7.81 6.58
N THR G 96 -25.42 -7.67 7.87
CA THR G 96 -26.42 -8.46 8.53
C THR G 96 -27.29 -7.56 9.38
N PRO G 97 -28.48 -8.00 9.75
CA PRO G 97 -29.45 -7.24 10.53
C PRO G 97 -29.20 -7.18 12.00
N ASP G 98 -29.48 -6.06 12.61
CA ASP G 98 -29.26 -5.95 14.01
C ASP G 98 -30.58 -6.29 14.63
N ILE G 99 -30.92 -7.54 14.57
CA ILE G 99 -32.02 -8.12 15.30
C ILE G 99 -31.53 -8.45 16.67
N THR G 100 -32.35 -8.29 17.68
CA THR G 100 -31.91 -8.51 19.05
C THR G 100 -33.08 -8.87 19.97
N ALA G 101 -32.82 -9.70 20.99
CA ALA G 101 -33.82 -9.96 22.03
C ALA G 101 -33.92 -8.71 22.88
N TYR G 102 -35.14 -8.24 23.11
CA TYR G 102 -35.33 -7.00 23.81
C TYR G 102 -35.23 -7.14 25.32
N SER G 103 -35.57 -8.33 25.81
CA SER G 103 -35.51 -8.70 27.23
C SER G 103 -34.35 -9.59 27.70
N SER G 104 -33.34 -9.78 26.87
CA SER G 104 -32.13 -10.52 27.30
C SER G 104 -31.55 -9.97 28.60
N THR G 105 -31.22 -10.86 29.54
CA THR G 105 -30.53 -10.51 30.79
C THR G 105 -28.99 -10.68 30.76
N ARG G 106 -28.49 -11.31 29.71
CA ARG G 106 -27.05 -11.55 29.51
C ARG G 106 -26.77 -11.49 28.01
N PRO G 107 -25.52 -11.17 27.62
CA PRO G 107 -25.20 -11.14 26.19
C PRO G 107 -25.39 -12.52 25.58
N VAL G 108 -25.97 -12.60 24.39
CA VAL G 108 -26.32 -13.90 23.80
C VAL G 108 -25.08 -14.72 23.49
N GLN G 109 -25.16 -16.03 23.64
CA GLN G 109 -24.02 -16.85 23.24
C GLN G 109 -24.29 -17.63 21.95
N VAL G 110 -23.37 -17.51 21.01
CA VAL G 110 -23.44 -18.17 19.73
C VAL G 110 -23.03 -19.64 19.85
N LEU G 111 -23.88 -20.54 19.43
CA LEU G 111 -23.59 -21.95 19.53
C LEU G 111 -23.26 -22.62 18.24
N SER G 112 -23.03 -21.83 17.21
CA SER G 112 -22.75 -22.36 15.85
C SER G 112 -21.84 -21.45 15.05
N PRO G 113 -21.18 -22.01 14.02
CA PRO G 113 -20.34 -21.23 13.12
C PRO G 113 -21.16 -20.12 12.54
N GLN G 114 -20.61 -18.94 12.33
CA GLN G 114 -21.46 -17.92 11.77
C GLN G 114 -21.16 -17.77 10.29
N ASN G 115 -22.01 -18.45 9.52
CA ASN G 115 -21.88 -18.64 8.10
C ASN G 115 -23.27 -18.38 7.53
N ALA G 116 -23.33 -17.83 6.33
CA ALA G 116 -24.61 -17.51 5.73
C ALA G 116 -24.66 -18.09 4.33
N LEU G 117 -25.86 -18.38 3.86
CA LEU G 117 -26.07 -18.80 2.48
C LEU G 117 -26.58 -17.64 1.63
N VAL G 118 -25.94 -17.43 0.48
CA VAL G 118 -26.35 -16.40 -0.47
C VAL G 118 -26.72 -17.11 -1.77
N ASN G 119 -27.81 -16.71 -2.42
CA ASN G 119 -28.08 -17.20 -3.79
C ASN G 119 -28.35 -16.16 -4.88
N SER G 120 -28.53 -16.64 -6.10
CA SER G 120 -28.37 -15.80 -7.28
C SER G 120 -29.38 -14.68 -7.37
N SER G 121 -30.52 -14.85 -6.74
CA SER G 121 -31.55 -13.84 -6.76
C SER G 121 -31.36 -12.84 -5.64
N GLY G 122 -30.23 -12.96 -4.94
CA GLY G 122 -29.84 -12.01 -3.90
C GLY G 122 -30.27 -12.32 -2.47
N HIS G 123 -30.91 -13.46 -2.28
CA HIS G 123 -31.44 -13.87 -0.98
C HIS G 123 -30.33 -14.38 -0.07
N VAL G 124 -30.44 -14.04 1.20
CA VAL G 124 -29.46 -14.48 2.18
C VAL G 124 -30.18 -15.31 3.23
N GLN G 125 -29.53 -16.38 3.68
CA GLN G 125 -30.08 -17.15 4.76
C GLN G 125 -29.06 -17.38 5.88
N TYR G 126 -29.35 -16.76 7.03
CA TYR G 126 -28.49 -16.82 8.20
C TYR G 126 -29.16 -17.59 9.35
N LEU G 127 -28.56 -18.69 9.78
CA LEU G 127 -29.15 -19.56 10.80
C LEU G 127 -28.28 -19.76 12.03
N PRO G 128 -28.17 -18.74 12.87
CA PRO G 128 -27.39 -18.88 14.10
C PRO G 128 -28.06 -19.71 15.20
N ALA G 129 -27.32 -20.64 15.81
CA ALA G 129 -27.82 -21.29 17.02
C ALA G 129 -27.42 -20.45 18.23
N GLN G 130 -28.32 -20.26 19.17
CA GLN G 130 -28.04 -19.33 20.25
C GLN G 130 -28.48 -19.89 21.62
N ARG G 131 -27.78 -19.49 22.69
CA ARG G 131 -28.31 -19.69 24.03
C ARG G 131 -28.66 -18.34 24.61
N LEU G 132 -29.87 -18.17 25.08
CA LEU G 132 -30.32 -16.85 25.55
C LEU G 132 -30.91 -16.92 26.94
N SER G 133 -30.55 -15.94 27.78
CA SER G 133 -31.19 -15.73 29.08
C SER G 133 -32.11 -14.55 28.97
N PHE G 134 -33.38 -14.73 29.25
CA PHE G 134 -34.30 -13.60 29.20
C PHE G 134 -35.17 -13.53 30.44
N MET G 135 -35.76 -12.37 30.67
CA MET G 135 -36.48 -12.12 31.92
C MET G 135 -37.77 -12.91 31.83
N CYS G 136 -37.92 -13.89 32.72
CA CYS G 136 -39.07 -14.77 32.74
C CYS G 136 -39.42 -15.19 34.16
N ASP G 137 -40.68 -15.02 34.56
CA ASP G 137 -41.11 -15.45 35.89
C ASP G 137 -41.71 -16.84 35.76
N PRO G 138 -41.00 -17.88 36.25
CA PRO G 138 -41.54 -19.21 35.97
C PRO G 138 -42.61 -19.80 36.92
N THR G 139 -43.29 -18.95 37.67
CA THR G 139 -44.34 -19.44 38.57
C THR G 139 -45.38 -20.31 37.87
N GLY G 140 -45.53 -21.55 38.33
CA GLY G 140 -46.47 -22.48 37.74
C GLY G 140 -45.84 -23.53 36.86
N VAL G 141 -44.52 -23.54 36.76
CA VAL G 141 -43.85 -24.51 35.90
C VAL G 141 -43.92 -25.89 36.55
N ASP G 142 -44.22 -25.89 37.84
CA ASP G 142 -44.42 -27.11 38.60
C ASP G 142 -45.89 -27.51 38.74
N SER G 143 -46.78 -26.80 38.04
CA SER G 143 -48.19 -27.17 38.00
C SER G 143 -48.53 -27.65 36.60
N GLU G 144 -49.76 -28.10 36.36
CA GLU G 144 -50.08 -28.70 35.07
C GLU G 144 -50.43 -27.69 33.99
N GLU G 145 -50.83 -26.48 34.40
CA GLU G 145 -51.14 -25.43 33.43
C GLU G 145 -49.86 -24.79 32.90
N GLY G 146 -48.76 -25.05 33.60
CA GLY G 146 -47.45 -24.59 33.19
C GLY G 146 -47.19 -23.12 33.48
N ALA G 147 -46.03 -22.65 33.04
CA ALA G 147 -45.66 -21.26 33.22
C ALA G 147 -45.60 -20.67 31.83
N THR G 148 -45.74 -19.35 31.72
CA THR G 148 -45.75 -18.72 30.41
C THR G 148 -44.83 -17.52 30.31
N CYS G 149 -43.95 -17.54 29.32
CA CYS G 149 -43.02 -16.44 29.09
C CYS G 149 -42.94 -15.89 27.66
N ALA G 150 -42.64 -14.60 27.56
CA ALA G 150 -42.58 -13.94 26.27
C ALA G 150 -41.26 -13.20 26.12
N VAL G 151 -40.69 -13.22 24.91
CA VAL G 151 -39.52 -12.41 24.58
C VAL G 151 -39.67 -11.85 23.16
N LYS G 152 -39.54 -10.53 23.00
CA LYS G 152 -39.67 -9.90 21.68
C LYS G 152 -38.31 -9.73 20.97
N PHE G 153 -38.31 -9.94 19.64
CA PHE G 153 -37.14 -9.68 18.83
C PHE G 153 -37.41 -8.58 17.81
N GLY G 154 -36.42 -7.72 17.59
CA GLY G 154 -36.46 -6.75 16.49
C GLY G 154 -35.17 -5.98 16.23
N SER G 155 -35.17 -5.18 15.18
CA SER G 155 -34.02 -4.31 14.94
C SER G 155 -33.84 -3.44 16.14
N TRP G 156 -32.59 -3.29 16.57
CA TRP G 156 -32.31 -2.38 17.68
C TRP G 156 -32.27 -0.93 17.21
N SER G 157 -31.57 -0.68 16.13
CA SER G 157 -31.44 0.70 15.65
C SER G 157 -32.39 1.19 14.54
N TYR G 158 -33.09 0.28 13.86
CA TYR G 158 -33.88 0.67 12.70
C TYR G 158 -35.38 0.61 12.94
N GLY G 159 -36.11 1.47 12.24
CA GLY G 159 -37.57 1.45 12.28
C GLY G 159 -38.19 0.63 11.15
N GLY G 160 -39.52 0.63 11.07
CA GLY G 160 -40.23 -0.20 10.12
C GLY G 160 -40.10 0.27 8.70
N TRP G 161 -39.84 1.57 8.56
CA TRP G 161 -39.69 2.18 7.24
C TRP G 161 -38.36 1.83 6.57
N GLU G 162 -37.37 1.42 7.35
CA GLU G 162 -36.09 0.94 6.84
C GLU G 162 -36.07 -0.57 6.88
N ILE G 163 -36.29 -1.14 8.07
CA ILE G 163 -36.42 -2.59 8.20
C ILE G 163 -37.84 -3.05 8.56
N ASP G 164 -38.41 -3.91 7.72
CA ASP G 164 -39.70 -4.50 8.04
C ASP G 164 -39.56 -5.96 8.47
N LEU G 165 -40.17 -6.32 9.58
CA LEU G 165 -40.12 -7.69 10.07
C LEU G 165 -41.31 -8.47 9.57
N LYS G 166 -41.11 -9.75 9.27
CA LYS G 166 -42.20 -10.62 8.87
C LYS G 166 -41.85 -12.03 9.32
N THR G 167 -42.86 -12.90 9.42
CA THR G 167 -42.64 -14.28 9.82
C THR G 167 -43.23 -15.20 8.76
N ASP G 168 -42.64 -16.39 8.59
CA ASP G 168 -43.19 -17.39 7.67
C ASP G 168 -44.56 -17.86 8.17
N THR G 169 -44.57 -18.40 9.38
CA THR G 169 -45.75 -19.02 9.96
C THR G 169 -46.04 -18.29 11.24
N ASP G 170 -47.09 -18.69 11.93
CA ASP G 170 -47.33 -18.25 13.31
C ASP G 170 -46.91 -19.31 14.34
N GLN G 171 -46.35 -20.41 13.87
CA GLN G 171 -46.01 -21.48 14.78
C GLN G 171 -44.52 -21.75 14.81
N VAL G 172 -43.96 -21.70 16.02
CA VAL G 172 -42.59 -22.08 16.23
C VAL G 172 -42.41 -23.54 15.86
N ASP G 173 -41.29 -23.86 15.22
CA ASP G 173 -40.95 -25.24 14.91
C ASP G 173 -40.43 -25.97 16.16
N LEU G 174 -41.16 -27.01 16.57
CA LEU G 174 -40.70 -27.82 17.72
C LEU G 174 -40.07 -29.15 17.34
N SER G 175 -40.00 -29.48 16.06
CA SER G 175 -39.60 -30.83 15.68
C SER G 175 -38.21 -31.23 16.15
N SER G 176 -37.34 -30.26 16.39
CA SER G 176 -36.00 -30.58 16.89
C SER G 176 -35.86 -30.48 18.42
N TYR G 177 -36.92 -30.06 19.10
CA TYR G 177 -36.89 -29.96 20.56
C TYR G 177 -36.47 -31.25 21.27
N TYR G 178 -35.50 -31.12 22.18
CA TYR G 178 -34.94 -32.22 22.97
C TYR G 178 -36.02 -32.92 23.79
N ALA G 179 -36.15 -34.23 23.62
CA ALA G 179 -37.22 -35.00 24.26
C ALA G 179 -37.00 -35.09 25.76
N SER G 180 -35.74 -35.17 26.17
CA SER G 180 -35.38 -35.40 27.56
C SER G 180 -35.12 -34.13 28.37
N SER G 181 -35.46 -32.99 27.79
CA SER G 181 -35.31 -31.72 28.49
C SER G 181 -36.06 -31.71 29.80
N LYS G 182 -35.53 -30.97 30.77
CA LYS G 182 -36.20 -30.80 32.06
C LYS G 182 -37.55 -30.15 31.88
N TYR G 183 -37.83 -29.62 30.70
CA TYR G 183 -39.09 -28.94 30.47
C TYR G 183 -39.80 -29.41 29.20
N GLU G 184 -41.07 -29.78 29.34
CA GLU G 184 -41.94 -29.97 28.18
C GLU G 184 -42.58 -28.65 27.70
N ILE G 185 -42.80 -28.56 26.40
CA ILE G 185 -43.40 -27.38 25.80
C ILE G 185 -44.88 -27.61 25.50
N LEU G 186 -45.75 -26.79 26.09
CA LEU G 186 -47.18 -26.89 25.87
C LEU G 186 -47.58 -26.20 24.56
N SER G 187 -47.11 -24.98 24.38
CA SER G 187 -47.29 -24.27 23.11
C SER G 187 -46.14 -23.30 22.89
N ALA G 188 -45.81 -23.06 21.63
CA ALA G 188 -44.81 -22.05 21.29
C ALA G 188 -45.28 -21.31 20.05
N THR G 189 -45.43 -19.98 20.14
CA THR G 189 -45.87 -19.22 18.97
C THR G 189 -45.08 -17.94 18.70
N GLN G 190 -44.84 -17.66 17.42
CA GLN G 190 -44.19 -16.42 16.98
C GLN G 190 -45.13 -15.47 16.23
N THR G 191 -45.36 -14.29 16.82
CA THR G 191 -46.35 -13.33 16.34
C THR G 191 -45.69 -12.01 16.00
N ARG G 192 -46.06 -11.42 14.89
CA ARG G 192 -45.49 -10.16 14.45
C ARG G 192 -46.42 -9.01 14.77
N SER G 193 -45.86 -7.89 15.23
CA SER G 193 -46.68 -6.72 15.59
C SER G 193 -45.95 -5.42 15.32
N GLU G 194 -46.71 -4.35 15.12
CA GLU G 194 -46.12 -3.05 14.84
C GLU G 194 -46.43 -2.09 15.97
N ARG G 195 -45.39 -1.54 16.59
CA ARG G 195 -45.56 -0.53 17.61
C ARG G 195 -45.63 0.87 17.05
N PHE G 196 -46.52 1.69 17.60
CA PHE G 196 -46.51 3.11 17.30
C PHE G 196 -46.44 3.88 18.58
N TYR G 197 -45.32 4.57 18.78
CA TYR G 197 -45.22 5.59 19.79
C TYR G 197 -45.69 6.86 19.14
N GLU G 198 -46.39 7.72 19.87
CA GLU G 198 -47.05 8.73 19.22
C GLU G 198 -46.21 10.01 18.95
N CYS G 199 -44.97 9.93 19.37
CA CYS G 199 -44.00 10.91 18.95
C CYS G 199 -43.83 10.83 17.45
N CYS G 200 -43.76 9.61 16.93
CA CYS G 200 -43.48 9.42 15.53
C CYS G 200 -44.57 8.70 14.78
N LYS G 201 -44.63 8.95 13.49
CA LYS G 201 -45.60 8.27 12.64
C LYS G 201 -45.01 6.97 12.13
N GLU G 202 -43.72 6.74 12.39
CA GLU G 202 -43.06 5.53 11.92
C GLU G 202 -43.25 4.36 12.88
N PRO G 203 -43.66 3.20 12.33
CA PRO G 203 -43.91 1.93 13.00
C PRO G 203 -42.64 1.16 13.39
N TYR G 204 -42.67 0.53 14.57
CA TYR G 204 -41.60 -0.35 14.97
C TYR G 204 -42.08 -1.78 15.12
N PRO G 205 -41.74 -2.64 14.14
CA PRO G 205 -42.11 -4.05 14.20
C PRO G 205 -41.24 -4.85 15.17
N ASP G 206 -41.88 -5.73 15.92
CA ASP G 206 -41.21 -6.76 16.70
C ASP G 206 -41.87 -8.11 16.44
N VAL G 207 -41.19 -9.18 16.79
CA VAL G 207 -41.77 -10.51 16.74
C VAL G 207 -41.79 -11.05 18.17
N ASN G 208 -42.98 -11.41 18.64
CA ASN G 208 -43.15 -11.88 20.00
C ASN G 208 -43.11 -13.39 20.03
N LEU G 209 -42.13 -13.94 20.74
CA LEU G 209 -42.01 -15.39 20.87
C LEU G 209 -42.54 -15.77 22.23
N VAL G 210 -43.69 -16.42 22.27
CA VAL G 210 -44.32 -16.81 23.52
C VAL G 210 -44.25 -18.31 23.74
N VAL G 211 -43.74 -18.72 24.90
CA VAL G 211 -43.59 -20.13 25.20
C VAL G 211 -44.35 -20.53 26.47
N LYS G 212 -45.18 -21.56 26.35
CA LYS G 212 -45.87 -22.14 27.50
C LYS G 212 -45.17 -23.47 27.79
N PHE G 213 -44.72 -23.68 29.03
CA PHE G 213 -43.92 -24.85 29.33
C PHE G 213 -44.06 -25.29 30.79
N ARG G 214 -43.74 -26.55 31.07
CA ARG G 214 -43.82 -27.08 32.43
C ARG G 214 -42.77 -28.17 32.66
N GLU G 215 -42.53 -28.52 33.92
CA GLU G 215 -41.54 -29.54 34.23
C GLU G 215 -41.98 -30.90 33.72
N ARG G 216 -41.01 -31.74 33.43
CA ARG G 216 -41.27 -33.07 32.92
C ARG G 216 -41.02 -34.09 34.00
N LYS H 3 28.61 -25.87 7.65
CA LYS H 3 28.95 -27.11 6.98
C LYS H 3 27.72 -28.00 6.76
N ASP H 4 27.22 -28.58 7.85
CA ASP H 4 25.92 -29.25 7.88
C ASP H 4 24.85 -28.23 8.32
N ASP H 5 25.31 -27.01 8.58
CA ASP H 5 24.45 -25.87 8.88
C ASP H 5 23.85 -25.22 7.64
N ASP H 6 24.62 -25.10 6.56
CA ASP H 6 24.04 -24.63 5.31
C ASP H 6 22.83 -25.52 5.02
N ASP H 7 23.02 -26.81 5.29
CA ASP H 7 21.99 -27.84 5.16
C ASP H 7 20.67 -27.46 5.84
N LYS H 8 20.79 -26.81 7.01
CA LYS H 8 19.64 -26.41 7.82
C LYS H 8 18.89 -25.23 7.22
N LEU H 9 19.57 -24.10 7.10
CA LEU H 9 18.94 -22.89 6.60
C LEU H 9 18.35 -23.03 5.18
N HIS H 10 18.73 -24.10 4.49
CA HIS H 10 18.05 -24.48 3.26
C HIS H 10 16.67 -25.06 3.53
N SER H 11 16.58 -25.93 4.52
CA SER H 11 15.30 -26.50 4.91
C SER H 11 14.40 -25.45 5.55
N GLN H 12 14.99 -24.40 6.14
CA GLN H 12 14.18 -23.27 6.60
C GLN H 12 13.68 -22.48 5.40
N ALA H 13 14.59 -22.08 4.52
CA ALA H 13 14.22 -21.36 3.31
C ALA H 13 13.17 -22.12 2.51
N ASN H 14 13.43 -23.40 2.28
CA ASN H 14 12.51 -24.27 1.57
C ASN H 14 11.09 -24.22 2.11
N LEU H 15 10.97 -24.25 3.43
CA LEU H 15 9.65 -24.24 4.05
C LEU H 15 8.95 -22.92 3.85
N MET H 16 9.65 -21.82 4.09
CA MET H 16 9.07 -20.52 3.88
C MET H 16 8.65 -20.40 2.44
N ARG H 17 9.43 -21.00 1.55
CA ARG H 17 9.18 -20.94 0.11
C ARG H 17 7.94 -21.74 -0.27
N LEU H 18 7.71 -22.83 0.43
CA LEU H 18 6.53 -23.67 0.24
C LEU H 18 5.23 -23.07 0.74
N LYS H 19 5.23 -22.61 1.96
CA LYS H 19 4.05 -21.96 2.52
C LYS H 19 3.64 -20.72 1.72
N SER H 20 4.63 -19.95 1.26
CA SER H 20 4.37 -18.81 0.40
C SER H 20 3.73 -19.22 -0.92
N ASP H 21 4.25 -20.29 -1.53
CA ASP H 21 3.67 -20.79 -2.77
C ASP H 21 2.21 -21.20 -2.63
N LEU H 22 1.87 -21.75 -1.50
CA LEU H 22 0.52 -22.15 -1.29
C LEU H 22 -0.39 -21.07 -0.75
N PHE H 23 0.08 -20.27 0.19
CA PHE H 23 -0.78 -19.24 0.78
C PHE H 23 -0.74 -17.82 0.32
N ASN H 24 0.41 -17.19 0.43
CA ASN H 24 0.54 -15.81 0.02
C ASN H 24 0.45 -15.59 -1.49
N ARG H 25 1.12 -16.44 -2.24
CA ARG H 25 1.15 -16.41 -3.71
C ARG H 25 -0.14 -16.92 -4.37
N SER H 26 -0.86 -17.81 -3.67
CA SER H 26 -2.08 -18.42 -4.21
C SER H 26 -3.33 -18.05 -3.42
N PRO H 27 -4.41 -17.80 -4.15
CA PRO H 27 -5.70 -17.41 -3.55
C PRO H 27 -6.28 -18.49 -2.64
N MET H 28 -6.93 -18.07 -1.57
CA MET H 28 -7.49 -19.01 -0.60
C MET H 28 -8.67 -19.85 -1.06
N TYR H 29 -8.68 -21.08 -0.59
CA TYR H 29 -9.73 -22.04 -0.91
C TYR H 29 -11.09 -21.52 -0.48
N PRO H 30 -11.96 -21.42 -1.45
CA PRO H 30 -13.32 -20.91 -1.29
C PRO H 30 -14.26 -21.85 -0.59
N GLY H 31 -13.91 -23.10 -0.40
CA GLY H 31 -14.79 -24.02 0.25
C GLY H 31 -15.40 -24.85 -0.82
N PRO H 32 -15.86 -26.03 -0.48
CA PRO H 32 -16.41 -26.97 -1.44
C PRO H 32 -17.71 -26.60 -2.05
N THR H 33 -17.97 -27.16 -3.21
CA THR H 33 -19.20 -26.89 -3.92
C THR H 33 -19.78 -28.20 -4.45
N LYS H 34 -21.02 -28.16 -4.92
CA LYS H 34 -21.63 -29.32 -5.56
C LYS H 34 -20.72 -29.86 -6.69
N ASP H 35 -19.98 -28.97 -7.35
CA ASP H 35 -19.10 -29.35 -8.45
C ASP H 35 -17.70 -29.74 -8.00
N ASP H 36 -17.41 -29.45 -6.74
CA ASP H 36 -16.11 -29.74 -6.16
C ASP H 36 -16.34 -30.17 -4.71
N PRO H 37 -17.00 -31.32 -4.52
CA PRO H 37 -17.40 -31.77 -3.20
C PRO H 37 -16.23 -32.34 -2.44
N LEU H 38 -16.33 -32.27 -1.11
CA LEU H 38 -15.24 -32.65 -0.24
C LEU H 38 -15.63 -33.81 0.67
N THR H 39 -14.67 -34.64 1.00
CA THR H 39 -14.88 -35.64 2.03
C THR H 39 -14.07 -35.33 3.28
N VAL H 40 -14.75 -35.31 4.41
CA VAL H 40 -14.12 -35.05 5.67
C VAL H 40 -14.35 -36.24 6.57
N TYR H 41 -13.28 -36.76 7.16
CA TYR H 41 -13.38 -37.86 8.09
C TYR H 41 -13.41 -37.39 9.53
N LEU H 42 -14.42 -37.81 10.27
CA LEU H 42 -14.48 -37.57 11.70
C LEU H 42 -14.08 -38.82 12.47
N SER H 43 -13.41 -38.61 13.60
CA SER H 43 -13.12 -39.67 14.54
C SER H 43 -13.00 -39.10 15.97
N PHE H 44 -13.39 -39.83 17.00
CA PHE H 44 -13.32 -39.25 18.36
C PHE H 44 -12.51 -40.06 19.36
N SER H 45 -11.70 -39.36 20.14
CA SER H 45 -11.11 -39.94 21.32
C SER H 45 -11.76 -39.32 22.54
N LEU H 46 -12.41 -40.15 23.33
CA LEU H 46 -13.09 -39.63 24.48
C LEU H 46 -12.13 -39.67 25.66
N LEU H 47 -12.10 -38.57 26.41
CA LEU H 47 -11.10 -38.28 27.45
C LEU H 47 -11.45 -38.12 28.93
N ASP H 48 -12.60 -37.49 29.18
CA ASP H 48 -13.24 -37.44 30.49
C ASP H 48 -14.70 -37.04 30.30
N ILE H 49 -15.61 -37.65 31.04
CA ILE H 49 -16.91 -37.04 31.26
C ILE H 49 -16.71 -36.27 32.57
N VAL H 50 -16.70 -34.96 32.48
CA VAL H 50 -16.31 -34.15 33.61
C VAL H 50 -17.41 -34.08 34.64
N LYS H 51 -18.62 -33.74 34.18
CA LYS H 51 -19.72 -33.47 35.10
C LYS H 51 -21.08 -33.80 34.48
N ALA H 52 -22.02 -34.34 35.25
CA ALA H 52 -23.37 -34.60 34.75
C ALA H 52 -24.41 -33.89 35.59
N ASP H 53 -25.09 -32.89 35.04
CA ASP H 53 -25.96 -32.05 35.86
C ASP H 53 -27.38 -32.47 35.66
N SER H 54 -27.94 -33.12 36.67
CA SER H 54 -29.30 -33.61 36.56
C SER H 54 -30.31 -32.52 36.87
N SER H 55 -29.83 -31.33 37.24
CA SER H 55 -30.74 -30.20 37.46
C SER H 55 -31.14 -29.48 36.17
N THR H 56 -30.16 -29.26 35.28
CA THR H 56 -30.41 -28.72 33.93
C THR H 56 -30.43 -29.73 32.78
N ASN H 57 -30.14 -30.99 33.09
CA ASN H 57 -29.91 -32.03 32.07
C ASN H 57 -28.81 -31.72 31.04
N GLU H 58 -27.64 -31.35 31.56
CA GLU H 58 -26.47 -31.02 30.75
C GLU H 58 -25.28 -31.90 31.17
N VAL H 59 -24.53 -32.39 30.19
CA VAL H 59 -23.32 -33.16 30.48
C VAL H 59 -22.12 -32.46 29.86
N ASP H 60 -20.98 -32.54 30.52
CA ASP H 60 -19.79 -31.87 30.06
C ASP H 60 -18.81 -32.94 29.60
N LEU H 61 -18.32 -32.80 28.36
CA LEU H 61 -17.45 -33.78 27.76
C LEU H 61 -16.13 -33.17 27.43
N VAL H 62 -15.06 -33.95 27.56
CA VAL H 62 -13.76 -33.55 27.02
C VAL H 62 -13.29 -34.67 26.14
N TYR H 63 -13.07 -34.35 24.88
CA TYR H 63 -12.71 -35.35 23.90
C TYR H 63 -11.78 -34.70 22.88
N TRP H 64 -11.03 -35.53 22.16
CA TRP H 64 -10.34 -35.10 20.96
C TRP H 64 -11.21 -35.37 19.73
N GLU H 65 -11.37 -34.36 18.88
CA GLU H 65 -12.09 -34.55 17.64
C GLU H 65 -11.11 -34.57 16.47
N GLN H 66 -10.95 -35.72 15.83
CA GLN H 66 -10.09 -35.82 14.66
C GLN H 66 -10.83 -35.52 13.37
N GLN H 67 -10.29 -34.59 12.59
CA GLN H 67 -10.85 -34.23 11.29
C GLN H 67 -9.75 -34.30 10.24
N SER H 68 -10.04 -34.90 9.10
CA SER H 68 -9.08 -34.79 8.00
C SER H 68 -9.78 -34.81 6.66
N TRP H 69 -9.21 -34.08 5.72
CA TRP H 69 -9.77 -33.99 4.40
C TRP H 69 -8.57 -33.75 3.51
N LYS H 70 -8.81 -33.61 2.20
CA LYS H 70 -7.72 -33.51 1.25
C LYS H 70 -8.06 -32.48 0.20
N LEU H 71 -7.11 -31.59 -0.07
CA LEU H 71 -7.28 -30.58 -1.10
C LEU H 71 -6.18 -30.69 -2.13
N ASN H 72 -6.55 -30.63 -3.40
CA ASN H 72 -5.59 -30.62 -4.48
C ASN H 72 -4.72 -29.39 -4.40
N SER H 73 -5.34 -28.28 -4.00
CA SER H 73 -4.66 -27.01 -3.85
C SER H 73 -3.62 -26.99 -2.73
N LEU H 74 -3.65 -27.99 -1.86
CA LEU H 74 -2.59 -28.14 -0.86
C LEU H 74 -1.52 -29.16 -1.24
N MET H 75 -1.61 -29.76 -2.42
CA MET H 75 -0.60 -30.71 -2.88
C MET H 75 0.69 -30.02 -3.30
N TRP H 76 1.81 -30.72 -3.15
CA TRP H 76 3.06 -30.28 -3.73
C TRP H 76 3.97 -31.47 -3.98
N ASP H 77 5.13 -31.21 -4.56
CA ASP H 77 6.08 -32.27 -4.83
C ASP H 77 7.29 -32.10 -3.92
N PRO H 78 7.52 -33.10 -3.05
CA PRO H 78 8.67 -33.08 -2.14
C PRO H 78 10.00 -32.79 -2.83
N ASN H 79 10.19 -33.25 -4.07
CA ASN H 79 11.45 -33.05 -4.79
C ASN H 79 11.80 -31.59 -5.07
N GLU H 80 10.78 -30.77 -5.25
CA GLU H 80 10.98 -29.38 -5.56
C GLU H 80 11.11 -28.58 -4.32
N TYR H 81 10.84 -29.18 -3.20
CA TYR H 81 10.85 -28.46 -1.95
C TYR H 81 11.75 -29.08 -0.91
N GLY H 82 12.87 -29.63 -1.36
CA GLY H 82 13.82 -30.24 -0.47
C GLY H 82 13.37 -31.43 0.34
N ASN H 83 12.64 -32.32 -0.29
CA ASN H 83 12.00 -33.44 0.39
C ASN H 83 11.22 -33.13 1.68
N ILE H 84 10.50 -32.02 1.69
CA ILE H 84 9.57 -31.74 2.78
C ILE H 84 8.31 -32.51 2.42
N THR H 85 7.95 -33.49 3.24
CA THR H 85 6.74 -34.26 3.02
C THR H 85 5.53 -33.75 3.79
N ASP H 86 5.76 -32.84 4.72
CA ASP H 86 4.65 -32.31 5.50
C ASP H 86 5.08 -31.13 6.35
N PHE H 87 4.14 -30.58 7.10
CA PHE H 87 4.44 -29.45 7.97
C PHE H 87 3.23 -29.03 8.80
N ARG H 88 3.50 -28.31 9.88
CA ARG H 88 2.47 -27.83 10.79
C ARG H 88 2.17 -26.38 10.46
N THR H 89 0.91 -25.97 10.58
CA THR H 89 0.58 -24.57 10.38
C THR H 89 -0.59 -24.19 11.27
N SER H 90 -0.79 -22.89 11.48
CA SER H 90 -1.94 -22.39 12.20
C SER H 90 -3.16 -22.82 11.44
N ALA H 91 -4.18 -23.33 12.13
CA ALA H 91 -5.41 -23.73 11.43
C ALA H 91 -6.08 -22.53 10.77
N ALA H 92 -5.81 -21.33 11.25
CA ALA H 92 -6.43 -20.13 10.71
C ALA H 92 -5.88 -19.81 9.33
N ASP H 93 -4.77 -20.46 8.98
CA ASP H 93 -4.11 -20.25 7.69
C ASP H 93 -4.76 -21.04 6.59
N ILE H 94 -5.55 -22.03 6.97
CA ILE H 94 -6.20 -22.91 6.00
C ILE H 94 -7.70 -22.93 6.18
N TRP H 95 -8.37 -23.41 5.16
CA TRP H 95 -9.79 -23.61 5.25
C TRP H 95 -10.04 -24.74 6.24
N THR H 96 -11.01 -24.55 7.14
CA THR H 96 -11.41 -25.65 7.98
C THR H 96 -12.90 -25.83 7.80
N PRO H 97 -13.37 -27.09 7.89
CA PRO H 97 -14.80 -27.47 7.78
C PRO H 97 -15.60 -27.00 8.97
N ASP H 98 -16.87 -26.61 8.82
CA ASP H 98 -17.53 -26.09 10.00
C ASP H 98 -18.38 -27.18 10.62
N ILE H 99 -17.81 -27.82 11.63
CA ILE H 99 -18.37 -29.04 12.14
C ILE H 99 -18.70 -28.73 13.57
N THR H 100 -19.98 -28.85 13.90
CA THR H 100 -20.50 -28.46 15.19
C THR H 100 -21.19 -29.61 15.89
N ALA H 101 -21.16 -29.56 17.22
CA ALA H 101 -22.09 -30.31 18.00
C ALA H 101 -23.46 -29.64 17.76
N TYR H 102 -24.45 -30.44 17.33
CA TYR H 102 -25.79 -29.92 17.05
C TYR H 102 -26.61 -29.65 18.30
N SER H 103 -26.34 -30.42 19.36
CA SER H 103 -26.97 -30.28 20.68
C SER H 103 -26.23 -29.48 21.80
N SER H 104 -25.14 -28.82 21.47
CA SER H 104 -24.42 -27.99 22.46
C SER H 104 -25.32 -26.96 23.18
N THR H 105 -25.20 -26.90 24.51
CA THR H 105 -25.86 -25.86 25.31
C THR H 105 -25.01 -24.62 25.66
N ARG H 106 -23.71 -24.72 25.44
CA ARG H 106 -22.79 -23.62 25.72
CA ARG H 106 -22.76 -23.66 25.77
C ARG H 106 -21.70 -23.62 24.68
N PRO H 107 -21.17 -22.44 24.37
CA PRO H 107 -20.15 -22.42 23.31
C PRO H 107 -19.01 -23.39 23.60
N VAL H 108 -18.55 -24.10 22.57
CA VAL H 108 -17.46 -25.08 22.71
C VAL H 108 -16.18 -24.39 23.14
N GLN H 109 -15.44 -24.97 24.07
CA GLN H 109 -14.14 -24.41 24.45
C GLN H 109 -13.00 -25.25 23.88
N VAL H 110 -11.98 -24.58 23.35
CA VAL H 110 -10.87 -25.30 22.75
C VAL H 110 -9.75 -25.47 23.76
N LEU H 111 -9.31 -26.70 23.98
CA LEU H 111 -8.30 -26.98 24.98
C LEU H 111 -6.86 -27.13 24.48
N SER H 112 -6.65 -27.08 23.17
CA SER H 112 -5.29 -27.23 22.65
C SER H 112 -5.00 -26.14 21.65
N PRO H 113 -3.76 -26.08 21.16
CA PRO H 113 -3.38 -25.07 20.16
C PRO H 113 -4.10 -25.33 18.84
N GLN H 114 -4.50 -24.29 18.10
CA GLN H 114 -5.17 -24.61 16.85
C GLN H 114 -4.11 -24.61 15.76
N ASN H 115 -3.77 -25.82 15.35
CA ASN H 115 -2.65 -26.07 14.47
C ASN H 115 -3.07 -27.30 13.71
N ALA H 116 -2.58 -27.46 12.48
CA ALA H 116 -2.96 -28.58 11.64
C ALA H 116 -1.74 -29.11 10.91
N LEU H 117 -1.67 -30.43 10.72
CA LEU H 117 -0.62 -31.02 9.91
C LEU H 117 -1.09 -31.17 8.46
N VAL H 118 -0.43 -30.48 7.54
CA VAL H 118 -0.70 -30.64 6.10
C VAL H 118 0.37 -31.54 5.46
N ASN H 119 -0.03 -32.42 4.53
CA ASN H 119 0.99 -33.25 3.87
C ASN H 119 1.04 -33.13 2.35
N SER H 120 2.14 -33.61 1.75
CA SER H 120 2.43 -33.38 0.33
C SER H 120 1.29 -33.71 -0.63
N SER H 121 0.49 -34.71 -0.29
CA SER H 121 -0.61 -35.07 -1.18
C SER H 121 -1.82 -34.19 -0.97
N GLY H 122 -1.73 -33.26 -0.03
CA GLY H 122 -2.84 -32.37 0.24
C GLY H 122 -3.75 -32.85 1.37
N HIS H 123 -3.34 -33.89 2.09
CA HIS H 123 -4.15 -34.33 3.22
C HIS H 123 -3.90 -33.42 4.42
N VAL H 124 -4.98 -32.83 4.93
CA VAL H 124 -4.91 -31.99 6.10
C VAL H 124 -5.40 -32.82 7.25
N GLN H 125 -4.81 -32.62 8.42
CA GLN H 125 -5.25 -33.32 9.61
C GLN H 125 -5.30 -32.39 10.80
N TYR H 126 -6.48 -32.19 11.37
CA TYR H 126 -6.68 -31.22 12.42
C TYR H 126 -7.26 -31.91 13.68
N LEU H 127 -6.67 -31.69 14.84
CA LEU H 127 -7.13 -32.39 16.00
C LEU H 127 -7.37 -31.60 17.24
N PRO H 128 -8.40 -30.82 17.28
CA PRO H 128 -8.72 -29.99 18.45
C PRO H 128 -9.20 -30.72 19.71
N ALA H 129 -8.66 -30.38 20.87
CA ALA H 129 -9.19 -30.89 22.13
C ALA H 129 -10.29 -29.95 22.59
N GLN H 130 -11.40 -30.49 23.08
CA GLN H 130 -12.55 -29.66 23.35
C GLN H 130 -13.34 -30.02 24.61
N ARG H 131 -13.88 -29.00 25.26
CA ARG H 131 -14.83 -29.20 26.31
C ARG H 131 -16.20 -28.74 25.84
N LEU H 132 -17.13 -29.70 25.78
CA LEU H 132 -18.46 -29.52 25.24
C LEU H 132 -19.59 -29.75 26.26
N SER H 133 -20.55 -28.84 26.31
CA SER H 133 -21.77 -29.05 27.09
C SER H 133 -22.92 -29.35 26.13
N PHE H 134 -23.52 -30.51 26.23
CA PHE H 134 -24.62 -30.82 25.33
C PHE H 134 -25.83 -31.32 26.09
N MET H 135 -26.97 -31.39 25.40
CA MET H 135 -28.21 -31.80 26.04
C MET H 135 -28.14 -33.26 26.39
N CYS H 136 -28.27 -33.56 27.67
CA CYS H 136 -28.34 -34.93 28.14
C CYS H 136 -29.09 -35.15 29.48
N ASP H 137 -29.84 -36.23 29.55
CA ASP H 137 -30.48 -36.62 30.77
C ASP H 137 -29.74 -37.85 31.29
N PRO H 138 -29.15 -37.68 32.45
CA PRO H 138 -28.23 -38.65 33.04
C PRO H 138 -28.88 -39.65 33.98
N THR H 139 -30.18 -39.53 34.08
CA THR H 139 -30.92 -40.38 34.93
C THR H 139 -30.49 -41.78 34.60
N GLY H 140 -30.32 -42.59 35.64
CA GLY H 140 -29.85 -43.96 35.49
C GLY H 140 -28.36 -44.10 35.77
N VAL H 141 -27.69 -42.97 35.94
CA VAL H 141 -26.24 -42.96 36.05
C VAL H 141 -25.74 -43.59 37.35
N ASP H 142 -26.47 -43.36 38.44
CA ASP H 142 -26.12 -43.95 39.73
C ASP H 142 -26.44 -45.44 39.77
N SER H 143 -27.25 -45.88 38.81
CA SER H 143 -27.54 -47.28 38.65
C SER H 143 -26.33 -47.98 38.04
N GLU H 144 -26.41 -49.29 37.89
CA GLU H 144 -25.33 -50.10 37.31
C GLU H 144 -25.55 -50.23 35.80
N GLU H 145 -26.71 -49.76 35.34
CA GLU H 145 -27.06 -49.80 33.93
CA GLU H 145 -27.07 -49.79 33.93
C GLU H 145 -26.67 -48.51 33.22
N GLY H 146 -26.28 -47.49 33.98
CA GLY H 146 -25.83 -46.23 33.43
C GLY H 146 -26.91 -45.43 32.74
N ALA H 147 -26.50 -44.29 32.18
CA ALA H 147 -27.38 -43.47 31.36
C ALA H 147 -26.87 -43.51 29.92
N THR H 148 -27.75 -43.25 28.97
CA THR H 148 -27.32 -43.01 27.61
C THR H 148 -27.66 -41.60 27.17
N CYS H 149 -26.65 -40.91 26.65
CA CYS H 149 -26.84 -39.69 25.88
C CYS H 149 -26.25 -39.87 24.51
N ALA H 150 -26.74 -39.06 23.57
CA ALA H 150 -26.17 -39.02 22.25
C ALA H 150 -25.99 -37.57 21.82
N VAL H 151 -24.96 -37.32 21.02
CA VAL H 151 -24.72 -35.99 20.46
C VAL H 151 -24.32 -36.08 18.98
N LYS H 152 -24.98 -35.28 18.15
CA LYS H 152 -24.75 -35.32 16.71
C LYS H 152 -23.84 -34.19 16.20
N PHE H 153 -22.89 -34.58 15.36
CA PHE H 153 -21.97 -33.65 14.71
C PHE H 153 -22.16 -33.66 13.19
N GLY H 154 -21.97 -32.51 12.55
CA GLY H 154 -21.91 -32.44 11.11
C GLY H 154 -21.69 -31.03 10.66
N SER H 155 -21.62 -30.80 9.36
CA SER H 155 -21.45 -29.43 8.92
C SER H 155 -22.66 -28.64 9.31
N TRP H 156 -22.47 -27.38 9.67
CA TRP H 156 -23.59 -26.48 9.90
C TRP H 156 -24.21 -25.90 8.61
N SER H 157 -23.37 -25.39 7.73
CA SER H 157 -23.85 -24.75 6.50
C SER H 157 -23.85 -25.59 5.20
N TYR H 158 -23.35 -26.82 5.24
CA TYR H 158 -23.17 -27.61 4.01
C TYR H 158 -23.95 -28.92 4.00
N GLY H 159 -24.70 -29.15 2.93
CA GLY H 159 -25.31 -30.44 2.68
C GLY H 159 -24.32 -31.44 2.12
N GLY H 160 -24.69 -32.72 2.13
CA GLY H 160 -23.77 -33.78 1.79
C GLY H 160 -23.24 -33.77 0.37
N TRP H 161 -23.86 -32.94 -0.46
CA TRP H 161 -23.42 -32.77 -1.85
C TRP H 161 -22.19 -31.89 -1.95
N GLU H 162 -21.95 -31.12 -0.88
CA GLU H 162 -20.78 -30.25 -0.73
C GLU H 162 -19.72 -30.74 0.26
N ILE H 163 -20.17 -31.16 1.44
CA ILE H 163 -19.37 -31.90 2.42
C ILE H 163 -19.94 -33.29 2.70
N ASP H 164 -19.15 -34.32 2.42
CA ASP H 164 -19.58 -35.65 2.79
C ASP H 164 -18.85 -36.16 4.03
N LEU H 165 -19.60 -36.37 5.11
CA LEU H 165 -19.07 -36.95 6.34
C LEU H 165 -18.82 -38.45 6.27
N LYS H 166 -17.73 -38.89 6.90
CA LYS H 166 -17.32 -40.28 6.90
C LYS H 166 -16.60 -40.53 8.21
N THR H 167 -16.72 -41.75 8.74
CA THR H 167 -15.96 -42.15 9.90
C THR H 167 -15.32 -43.47 9.54
N ASP H 168 -14.08 -43.70 9.97
CA ASP H 168 -13.40 -44.93 9.56
C ASP H 168 -13.64 -46.11 10.49
N THR H 169 -14.37 -45.88 11.57
CA THR H 169 -14.86 -46.94 12.44
C THR H 169 -16.14 -46.51 13.13
N ASP H 170 -16.93 -47.48 13.61
CA ASP H 170 -18.10 -47.17 14.42
C ASP H 170 -17.70 -47.09 15.89
N GLN H 171 -16.42 -47.34 16.18
CA GLN H 171 -15.92 -47.41 17.54
C GLN H 171 -15.18 -46.14 17.99
N VAL H 172 -15.78 -45.40 18.91
CA VAL H 172 -15.10 -44.29 19.58
C VAL H 172 -13.85 -44.79 20.32
N ASP H 173 -12.76 -44.04 20.31
CA ASP H 173 -11.52 -44.49 20.96
C ASP H 173 -11.47 -44.14 22.46
N LEU H 174 -11.44 -45.16 23.30
CA LEU H 174 -11.41 -44.97 24.76
C LEU H 174 -10.04 -45.12 25.39
N SER H 175 -9.02 -45.45 24.61
CA SER H 175 -7.74 -45.82 25.17
C SER H 175 -7.12 -44.70 26.03
N SER H 176 -7.47 -43.45 25.74
CA SER H 176 -6.96 -42.30 26.48
C SER H 176 -7.89 -41.83 27.59
N TYR H 177 -8.96 -42.57 27.84
CA TYR H 177 -9.94 -42.13 28.85
C TYR H 177 -9.40 -42.14 30.28
N TYR H 178 -9.83 -41.15 31.07
CA TYR H 178 -9.24 -40.95 32.39
C TYR H 178 -9.74 -41.99 33.38
N ALA H 179 -8.80 -42.77 33.92
CA ALA H 179 -9.12 -43.94 34.72
C ALA H 179 -9.79 -43.54 36.02
N SER H 180 -9.51 -42.31 36.46
CA SER H 180 -10.01 -41.81 37.72
C SER H 180 -11.28 -40.95 37.64
N SER H 181 -11.89 -40.85 36.46
CA SER H 181 -13.08 -40.01 36.24
C SER H 181 -14.26 -40.39 37.13
N LYS H 182 -15.11 -39.42 37.45
CA LYS H 182 -16.25 -39.66 38.33
C LYS H 182 -17.25 -40.58 37.66
N TYR H 183 -17.05 -40.75 36.36
CA TYR H 183 -17.90 -41.62 35.56
C TYR H 183 -17.05 -42.61 34.80
N GLU H 184 -17.62 -43.75 34.44
CA GLU H 184 -16.91 -44.74 33.64
C GLU H 184 -17.68 -45.09 32.38
N ILE H 185 -16.95 -45.38 31.31
CA ILE H 185 -17.59 -45.57 30.02
C ILE H 185 -17.97 -47.04 29.79
N LEU H 186 -19.26 -47.32 29.70
CA LEU H 186 -19.70 -48.66 29.37
C LEU H 186 -19.54 -48.94 27.87
N SER H 187 -20.02 -48.02 27.04
CA SER H 187 -19.82 -48.11 25.60
C SER H 187 -19.80 -46.76 24.91
N ALA H 188 -19.01 -46.65 23.86
CA ALA H 188 -18.97 -45.44 23.06
C ALA H 188 -18.95 -45.76 21.56
N THR H 189 -19.98 -45.30 20.85
CA THR H 189 -20.03 -45.49 19.40
C THR H 189 -20.08 -44.15 18.67
N GLN H 190 -19.50 -44.13 17.47
CA GLN H 190 -19.69 -43.00 16.55
C GLN H 190 -20.37 -43.51 15.27
N THR H 191 -21.63 -43.11 15.08
CA THR H 191 -22.44 -43.68 14.01
C THR H 191 -22.81 -42.68 12.93
N ARG H 192 -22.35 -42.94 11.70
CA ARG H 192 -22.70 -42.07 10.59
C ARG H 192 -24.10 -42.34 10.00
N SER H 193 -24.84 -41.28 9.74
CA SER H 193 -26.17 -41.41 9.16
C SER H 193 -26.46 -40.20 8.30
N GLU H 194 -27.46 -40.32 7.43
CA GLU H 194 -27.81 -39.29 6.46
C GLU H 194 -29.27 -39.01 6.65
N ARG H 195 -29.67 -37.76 6.70
CA ARG H 195 -31.09 -37.51 6.87
C ARG H 195 -31.64 -36.61 5.78
N PHE H 196 -32.88 -36.88 5.40
CA PHE H 196 -33.50 -36.12 4.33
C PHE H 196 -34.63 -35.30 4.88
N TYR H 197 -34.94 -34.23 4.18
CA TYR H 197 -36.06 -33.42 4.56
C TYR H 197 -37.01 -33.31 3.36
N GLU H 198 -38.26 -32.94 3.63
CA GLU H 198 -39.23 -32.84 2.56
C GLU H 198 -38.80 -31.75 1.58
N CYS H 199 -38.10 -30.75 2.10
CA CYS H 199 -37.65 -29.61 1.30
C CYS H 199 -36.62 -29.94 0.20
N CYS H 200 -35.74 -30.90 0.46
CA CYS H 200 -34.59 -31.11 -0.41
C CYS H 200 -34.31 -32.58 -0.70
N LYS H 201 -33.77 -32.83 -1.88
CA LYS H 201 -33.35 -34.16 -2.25
C LYS H 201 -31.88 -34.40 -1.90
N GLU H 202 -31.18 -33.35 -1.49
CA GLU H 202 -29.77 -33.43 -1.02
C GLU H 202 -29.67 -33.95 0.41
N PRO H 203 -28.77 -34.92 0.63
CA PRO H 203 -28.62 -35.56 1.94
C PRO H 203 -27.94 -34.66 2.97
N TYR H 204 -28.24 -34.82 4.26
CA TYR H 204 -27.55 -34.06 5.31
C TYR H 204 -26.91 -34.97 6.35
N PRO H 205 -25.67 -35.40 6.09
CA PRO H 205 -24.96 -36.40 6.88
C PRO H 205 -24.67 -35.90 8.28
N ASP H 206 -24.27 -36.82 9.15
CA ASP H 206 -23.85 -36.46 10.47
C ASP H 206 -23.31 -37.67 11.18
N VAL H 207 -22.52 -37.41 12.22
CA VAL H 207 -21.98 -38.46 13.04
C VAL H 207 -22.71 -38.36 14.36
N ASN H 208 -23.16 -39.51 14.85
CA ASN H 208 -23.88 -39.57 16.10
C ASN H 208 -22.95 -40.21 17.11
N LEU H 209 -22.57 -39.44 18.12
CA LEU H 209 -21.74 -39.95 19.20
C LEU H 209 -22.72 -40.41 20.27
N VAL H 210 -22.77 -41.72 20.49
CA VAL H 210 -23.67 -42.29 21.48
C VAL H 210 -22.85 -42.83 22.67
N VAL H 211 -23.14 -42.30 23.85
CA VAL H 211 -22.34 -42.63 25.02
C VAL H 211 -23.17 -43.18 26.18
N LYS H 212 -22.74 -44.34 26.67
CA LYS H 212 -23.32 -45.03 27.81
C LYS H 212 -22.35 -44.92 29.00
N PHE H 213 -22.81 -44.37 30.12
CA PHE H 213 -21.93 -44.19 31.27
C PHE H 213 -22.62 -44.32 32.63
N ARG H 214 -21.88 -44.81 33.61
CA ARG H 214 -22.38 -44.89 34.98
C ARG H 214 -21.38 -44.25 35.96
N GLU H 215 -21.83 -43.89 37.16
CA GLU H 215 -20.92 -43.41 38.20
C GLU H 215 -19.89 -44.49 38.49
N ARG H 216 -18.64 -44.10 38.67
CA ARG H 216 -17.57 -45.10 38.82
C ARG H 216 -17.84 -46.06 39.98
N ARG H 217 -17.82 -47.36 39.66
CA ARG H 217 -18.14 -48.43 40.62
C ARG H 217 -19.02 -47.95 41.77
N ASP I 4 25.22 10.67 28.20
CA ASP I 4 24.44 11.89 28.13
C ASP I 4 22.96 11.55 27.87
N ASP I 5 22.22 12.46 27.24
CA ASP I 5 20.92 12.11 26.68
C ASP I 5 21.17 11.39 25.37
N ASP I 6 22.11 11.94 24.60
CA ASP I 6 22.42 11.38 23.30
C ASP I 6 22.72 9.90 23.40
N ASP I 7 23.37 9.47 24.48
CA ASP I 7 23.68 8.06 24.66
C ASP I 7 22.42 7.18 24.77
N LYS I 8 21.37 7.72 25.40
CA LYS I 8 20.08 7.01 25.46
C LYS I 8 19.40 7.04 24.10
N LEU I 9 19.46 8.18 23.42
CA LEU I 9 18.85 8.29 22.12
C LEU I 9 19.47 7.26 21.20
N HIS I 10 20.79 7.19 21.21
CA HIS I 10 21.49 6.19 20.43
C HIS I 10 21.09 4.77 20.86
N SER I 11 20.67 4.61 22.11
CA SER I 11 20.32 3.29 22.62
C SER I 11 18.90 2.86 22.21
N GLN I 12 17.98 3.81 22.19
CA GLN I 12 16.64 3.57 21.63
C GLN I 12 16.72 3.28 20.15
N ALA I 13 17.47 4.11 19.43
CA ALA I 13 17.57 3.93 18.00
C ALA I 13 18.30 2.62 17.71
N ASN I 14 19.25 2.26 18.55
CA ASN I 14 19.98 1.02 18.34
C ASN I 14 19.12 -0.20 18.49
N LEU I 15 18.21 -0.13 19.46
CA LEU I 15 17.31 -1.21 19.79
C LEU I 15 16.24 -1.36 18.71
N MET I 16 15.58 -0.26 18.37
CA MET I 16 14.61 -0.27 17.29
C MET I 16 15.22 -0.84 16.01
N ARG I 17 16.46 -0.49 15.75
CA ARG I 17 17.19 -1.02 14.61
C ARG I 17 17.44 -2.53 14.75
N LEU I 18 17.91 -2.99 15.90
CA LEU I 18 18.06 -4.43 16.15
C LEU I 18 16.77 -5.23 15.89
N LYS I 19 15.66 -4.71 16.39
CA LYS I 19 14.38 -5.35 16.23
C LYS I 19 13.90 -5.32 14.78
N SER I 20 14.10 -4.19 14.12
CA SER I 20 13.82 -4.10 12.70
C SER I 20 14.69 -5.09 11.94
N ASP I 21 15.98 -5.09 12.24
CA ASP I 21 16.91 -6.01 11.60
C ASP I 21 16.49 -7.45 11.76
N LEU I 22 15.72 -7.72 12.82
CA LEU I 22 15.30 -9.07 13.12
C LEU I 22 13.88 -9.44 12.68
N PHE I 23 12.89 -8.67 13.12
CA PHE I 23 11.48 -8.98 12.83
C PHE I 23 10.89 -8.49 11.51
N ASN I 24 11.46 -7.43 10.94
CA ASN I 24 10.97 -6.84 9.71
C ASN I 24 11.71 -7.30 8.47
N ARG I 25 13.03 -7.12 8.50
CA ARG I 25 13.88 -7.61 7.43
C ARG I 25 13.73 -9.10 7.19
N SER I 26 13.50 -9.87 8.24
CA SER I 26 13.36 -11.29 8.03
C SER I 26 11.88 -11.76 8.02
N PRO I 27 11.64 -13.03 7.64
CA PRO I 27 10.41 -13.80 7.88
C PRO I 27 10.39 -14.37 9.28
N MET I 28 9.22 -14.51 9.90
CA MET I 28 9.18 -15.13 11.21
C MET I 28 9.56 -16.60 11.05
N TYR I 29 10.11 -17.18 12.10
CA TYR I 29 10.56 -18.57 12.09
C TYR I 29 9.40 -19.55 11.77
N PRO I 30 9.58 -20.41 10.73
CA PRO I 30 8.56 -21.36 10.27
C PRO I 30 8.24 -22.47 11.27
N GLY I 31 9.08 -22.65 12.27
CA GLY I 31 8.94 -23.74 13.22
C GLY I 31 9.95 -24.82 12.89
N PRO I 32 10.18 -25.76 13.81
CA PRO I 32 11.15 -26.84 13.63
C PRO I 32 10.76 -27.79 12.53
N THR I 33 11.74 -28.47 11.96
CA THR I 33 11.52 -29.51 10.98
C THR I 33 12.43 -30.66 11.37
N LYS I 34 12.21 -31.83 10.78
CA LYS I 34 13.11 -32.94 10.99
C LYS I 34 14.56 -32.55 10.68
N ASP I 35 14.74 -31.64 9.71
CA ASP I 35 16.06 -31.20 9.29
C ASP I 35 16.55 -30.07 10.17
N ASP I 36 15.67 -29.54 10.99
CA ASP I 36 15.97 -28.39 11.82
C ASP I 36 15.29 -28.60 13.18
N PRO I 37 15.75 -29.61 13.93
CA PRO I 37 15.17 -29.88 15.26
C PRO I 37 15.46 -28.76 16.25
N LEU I 38 14.70 -28.73 17.33
CA LEU I 38 14.82 -27.66 18.30
C LEU I 38 14.52 -28.19 19.71
N THR I 39 15.21 -27.66 20.70
CA THR I 39 15.02 -28.16 22.04
C THR I 39 14.37 -27.12 22.95
N VAL I 40 13.24 -27.48 23.54
CA VAL I 40 12.55 -26.60 24.47
C VAL I 40 12.84 -27.06 25.90
N TYR I 41 13.35 -26.17 26.73
CA TYR I 41 13.53 -26.52 28.13
C TYR I 41 12.32 -26.11 28.94
N LEU I 42 11.92 -26.97 29.86
CA LEU I 42 10.68 -26.78 30.58
C LEU I 42 10.94 -26.92 32.06
N SER I 43 10.49 -25.94 32.81
CA SER I 43 10.57 -25.98 34.27
C SER I 43 9.30 -25.38 34.88
N PHE I 44 8.88 -25.93 36.02
CA PHE I 44 7.73 -25.39 36.71
C PHE I 44 8.09 -24.85 38.09
N SER I 45 7.38 -23.82 38.52
CA SER I 45 7.30 -23.47 39.93
C SER I 45 5.84 -23.29 40.34
N LEU I 46 5.43 -24.02 41.36
CA LEU I 46 4.07 -23.97 41.86
C LEU I 46 3.82 -22.79 42.77
N LEU I 47 2.68 -22.16 42.56
CA LEU I 47 2.23 -21.00 43.33
C LEU I 47 1.11 -21.38 44.29
N ASP I 48 0.01 -21.90 43.77
CA ASP I 48 -1.11 -22.28 44.62
C ASP I 48 -1.89 -23.46 44.06
N ILE I 49 -2.45 -24.28 44.94
CA ILE I 49 -3.54 -25.14 44.51
C ILE I 49 -4.79 -24.45 45.06
N VAL I 50 -5.57 -23.85 44.18
CA VAL I 50 -6.67 -23.00 44.63
C VAL I 50 -7.86 -23.83 45.09
N LYS I 51 -8.15 -24.88 44.32
CA LYS I 51 -9.35 -25.68 44.53
C LYS I 51 -9.13 -27.15 44.19
N ALA I 52 -9.64 -28.06 45.02
CA ALA I 52 -9.72 -29.47 44.64
C ALA I 52 -11.20 -29.78 44.64
N ASP I 53 -11.70 -30.35 43.54
CA ASP I 53 -13.15 -30.61 43.42
C ASP I 53 -13.51 -32.10 43.34
N SER I 54 -14.14 -32.63 44.40
CA SER I 54 -14.54 -34.04 44.46
C SER I 54 -15.71 -34.36 43.51
N SER I 55 -16.63 -33.41 43.32
CA SER I 55 -17.79 -33.64 42.47
C SER I 55 -17.43 -33.82 41.00
N THR I 56 -16.56 -32.96 40.48
CA THR I 56 -16.10 -33.07 39.10
C THR I 56 -14.74 -33.76 38.92
N ASN I 57 -14.06 -34.10 40.00
CA ASN I 57 -12.66 -34.55 39.92
C ASN I 57 -11.72 -33.61 39.15
N GLU I 58 -11.68 -32.35 39.54
CA GLU I 58 -10.94 -31.34 38.83
C GLU I 58 -10.18 -30.51 39.83
N VAL I 59 -8.91 -30.27 39.55
CA VAL I 59 -8.13 -29.45 40.45
C VAL I 59 -7.62 -28.19 39.78
N ASP I 60 -7.72 -27.08 40.48
CA ASP I 60 -7.25 -25.79 39.98
C ASP I 60 -5.85 -25.47 40.47
N LEU I 61 -5.03 -24.98 39.56
CA LEU I 61 -3.62 -24.82 39.83
C LEU I 61 -3.11 -23.50 39.26
N VAL I 62 -2.36 -22.76 40.08
CA VAL I 62 -1.68 -21.57 39.58
C VAL I 62 -0.18 -21.81 39.59
N TYR I 63 0.45 -21.65 38.45
CA TYR I 63 1.89 -21.87 38.38
C TYR I 63 2.60 -21.01 37.34
N TRP I 64 3.91 -21.14 37.31
CA TRP I 64 4.73 -20.50 36.31
C TRP I 64 5.38 -21.58 35.49
N GLU I 65 5.32 -21.41 34.17
CA GLU I 65 5.90 -22.39 33.28
C GLU I 65 7.05 -21.74 32.56
N GLN I 66 8.26 -22.22 32.82
CA GLN I 66 9.44 -21.65 32.22
C GLN I 66 9.84 -22.42 30.97
N GLN I 67 9.73 -21.73 29.84
CA GLN I 67 10.07 -22.32 28.54
C GLN I 67 11.28 -21.60 27.96
N SER I 68 12.26 -22.37 27.51
CA SER I 68 13.37 -21.80 26.77
C SER I 68 13.84 -22.69 25.63
N TRP I 69 14.31 -22.04 24.58
CA TRP I 69 14.86 -22.69 23.41
C TRP I 69 15.79 -21.64 22.82
N LYS I 70 16.45 -22.00 21.73
CA LYS I 70 17.41 -21.12 21.10
C LYS I 70 17.26 -21.18 19.59
N LEU I 71 17.24 -20.01 18.94
CA LEU I 71 17.18 -19.92 17.48
C LEU I 71 18.31 -19.10 16.87
N ASN I 72 19.07 -19.68 15.95
CA ASN I 72 20.09 -18.94 15.21
C ASN I 72 19.51 -17.67 14.56
N SER I 73 18.26 -17.77 14.09
CA SER I 73 17.57 -16.60 13.53
C SER I 73 17.48 -15.44 14.55
N LEU I 74 17.67 -15.71 15.83
CA LEU I 74 17.64 -14.67 16.87
C LEU I 74 19.00 -14.12 17.35
N MET I 75 20.10 -14.60 16.77
CA MET I 75 21.43 -14.18 17.18
C MET I 75 21.84 -12.86 16.55
N TRP I 76 22.57 -12.05 17.32
CA TRP I 76 23.18 -10.82 16.84
C TRP I 76 24.47 -10.57 17.62
N ASP I 77 25.47 -9.99 16.95
CA ASP I 77 26.67 -9.53 17.63
C ASP I 77 26.35 -8.19 18.28
N PRO I 78 26.48 -8.12 19.62
CA PRO I 78 26.16 -6.90 20.38
C PRO I 78 26.95 -5.65 19.96
N ASN I 79 28.19 -5.81 19.48
CA ASN I 79 29.03 -4.69 19.04
C ASN I 79 28.33 -3.79 18.04
N GLU I 80 27.70 -4.42 17.04
CA GLU I 80 27.06 -3.71 15.95
C GLU I 80 25.78 -3.02 16.44
N TYR I 81 25.31 -3.40 17.60
CA TYR I 81 24.08 -2.83 18.08
C TYR I 81 24.13 -1.89 19.28
N GLY I 82 25.30 -1.48 19.71
CA GLY I 82 25.39 -0.55 20.83
C GLY I 82 25.53 -1.38 22.07
N ASN I 83 26.04 -2.59 21.88
CA ASN I 83 26.36 -3.49 22.98
CA ASN I 83 26.36 -3.46 23.00
C ASN I 83 25.13 -3.85 23.81
N ILE I 84 24.04 -4.17 23.09
CA ILE I 84 22.77 -4.64 23.64
C ILE I 84 22.85 -6.16 23.68
N THR I 85 22.85 -6.74 24.86
CA THR I 85 22.87 -8.18 24.97
C THR I 85 21.48 -8.83 25.09
N ASP I 86 20.45 -8.02 25.35
CA ASP I 86 19.10 -8.57 25.37
C ASP I 86 17.97 -7.54 25.25
N PHE I 87 16.78 -8.04 24.90
CA PHE I 87 15.57 -7.21 24.89
C PHE I 87 14.31 -8.00 25.25
N ARG I 88 13.29 -7.29 25.67
CA ARG I 88 11.98 -7.86 25.94
C ARG I 88 11.05 -7.64 24.73
N THR I 89 10.30 -8.68 24.35
CA THR I 89 9.37 -8.57 23.22
C THR I 89 8.00 -9.15 23.55
N SER I 90 6.96 -8.55 22.97
CA SER I 90 5.64 -9.16 23.01
C SER I 90 5.78 -10.59 22.47
N ALA I 91 5.19 -11.57 23.16
CA ALA I 91 5.32 -12.97 22.74
C ALA I 91 4.67 -13.20 21.38
N ALA I 92 3.78 -12.28 20.99
CA ALA I 92 3.16 -12.30 19.68
C ALA I 92 4.13 -12.00 18.52
N ASP I 93 5.27 -11.38 18.80
CA ASP I 93 6.22 -11.04 17.74
C ASP I 93 7.25 -12.12 17.47
N ILE I 94 7.17 -13.23 18.18
CA ILE I 94 8.13 -14.31 17.96
C ILE I 94 7.43 -15.65 17.96
N TRP I 95 8.11 -16.65 17.42
CA TRP I 95 7.60 -18.00 17.39
C TRP I 95 7.71 -18.60 18.78
N THR I 96 6.61 -19.17 19.25
CA THR I 96 6.56 -19.83 20.55
C THR I 96 6.21 -21.27 20.35
N PRO I 97 6.70 -22.14 21.23
CA PRO I 97 6.33 -23.56 21.10
C PRO I 97 4.89 -23.84 21.56
N ASP I 98 4.31 -24.92 21.06
CA ASP I 98 2.90 -25.26 21.22
C ASP I 98 2.59 -26.09 22.47
N ILE I 99 3.54 -26.16 23.39
CA ILE I 99 3.38 -26.93 24.62
C ILE I 99 2.08 -26.62 25.30
N THR I 100 1.42 -27.68 25.78
CA THR I 100 0.07 -27.60 26.33
C THR I 100 -0.16 -28.71 27.34
N ALA I 101 -1.12 -28.52 28.25
CA ALA I 101 -1.41 -29.56 29.26
C ALA I 101 -2.40 -30.61 28.73
N TYR I 102 -1.95 -31.83 28.59
CA TYR I 102 -2.74 -32.82 27.93
C TYR I 102 -4.03 -33.12 28.60
N SER I 103 -4.06 -33.03 29.92
CA SER I 103 -5.26 -33.39 30.65
C SER I 103 -6.10 -32.24 31.14
N SER I 104 -5.92 -31.06 30.59
CA SER I 104 -6.73 -29.94 31.03
C SER I 104 -8.17 -30.09 30.71
N THR I 105 -9.05 -29.71 31.63
CA THR I 105 -10.47 -29.72 31.39
C THR I 105 -11.12 -28.39 31.15
N ARG I 106 -10.34 -27.33 31.11
CA ARG I 106 -10.83 -25.99 30.79
C ARG I 106 -9.76 -25.24 30.00
N PRO I 107 -10.15 -24.20 29.25
CA PRO I 107 -9.08 -23.48 28.56
C PRO I 107 -8.24 -22.75 29.61
N VAL I 108 -6.92 -22.70 29.39
CA VAL I 108 -5.98 -22.10 30.34
C VAL I 108 -6.18 -20.61 30.51
N GLN I 109 -6.00 -20.12 31.74
CA GLN I 109 -6.04 -18.69 31.98
C GLN I 109 -4.64 -18.04 32.21
N VAL I 110 -4.34 -17.01 31.42
CA VAL I 110 -3.08 -16.34 31.49
C VAL I 110 -3.07 -15.22 32.53
N LEU I 111 -2.18 -15.37 33.53
CA LEU I 111 -2.18 -14.52 34.73
C LEU I 111 -1.20 -13.36 34.72
N SER I 112 -0.39 -13.29 33.67
CA SER I 112 0.77 -12.42 33.58
C SER I 112 0.87 -11.87 32.15
N PRO I 113 1.57 -10.74 31.96
CA PRO I 113 1.77 -10.26 30.59
C PRO I 113 2.55 -11.23 29.74
N GLN I 114 2.28 -11.26 28.43
CA GLN I 114 3.00 -12.23 27.64
C GLN I 114 4.09 -11.51 26.88
N ASN I 115 5.30 -11.71 27.41
CA ASN I 115 6.50 -11.09 26.91
C ASN I 115 7.58 -12.10 27.16
N ALA I 116 8.54 -12.12 26.25
CA ALA I 116 9.65 -13.05 26.34
C ALA I 116 10.89 -12.19 26.34
N LEU I 117 11.99 -12.79 26.77
CA LEU I 117 13.28 -12.12 26.73
C LEU I 117 14.13 -12.85 25.71
N VAL I 118 14.75 -12.11 24.81
CA VAL I 118 15.65 -12.71 23.84
C VAL I 118 17.03 -12.10 24.05
N ASN I 119 18.10 -12.96 23.96
CA ASN I 119 19.46 -12.52 24.20
C ASN I 119 20.37 -12.71 23.00
N SER I 120 21.52 -12.00 22.88
CA SER I 120 22.46 -11.99 21.76
C SER I 120 22.80 -13.37 21.23
N SER I 121 22.73 -14.39 22.09
CA SER I 121 23.03 -15.78 21.69
C SER I 121 21.87 -16.51 20.97
N GLY I 122 20.72 -15.85 20.89
CA GLY I 122 19.56 -16.44 20.26
C GLY I 122 18.76 -17.27 21.25
N HIS I 123 19.02 -17.05 22.54
CA HIS I 123 18.26 -17.72 23.61
C HIS I 123 16.95 -16.99 23.98
N VAL I 124 15.84 -17.73 23.98
CA VAL I 124 14.55 -17.18 24.40
C VAL I 124 14.08 -17.81 25.73
N GLN I 125 13.64 -16.94 26.64
CA GLN I 125 13.06 -17.35 27.90
C GLN I 125 11.66 -16.76 28.00
N TYR I 126 10.67 -17.63 28.18
CA TYR I 126 9.27 -17.24 28.25
C TYR I 126 8.70 -17.79 29.55
N LEU I 127 8.17 -16.92 30.41
CA LEU I 127 7.65 -17.36 31.71
C LEU I 127 6.21 -16.96 31.96
N PRO I 128 5.25 -17.60 31.25
CA PRO I 128 3.82 -17.37 31.43
C PRO I 128 3.32 -17.92 32.75
N ALA I 129 2.59 -17.08 33.47
CA ALA I 129 1.88 -17.49 34.68
C ALA I 129 0.45 -17.84 34.28
N GLN I 130 -0.03 -18.98 34.77
CA GLN I 130 -1.34 -19.47 34.37
C GLN I 130 -2.06 -20.25 35.45
N ARG I 131 -3.39 -20.21 35.38
CA ARG I 131 -4.25 -21.12 36.14
C ARG I 131 -4.74 -22.23 35.26
N LEU I 132 -4.51 -23.46 35.68
CA LEU I 132 -4.95 -24.64 34.95
C LEU I 132 -5.95 -25.47 35.74
N SER I 133 -7.07 -25.85 35.10
CA SER I 133 -7.97 -26.89 35.61
C SER I 133 -7.59 -28.18 34.92
N PHE I 134 -7.28 -29.23 35.65
CA PHE I 134 -6.98 -30.52 35.00
C PHE I 134 -7.68 -31.72 35.66
N MET I 135 -7.39 -32.92 35.15
CA MET I 135 -8.09 -34.09 35.62
C MET I 135 -7.32 -34.68 36.78
N CYS I 136 -7.92 -34.57 37.96
CA CYS I 136 -7.38 -35.08 39.21
C CYS I 136 -8.45 -35.64 40.14
N ASP I 137 -8.23 -36.86 40.65
CA ASP I 137 -9.04 -37.39 41.73
C ASP I 137 -8.36 -37.04 43.05
N PRO I 138 -8.94 -36.11 43.80
CA PRO I 138 -8.34 -35.65 45.04
C PRO I 138 -8.97 -36.56 46.11
N THR I 139 -8.55 -37.82 46.14
CA THR I 139 -9.00 -38.72 47.20
C THR I 139 -7.87 -39.01 48.19
N GLY I 140 -8.17 -38.87 49.48
CA GLY I 140 -7.15 -38.95 50.49
C GLY I 140 -6.52 -37.59 50.67
N VAL I 141 -7.23 -36.57 50.28
CA VAL I 141 -6.79 -35.21 50.45
C VAL I 141 -6.75 -34.89 51.92
N ASP I 142 -7.74 -35.35 52.64
CA ASP I 142 -7.89 -35.12 54.07
C ASP I 142 -7.05 -36.09 54.92
N SER I 143 -6.51 -37.10 54.26
CA SER I 143 -5.55 -38.06 54.78
C SER I 143 -4.20 -37.40 55.06
N GLU I 144 -3.34 -38.04 55.85
CA GLU I 144 -1.95 -37.58 56.01
C GLU I 144 -1.08 -37.98 54.82
N GLU I 145 -1.56 -38.92 54.01
CA GLU I 145 -0.82 -39.40 52.85
C GLU I 145 -1.15 -38.54 51.64
N GLY I 146 -2.13 -37.67 51.80
CA GLY I 146 -2.50 -36.72 50.76
C GLY I 146 -3.17 -37.36 49.56
N ALA I 147 -3.28 -36.60 48.49
CA ALA I 147 -3.86 -37.11 47.27
C ALA I 147 -2.78 -36.93 46.22
N THR I 148 -2.90 -37.60 45.09
CA THR I 148 -1.90 -37.39 44.05
C THR I 148 -2.50 -37.16 42.68
N CYS I 149 -1.87 -36.27 41.93
CA CYS I 149 -2.31 -35.98 40.57
C CYS I 149 -1.17 -35.75 39.63
N ALA I 150 -1.33 -36.22 38.40
CA ALA I 150 -0.34 -35.98 37.37
C ALA I 150 -0.94 -35.23 36.18
N VAL I 151 -0.15 -34.33 35.61
CA VAL I 151 -0.50 -33.70 34.34
C VAL I 151 0.70 -33.81 33.43
N LYS I 152 0.45 -34.27 32.21
CA LYS I 152 1.49 -34.29 31.19
C LYS I 152 1.46 -33.03 30.33
N PHE I 153 2.65 -32.49 30.07
CA PHE I 153 2.84 -31.30 29.26
C PHE I 153 3.75 -31.65 28.09
N GLY I 154 3.34 -31.23 26.90
CA GLY I 154 4.11 -31.49 25.69
C GLY I 154 3.61 -30.72 24.49
N SER I 155 4.27 -30.93 23.34
CA SER I 155 3.87 -30.28 22.10
C SER I 155 2.61 -30.94 21.56
N TRP I 156 1.63 -30.15 21.13
CA TRP I 156 0.42 -30.75 20.56
C TRP I 156 0.70 -31.35 19.19
N SER I 157 1.27 -30.53 18.30
CA SER I 157 1.43 -30.92 16.89
C SER I 157 2.82 -31.46 16.48
N TYR I 158 3.80 -31.46 17.37
CA TYR I 158 5.18 -31.77 17.01
C TYR I 158 5.72 -32.94 17.81
N GLY I 159 6.45 -33.82 17.14
CA GLY I 159 7.07 -34.95 17.79
C GLY I 159 8.52 -34.71 18.11
N GLY I 160 9.16 -35.72 18.69
CA GLY I 160 10.50 -35.58 19.23
C GLY I 160 11.58 -35.23 18.23
N TRP I 161 11.35 -35.52 16.95
CA TRP I 161 12.34 -35.25 15.91
C TRP I 161 12.29 -33.83 15.39
N GLU I 162 11.23 -33.12 15.76
CA GLU I 162 11.11 -31.69 15.49
C GLU I 162 11.27 -30.84 16.74
N ILE I 163 10.55 -31.20 17.79
CA ILE I 163 10.75 -30.63 19.11
C ILE I 163 11.22 -31.68 20.13
N ASP I 164 12.29 -31.39 20.86
CA ASP I 164 12.72 -32.29 21.92
C ASP I 164 12.53 -31.59 23.25
N LEU I 165 11.88 -32.26 24.17
CA LEU I 165 11.61 -31.68 25.48
C LEU I 165 12.66 -32.11 26.47
N LYS I 166 13.00 -31.20 27.39
CA LYS I 166 13.96 -31.45 28.47
C LYS I 166 13.57 -30.68 29.71
N THR I 167 13.93 -31.22 30.87
CA THR I 167 13.92 -30.48 32.12
C THR I 167 15.37 -30.38 32.53
N ASP I 168 15.76 -29.28 33.17
CA ASP I 168 17.10 -29.26 33.79
C ASP I 168 17.13 -29.96 35.16
N THR I 169 15.98 -29.98 35.84
CA THR I 169 15.82 -30.66 37.13
C THR I 169 14.64 -31.60 37.11
N ASP I 170 14.62 -32.57 38.03
CA ASP I 170 13.45 -33.43 38.25
CA ASP I 170 13.50 -33.51 38.23
C ASP I 170 12.59 -32.89 39.40
N GLN I 171 13.02 -31.76 39.97
CA GLN I 171 12.30 -31.20 41.11
C GLN I 171 11.60 -29.89 40.79
N VAL I 172 10.34 -29.82 41.21
CA VAL I 172 9.51 -28.64 40.98
C VAL I 172 9.85 -27.56 42.00
N ASP I 173 10.00 -26.33 41.53
CA ASP I 173 10.32 -25.24 42.42
C ASP I 173 9.09 -24.97 43.28
N LEU I 174 9.28 -25.13 44.60
CA LEU I 174 8.25 -24.81 45.58
C LEU I 174 8.47 -23.49 46.28
N SER I 175 9.58 -22.83 45.96
CA SER I 175 10.04 -21.70 46.76
C SER I 175 9.00 -20.58 46.88
N SER I 176 8.21 -20.40 45.83
CA SER I 176 7.17 -19.37 45.83
C SER I 176 5.77 -19.86 46.22
N TYR I 177 5.64 -21.14 46.54
CA TYR I 177 4.33 -21.66 46.91
C TYR I 177 3.68 -20.88 48.07
N TYR I 178 2.39 -20.62 47.96
CA TYR I 178 1.68 -19.79 48.93
C TYR I 178 1.50 -20.49 50.27
N ALA I 179 2.01 -19.84 51.31
CA ALA I 179 2.08 -20.43 52.64
C ALA I 179 0.70 -20.73 53.23
N SER I 180 -0.25 -19.84 52.95
CA SER I 180 -1.60 -19.91 53.51
C SER I 180 -2.57 -20.65 52.61
N SER I 181 -2.06 -21.29 51.56
CA SER I 181 -2.90 -22.13 50.70
C SER I 181 -3.67 -23.19 51.49
N LYS I 182 -4.91 -23.42 51.08
CA LYS I 182 -5.75 -24.43 51.70
C LYS I 182 -5.13 -25.82 51.66
N TYR I 183 -4.16 -25.99 50.77
CA TYR I 183 -3.50 -27.28 50.59
C TYR I 183 -2.00 -27.05 50.63
N GLU I 184 -1.29 -28.01 51.22
CA GLU I 184 0.16 -27.92 51.28
C GLU I 184 0.73 -29.01 50.42
N ILE I 185 1.93 -28.78 49.90
CA ILE I 185 2.52 -29.72 48.97
C ILE I 185 3.44 -30.64 49.75
N LEU I 186 3.20 -31.94 49.63
CA LEU I 186 4.13 -32.94 50.17
C LEU I 186 5.31 -33.15 49.23
N SER I 187 5.01 -33.31 47.94
CA SER I 187 6.06 -33.38 46.93
C SER I 187 5.54 -32.93 45.58
N ALA I 188 6.44 -32.39 44.76
CA ALA I 188 6.12 -32.04 43.39
C ALA I 188 7.35 -32.35 42.54
N THR I 189 7.15 -33.03 41.42
CA THR I 189 8.28 -33.47 40.61
C THR I 189 8.03 -33.32 39.11
N GLN I 190 9.01 -32.80 38.37
CA GLN I 190 8.89 -32.75 36.91
C GLN I 190 9.80 -33.74 36.18
N THR I 191 9.18 -34.78 35.63
CA THR I 191 9.90 -35.93 35.09
C THR I 191 9.68 -35.99 33.59
N ARG I 192 10.72 -36.35 32.84
CA ARG I 192 10.56 -36.51 31.39
C ARG I 192 10.56 -37.96 30.95
N SER I 193 9.64 -38.31 30.07
CA SER I 193 9.60 -39.64 29.51
C SER I 193 9.41 -39.61 28.00
N GLU I 194 9.91 -40.64 27.31
CA GLU I 194 9.72 -40.78 25.87
C GLU I 194 8.75 -41.92 25.63
N ARG I 195 7.77 -41.67 24.75
CA ARG I 195 6.72 -42.63 24.49
C ARG I 195 6.70 -42.92 22.98
N PHE I 196 6.55 -44.19 22.61
CA PHE I 196 6.56 -44.54 21.19
C PHE I 196 5.20 -45.11 20.76
N TYR I 197 4.51 -44.43 19.85
CA TYR I 197 3.27 -44.94 19.28
C TYR I 197 3.68 -45.86 18.13
N GLU I 198 3.02 -47.01 18.00
CA GLU I 198 3.47 -48.01 17.03
C GLU I 198 3.29 -47.59 15.56
N CYS I 199 2.41 -46.63 15.32
CA CYS I 199 2.18 -46.13 13.96
C CYS I 199 3.45 -45.56 13.32
N CYS I 200 4.26 -44.87 14.13
CA CYS I 200 5.42 -44.11 13.62
C CYS I 200 6.66 -44.37 14.47
N LYS I 201 7.83 -44.34 13.83
CA LYS I 201 9.11 -44.58 14.51
C LYS I 201 9.47 -43.50 15.51
N GLU I 202 9.13 -42.26 15.16
CA GLU I 202 9.46 -41.05 15.94
C GLU I 202 8.96 -41.05 17.38
N PRO I 203 9.85 -40.72 18.32
CA PRO I 203 9.56 -40.56 19.75
C PRO I 203 8.66 -39.36 20.01
N TYR I 204 7.74 -39.48 20.95
CA TYR I 204 6.97 -38.34 21.43
C TYR I 204 7.24 -38.05 22.91
N PRO I 205 8.00 -36.98 23.21
CA PRO I 205 8.27 -36.84 24.63
C PRO I 205 7.24 -35.97 25.33
N ASP I 206 7.36 -35.94 26.66
CA ASP I 206 6.48 -35.16 27.52
C ASP I 206 7.14 -34.93 28.87
N VAL I 207 6.63 -33.95 29.60
CA VAL I 207 7.08 -33.73 30.95
C VAL I 207 5.91 -34.00 31.90
N ASN I 208 6.08 -34.96 32.80
CA ASN I 208 5.01 -35.31 33.71
C ASN I 208 5.21 -34.54 35.01
N LEU I 209 4.22 -33.74 35.37
CA LEU I 209 4.26 -32.97 36.59
C LEU I 209 3.40 -33.72 37.56
N VAL I 210 4.03 -34.30 38.58
CA VAL I 210 3.32 -35.09 39.59
C VAL I 210 3.34 -34.35 40.92
N VAL I 211 2.20 -34.28 41.57
CA VAL I 211 2.06 -33.45 42.76
C VAL I 211 1.29 -34.16 43.88
N LYS I 212 1.91 -34.35 45.04
CA LYS I 212 1.18 -34.88 46.19
C LYS I 212 0.84 -33.75 47.15
N PHE I 213 -0.38 -33.74 47.68
CA PHE I 213 -0.82 -32.61 48.51
C PHE I 213 -1.92 -33.02 49.48
N ARG I 214 -2.18 -32.17 50.47
CA ARG I 214 -3.26 -32.44 51.39
C ARG I 214 -3.75 -31.15 52.03
N GLU I 215 -4.94 -31.20 52.62
CA GLU I 215 -5.50 -30.05 53.33
C GLU I 215 -4.53 -29.59 54.40
N ARG I 216 -4.43 -28.27 54.57
CA ARG I 216 -3.54 -27.72 55.58
C ARG I 216 -4.25 -27.60 56.93
N ARG I 217 -3.61 -28.14 57.98
CA ARG I 217 -4.14 -28.04 59.35
C ARG I 217 -3.16 -27.33 60.28
N LYS J 3 -15.09 33.84 13.45
CA LYS J 3 -15.06 34.33 14.82
C LYS J 3 -14.40 33.33 15.78
N ASP J 4 -15.05 33.02 16.90
CA ASP J 4 -14.54 32.03 17.85
C ASP J 4 -14.59 30.62 17.28
N ASP J 5 -15.53 30.38 16.37
CA ASP J 5 -15.70 29.07 15.77
C ASP J 5 -14.41 28.68 15.08
N ASP J 6 -13.69 29.71 14.64
CA ASP J 6 -12.41 29.53 14.00
C ASP J 6 -11.44 28.97 15.02
N ASP J 7 -11.56 29.46 16.26
CA ASP J 7 -10.71 29.00 17.36
C ASP J 7 -10.95 27.51 17.65
N LYS J 8 -12.21 27.09 17.69
CA LYS J 8 -12.54 25.70 17.89
C LYS J 8 -11.84 24.83 16.86
N LEU J 9 -11.93 25.25 15.60
CA LEU J 9 -11.37 24.51 14.47
C LEU J 9 -9.85 24.41 14.53
N HIS J 10 -9.19 25.51 14.87
CA HIS J 10 -7.74 25.50 14.96
C HIS J 10 -7.33 24.58 16.10
N SER J 11 -8.16 24.50 17.11
CA SER J 11 -7.88 23.64 18.25
C SER J 11 -7.84 22.16 17.83
N GLN J 12 -8.89 21.72 17.15
CA GLN J 12 -8.95 20.35 16.64
C GLN J 12 -7.80 20.06 15.69
N ALA J 13 -7.51 21.02 14.81
CA ALA J 13 -6.45 20.86 13.84
C ALA J 13 -5.15 20.63 14.57
N ASN J 14 -4.93 21.44 15.60
CA ASN J 14 -3.70 21.36 16.37
C ASN J 14 -3.51 20.01 17.06
N LEU J 15 -4.53 19.56 17.80
CA LEU J 15 -4.46 18.27 18.47
C LEU J 15 -4.21 17.14 17.48
N MET J 16 -4.89 17.16 16.34
CA MET J 16 -4.64 16.13 15.34
C MET J 16 -3.18 16.14 14.91
N ARG J 17 -2.60 17.34 14.81
CA ARG J 17 -1.21 17.51 14.42
C ARG J 17 -0.25 16.98 15.47
N LEU J 18 -0.44 17.40 16.71
CA LEU J 18 0.41 17.00 17.83
C LEU J 18 0.45 15.49 17.99
N LYS J 19 -0.72 14.88 17.96
CA LYS J 19 -0.83 13.43 18.06
C LYS J 19 -0.18 12.78 16.85
N SER J 20 -0.28 13.42 15.69
CA SER J 20 0.37 12.91 14.50
C SER J 20 1.89 12.99 14.62
N ASP J 21 2.43 14.09 15.12
CA ASP J 21 3.87 14.23 15.29
C ASP J 21 4.47 13.16 16.20
N LEU J 22 3.62 12.62 17.10
CA LEU J 22 4.06 11.70 18.14
C LEU J 22 4.02 10.25 17.68
N PHE J 23 2.81 9.75 17.41
CA PHE J 23 2.45 8.35 17.02
C PHE J 23 2.32 7.83 15.63
N ASN J 24 1.73 8.68 14.78
CA ASN J 24 1.64 8.40 13.33
C ASN J 24 2.97 8.53 12.55
N ARG J 25 3.66 9.66 12.79
CA ARG J 25 4.95 10.04 12.21
C ARG J 25 6.27 9.47 12.81
N SER J 26 6.28 9.14 14.11
CA SER J 26 7.49 8.64 14.79
C SER J 26 7.24 7.26 15.43
N PRO J 27 8.27 6.37 15.42
CA PRO J 27 8.16 5.02 15.98
C PRO J 27 7.86 5.01 17.49
N MET J 28 7.02 4.07 17.93
CA MET J 28 6.66 3.95 19.35
C MET J 28 7.84 3.46 20.20
N TYR J 29 7.90 3.98 21.42
CA TYR J 29 8.96 3.70 22.37
C TYR J 29 9.08 2.17 22.59
N PRO J 30 10.27 1.60 22.30
CA PRO J 30 10.63 0.18 22.32
C PRO J 30 10.66 -0.37 23.72
N GLY J 31 10.63 0.53 24.70
CA GLY J 31 10.72 0.14 26.09
C GLY J 31 12.05 0.48 26.72
N PRO J 32 12.08 0.43 28.06
CA PRO J 32 13.21 0.69 28.94
C PRO J 32 14.43 -0.19 28.66
N THR J 33 15.60 0.42 28.80
CA THR J 33 16.85 -0.32 28.88
C THR J 33 17.64 0.21 30.06
N LYS J 34 18.68 -0.54 30.43
CA LYS J 34 19.62 -0.13 31.47
C LYS J 34 20.29 1.16 31.02
N ASP J 35 20.40 1.32 29.71
CA ASP J 35 20.93 2.53 29.12
C ASP J 35 19.87 3.61 29.07
N ASP J 36 18.61 3.21 29.18
CA ASP J 36 17.51 4.17 29.24
C ASP J 36 16.40 3.72 30.18
N PRO J 37 16.68 3.69 31.49
CA PRO J 37 15.66 3.15 32.40
C PRO J 37 14.57 4.17 32.66
N LEU J 38 13.57 3.76 33.40
CA LEU J 38 12.38 4.56 33.61
C LEU J 38 11.84 4.35 35.01
N THR J 39 11.18 5.36 35.55
CA THR J 39 10.55 5.21 36.85
C THR J 39 9.05 5.23 36.69
N VAL J 40 8.42 4.18 37.20
CA VAL J 40 6.97 4.11 37.24
C VAL J 40 6.53 4.33 38.68
N TYR J 41 5.73 5.37 38.90
CA TYR J 41 5.09 5.56 40.19
C TYR J 41 3.80 4.76 40.25
N LEU J 42 3.63 4.03 41.35
CA LEU J 42 2.44 3.25 41.63
C LEU J 42 1.78 3.78 42.89
N SER J 43 0.46 3.89 42.86
CA SER J 43 -0.32 4.35 44.00
C SER J 43 -1.67 3.64 43.92
N PHE J 44 -2.25 3.26 45.06
CA PHE J 44 -3.54 2.56 45.06
C PHE J 44 -4.65 3.27 45.79
N SER J 45 -5.89 2.93 45.43
CA SER J 45 -7.05 3.49 46.08
C SER J 45 -8.03 2.33 46.21
N LEU J 46 -8.50 2.07 47.43
CA LEU J 46 -9.39 0.96 47.67
C LEU J 46 -10.84 1.37 47.54
N LEU J 47 -11.56 0.54 46.81
CA LEU J 47 -12.98 0.73 46.56
C LEU J 47 -13.95 -0.25 47.20
N ASP J 48 -13.70 -1.54 47.02
CA ASP J 48 -14.51 -2.55 47.68
C ASP J 48 -13.79 -3.87 47.89
N ILE J 49 -14.01 -4.50 49.05
CA ILE J 49 -13.66 -5.90 49.18
C ILE J 49 -14.98 -6.63 49.02
N VAL J 50 -15.14 -7.26 47.87
CA VAL J 50 -16.42 -7.81 47.44
C VAL J 50 -16.69 -9.14 48.09
N LYS J 51 -15.67 -9.98 48.16
CA LYS J 51 -15.82 -11.23 48.86
C LYS J 51 -14.47 -11.81 49.28
N ALA J 52 -14.51 -12.69 50.25
CA ALA J 52 -13.32 -13.37 50.71
C ALA J 52 -13.79 -14.80 50.74
N ASP J 53 -12.96 -15.74 50.33
CA ASP J 53 -13.43 -17.10 50.15
C ASP J 53 -12.68 -18.10 51.03
N SER J 54 -13.38 -18.66 52.02
CA SER J 54 -12.77 -19.57 53.00
C SER J 54 -12.49 -20.93 52.41
N SER J 55 -13.26 -21.31 51.41
CA SER J 55 -13.05 -22.61 50.79
C SER J 55 -11.77 -22.60 49.99
N THR J 56 -11.61 -21.57 49.14
CA THR J 56 -10.42 -21.48 48.32
C THR J 56 -9.22 -20.62 48.82
N ASN J 57 -9.41 -19.82 49.86
CA ASN J 57 -8.42 -18.79 50.21
C ASN J 57 -8.09 -17.80 49.07
N GLU J 58 -9.12 -17.13 48.56
CA GLU J 58 -8.98 -16.07 47.58
C GLU J 58 -9.88 -14.92 47.98
N VAL J 59 -9.38 -13.69 47.84
CA VAL J 59 -10.19 -12.51 48.09
C VAL J 59 -10.37 -11.70 46.79
N ASP J 60 -11.45 -10.94 46.73
CA ASP J 60 -11.82 -10.21 45.53
C ASP J 60 -11.82 -8.75 45.83
N LEU J 61 -10.91 -8.03 45.17
CA LEU J 61 -10.73 -6.63 45.45
C LEU J 61 -11.09 -5.78 44.25
N VAL J 62 -11.75 -4.67 44.52
CA VAL J 62 -11.99 -3.64 43.53
C VAL J 62 -11.21 -2.39 43.96
N TYR J 63 -10.38 -1.86 43.06
CA TYR J 63 -9.55 -0.70 43.35
C TYR J 63 -9.19 0.10 42.11
N TRP J 64 -8.74 1.33 42.34
CA TRP J 64 -8.08 2.10 41.30
C TRP J 64 -6.58 1.96 41.45
N GLU J 65 -5.89 1.90 40.32
CA GLU J 65 -4.46 1.80 40.33
C GLU J 65 -3.92 2.90 39.46
N GLN J 66 -3.22 3.85 40.07
CA GLN J 66 -2.65 4.95 39.32
C GLN J 66 -1.25 4.55 38.94
N GLN J 67 -0.94 4.72 37.66
CA GLN J 67 0.39 4.52 37.13
C GLN J 67 0.88 5.81 36.49
N SER J 68 2.07 6.25 36.88
CA SER J 68 2.65 7.46 36.29
C SER J 68 4.03 7.16 35.80
N TRP J 69 4.37 7.74 34.66
CA TRP J 69 5.74 7.76 34.20
C TRP J 69 5.99 8.95 33.27
N LYS J 70 7.24 9.13 32.85
CA LYS J 70 7.56 10.25 32.00
C LYS J 70 8.45 9.82 30.85
N LEU J 71 8.09 10.25 29.66
CA LEU J 71 8.84 9.93 28.48
C LEU J 71 9.31 11.15 27.76
N ASN J 72 10.54 11.12 27.27
CA ASN J 72 11.03 12.27 26.51
C ASN J 72 10.34 12.30 25.16
N SER J 73 10.11 11.12 24.61
CA SER J 73 9.42 10.99 23.33
C SER J 73 8.08 11.75 23.33
N LEU J 74 7.42 11.81 24.49
CA LEU J 74 6.06 12.36 24.59
C LEU J 74 5.98 13.84 24.92
N MET J 75 7.15 14.48 25.05
CA MET J 75 7.24 15.91 25.33
C MET J 75 6.96 16.72 24.08
N TRP J 76 6.48 17.95 24.29
CA TRP J 76 6.31 18.89 23.20
C TRP J 76 6.31 20.33 23.73
N ASP J 77 6.59 21.27 22.84
CA ASP J 77 6.49 22.69 23.13
C ASP J 77 5.07 23.11 22.79
N PRO J 78 4.28 23.45 23.83
CA PRO J 78 2.90 23.91 23.71
C PRO J 78 2.74 25.05 22.72
N ASN J 79 3.77 25.88 22.57
CA ASN J 79 3.71 26.99 21.63
C ASN J 79 3.59 26.52 20.19
N GLU J 80 4.37 25.50 19.83
CA GLU J 80 4.27 24.92 18.50
C GLU J 80 2.84 24.43 18.24
N TYR J 81 2.15 24.09 19.30
CA TYR J 81 0.85 23.45 19.17
C TYR J 81 -0.39 24.20 19.60
N GLY J 82 -0.32 25.50 19.71
CA GLY J 82 -1.51 26.28 20.01
C GLY J 82 -1.86 26.14 21.47
N ASN J 83 -0.82 26.22 22.30
CA ASN J 83 -0.95 26.19 23.74
CA ASN J 83 -0.99 26.19 23.75
C ASN J 83 -1.80 25.01 24.24
N ILE J 84 -1.41 23.81 23.78
CA ILE J 84 -2.03 22.58 24.21
C ILE J 84 -1.10 21.92 25.22
N THR J 85 -1.51 21.88 26.48
CA THR J 85 -0.67 21.33 27.54
C THR J 85 -0.88 19.86 27.88
N ASP J 86 -2.00 19.29 27.45
CA ASP J 86 -2.25 17.86 27.66
C ASP J 86 -3.33 17.30 26.74
N PHE J 87 -3.39 15.99 26.61
CA PHE J 87 -4.48 15.35 25.87
C PHE J 87 -4.77 13.95 26.39
N ARG J 88 -6.01 13.51 26.22
CA ARG J 88 -6.40 12.14 26.52
C ARG J 88 -6.15 11.23 25.31
N THR J 89 -5.70 10.00 25.55
CA THR J 89 -5.46 9.07 24.47
C THR J 89 -5.80 7.65 24.90
N SER J 90 -6.12 6.80 23.94
CA SER J 90 -6.37 5.39 24.24
CA SER J 90 -6.35 5.40 24.25
C SER J 90 -5.07 4.76 24.72
N ALA J 91 -5.17 3.92 25.74
CA ALA J 91 -3.97 3.28 26.29
C ALA J 91 -3.29 2.31 25.32
N ALA J 92 -3.95 2.03 24.19
CA ALA J 92 -3.31 1.21 23.18
C ALA J 92 -2.33 2.01 22.29
N ASP J 93 -2.50 3.33 22.28
CA ASP J 93 -1.68 4.21 21.43
C ASP J 93 -0.28 4.46 21.99
N ILE J 94 -0.09 4.18 23.26
CA ILE J 94 1.17 4.48 23.94
C ILE J 94 1.77 3.23 24.51
N TRP J 95 3.06 3.29 24.83
CA TRP J 95 3.70 2.23 25.58
C TRP J 95 3.12 2.27 26.97
N THR J 96 2.80 1.10 27.52
CA THR J 96 2.40 1.01 28.90
C THR J 96 3.28 -0.01 29.59
N PRO J 97 3.50 0.17 30.91
CA PRO J 97 4.34 -0.73 31.70
C PRO J 97 3.63 -2.05 31.96
N ASP J 98 4.37 -3.15 32.09
CA ASP J 98 3.65 -4.37 32.34
C ASP J 98 3.70 -4.61 33.83
N ILE J 99 2.61 -4.26 34.50
CA ILE J 99 2.57 -4.30 35.94
C ILE J 99 1.52 -5.30 36.27
N THR J 100 1.92 -6.35 36.95
CA THR J 100 1.02 -7.41 37.28
C THR J 100 1.06 -7.71 38.78
N ALA J 101 -0.08 -8.09 39.33
CA ALA J 101 -0.16 -8.68 40.65
C ALA J 101 0.45 -10.07 40.59
N TYR J 102 1.36 -10.34 41.51
CA TYR J 102 2.12 -11.58 41.50
C TYR J 102 1.30 -12.75 42.06
N SER J 103 0.38 -12.44 42.96
CA SER J 103 -0.47 -13.39 43.66
C SER J 103 -1.91 -13.58 43.11
N SER J 104 -2.22 -12.95 41.98
CA SER J 104 -3.53 -13.18 41.32
C SER J 104 -3.83 -14.67 41.10
N THR J 105 -5.05 -15.08 41.41
CA THR J 105 -5.61 -16.39 41.06
C THR J 105 -6.48 -16.45 39.77
N ARG J 106 -6.83 -15.28 39.24
N ARG J 106 -6.83 -15.28 39.25
CA ARG J 106 -7.65 -15.17 38.04
CA ARG J 106 -7.64 -15.16 38.04
C ARG J 106 -7.17 -13.92 37.29
C ARG J 106 -7.20 -13.91 37.30
N PRO J 107 -7.30 -13.92 35.96
CA PRO J 107 -6.93 -12.73 35.17
C PRO J 107 -7.77 -11.52 35.56
N VAL J 108 -7.12 -10.38 35.65
CA VAL J 108 -7.76 -9.16 36.13
C VAL J 108 -8.84 -8.65 35.22
N GLN J 109 -9.85 -8.03 35.81
CA GLN J 109 -10.89 -7.44 35.03
C GLN J 109 -10.86 -5.92 35.08
N VAL J 110 -10.73 -5.29 33.93
CA VAL J 110 -10.82 -3.84 33.84
C VAL J 110 -12.28 -3.41 33.92
N LEU J 111 -12.57 -2.55 34.90
CA LEU J 111 -13.91 -2.02 35.10
C LEU J 111 -14.07 -0.64 34.49
N SER J 112 -13.03 -0.17 33.82
CA SER J 112 -12.99 1.21 33.32
C SER J 112 -12.51 1.30 31.87
N PRO J 113 -12.81 2.41 31.20
CA PRO J 113 -12.20 2.55 29.88
C PRO J 113 -10.69 2.58 30.03
N GLN J 114 -9.95 2.14 29.02
CA GLN J 114 -8.52 2.28 29.14
C GLN J 114 -8.05 3.43 28.31
N ASN J 115 -7.73 4.50 29.01
CA ASN J 115 -7.41 5.78 28.42
C ASN J 115 -6.35 6.34 29.31
N ALA J 116 -5.39 7.05 28.72
CA ALA J 116 -4.33 7.67 29.47
C ALA J 116 -4.38 9.17 29.25
N LEU J 117 -3.95 9.93 30.25
CA LEU J 117 -3.72 11.36 30.09
C LEU J 117 -2.23 11.59 29.85
N VAL J 118 -1.89 12.42 28.88
CA VAL J 118 -0.49 12.79 28.59
C VAL J 118 -0.34 14.31 28.57
N ASN J 119 0.75 14.84 29.13
CA ASN J 119 0.98 16.28 28.97
C ASN J 119 2.35 16.74 28.43
N SER J 120 2.50 18.05 28.24
CA SER J 120 3.62 18.62 27.49
C SER J 120 4.99 18.13 27.95
N SER J 121 5.15 17.94 29.26
CA SER J 121 6.45 17.52 29.78
C SER J 121 6.68 16.02 29.64
N GLY J 122 5.71 15.30 29.11
CA GLY J 122 5.87 13.90 28.79
C GLY J 122 5.48 12.96 29.91
N HIS J 123 4.81 13.48 30.94
CA HIS J 123 4.33 12.64 32.03
C HIS J 123 3.08 11.88 31.58
N VAL J 124 3.05 10.59 31.88
CA VAL J 124 1.86 9.78 31.61
C VAL J 124 1.15 9.44 32.91
N GLN J 125 -0.16 9.44 32.81
CA GLN J 125 -1.02 9.12 33.92
C GLN J 125 -2.07 8.13 33.44
N TYR J 126 -2.04 6.93 34.02
CA TYR J 126 -2.93 5.87 33.60
C TYR J 126 -3.60 5.31 34.84
N LEU J 127 -4.92 5.45 34.96
CA LEU J 127 -5.58 5.08 36.20
C LEU J 127 -6.72 4.06 36.01
N PRO J 128 -6.37 2.82 35.65
CA PRO J 128 -7.38 1.78 35.41
C PRO J 128 -8.07 1.31 36.68
N ALA J 129 -9.40 1.21 36.62
CA ALA J 129 -10.16 0.60 37.69
C ALA J 129 -10.21 -0.89 37.40
N GLN J 130 -10.00 -1.71 38.41
CA GLN J 130 -9.89 -3.15 38.22
C GLN J 130 -10.55 -3.99 39.31
N ARG J 131 -10.83 -5.24 38.99
CA ARG J 131 -11.21 -6.20 40.01
C ARG J 131 -10.25 -7.38 39.97
N LEU J 132 -9.76 -7.76 41.16
CA LEU J 132 -8.69 -8.75 41.25
C LEU J 132 -8.99 -9.83 42.28
N SER J 133 -8.72 -11.08 41.92
CA SER J 133 -8.83 -12.22 42.84
C SER J 133 -7.42 -12.68 43.11
N PHE J 134 -7.00 -12.63 44.37
CA PHE J 134 -5.63 -13.01 44.73
C PHE J 134 -5.62 -13.92 45.94
N MET J 135 -4.48 -14.54 46.21
CA MET J 135 -4.38 -15.45 47.34
C MET J 135 -4.41 -14.69 48.66
N CYS J 136 -5.38 -14.99 49.49
CA CYS J 136 -5.46 -14.43 50.83
C CYS J 136 -6.15 -15.45 51.72
N ASP J 137 -5.65 -15.64 52.95
CA ASP J 137 -6.33 -16.48 53.91
C ASP J 137 -7.16 -15.57 54.80
N PRO J 138 -8.48 -15.63 54.64
CA PRO J 138 -9.51 -14.80 55.27
C PRO J 138 -9.66 -15.02 56.79
N THR J 139 -9.02 -16.08 57.32
CA THR J 139 -9.20 -16.50 58.71
C THR J 139 -9.05 -15.36 59.72
N GLY J 140 -10.04 -15.23 60.59
CA GLY J 140 -10.01 -14.17 61.57
C GLY J 140 -10.62 -12.87 61.06
N VAL J 141 -11.28 -12.93 59.92
CA VAL J 141 -11.97 -11.74 59.44
C VAL J 141 -13.19 -11.51 60.33
N ASP J 142 -13.59 -12.56 61.04
CA ASP J 142 -14.82 -12.59 61.83
C ASP J 142 -14.62 -12.24 63.31
N SER J 143 -13.39 -11.91 63.66
CA SER J 143 -13.07 -11.51 65.03
C SER J 143 -12.70 -10.03 65.06
N GLU J 144 -12.33 -9.50 66.23
CA GLU J 144 -12.03 -8.08 66.31
C GLU J 144 -10.73 -7.79 65.58
N GLU J 145 -9.81 -8.75 65.59
CA GLU J 145 -8.47 -8.56 65.04
C GLU J 145 -8.44 -8.36 63.52
N GLY J 146 -9.46 -8.85 62.85
CA GLY J 146 -9.49 -8.78 61.39
C GLY J 146 -8.53 -9.77 60.78
N ALA J 147 -8.50 -9.81 59.44
CA ALA J 147 -7.56 -10.64 58.71
C ALA J 147 -6.52 -9.75 58.01
N THR J 148 -5.30 -10.25 57.87
CA THR J 148 -4.31 -9.52 57.11
C THR J 148 -3.90 -10.30 55.86
N CYS J 149 -3.87 -9.59 54.74
CA CYS J 149 -3.39 -10.15 53.49
C CYS J 149 -2.57 -9.14 52.70
N ALA J 150 -1.68 -9.63 51.85
CA ALA J 150 -0.82 -8.76 51.08
C ALA J 150 -0.63 -9.30 49.68
N VAL J 151 -0.56 -8.38 48.72
CA VAL J 151 -0.33 -8.75 47.32
C VAL J 151 0.75 -7.87 46.68
N LYS J 152 1.73 -8.51 46.03
CA LYS J 152 2.82 -7.79 45.36
C LYS J 152 2.54 -7.48 43.89
N PHE J 153 2.70 -6.21 43.55
CA PHE J 153 2.64 -5.74 42.17
C PHE J 153 4.02 -5.34 41.66
N GLY J 154 4.26 -5.60 40.39
CA GLY J 154 5.48 -5.16 39.74
C GLY J 154 5.61 -5.60 38.29
N SER J 155 6.65 -5.11 37.65
CA SER J 155 6.92 -5.48 36.29
C SER J 155 7.25 -6.95 36.28
N TRP J 156 6.61 -7.64 35.33
CA TRP J 156 6.78 -9.06 35.10
C TRP J 156 8.05 -9.39 34.30
N SER J 157 8.33 -8.60 33.27
CA SER J 157 9.52 -8.83 32.44
C SER J 157 10.81 -8.03 32.73
N TYR J 158 10.71 -6.97 33.54
CA TYR J 158 11.79 -5.99 33.68
C TYR J 158 12.30 -5.91 35.12
N GLY J 159 13.61 -5.67 35.25
CA GLY J 159 14.24 -5.56 36.55
C GLY J 159 14.51 -4.12 36.93
N GLY J 160 15.24 -3.93 38.03
CA GLY J 160 15.40 -2.62 38.63
C GLY J 160 16.20 -1.67 37.79
N TRP J 161 17.05 -2.22 36.94
CA TRP J 161 17.90 -1.42 36.07
C TRP J 161 17.18 -0.90 34.84
N GLU J 162 16.18 -1.65 34.39
CA GLU J 162 15.32 -1.21 33.28
C GLU J 162 14.11 -0.40 33.79
N ILE J 163 13.27 -1.03 34.61
CA ILE J 163 12.12 -0.35 35.22
C ILE J 163 12.27 -0.17 36.74
N ASP J 164 12.35 1.08 37.18
CA ASP J 164 12.40 1.32 38.61
C ASP J 164 11.02 1.68 39.13
N LEU J 165 10.67 1.13 40.30
CA LEU J 165 9.30 1.18 40.83
C LEU J 165 9.22 1.94 42.15
N LYS J 166 8.31 2.91 42.23
CA LYS J 166 8.15 3.78 43.41
C LYS J 166 6.66 3.94 43.78
N THR J 167 6.38 4.49 44.96
CA THR J 167 5.01 4.84 45.35
C THR J 167 4.88 6.31 45.70
N ASP J 168 3.67 6.85 45.57
CA ASP J 168 3.43 8.27 45.84
C ASP J 168 3.61 8.56 47.34
N THR J 169 2.91 7.78 48.17
CA THR J 169 2.97 7.83 49.63
C THR J 169 3.01 6.37 50.11
N ASP J 170 3.13 6.10 51.41
CA ASP J 170 3.01 4.71 51.87
C ASP J 170 1.62 4.38 52.39
N GLN J 171 0.76 5.39 52.38
CA GLN J 171 -0.61 5.26 52.86
C GLN J 171 -1.62 5.15 51.73
N VAL J 172 -2.32 4.01 51.68
CA VAL J 172 -3.31 3.70 50.64
C VAL J 172 -4.56 4.54 50.78
N ASP J 173 -5.01 5.14 49.67
CA ASP J 173 -6.13 6.04 49.76
C ASP J 173 -7.41 5.23 50.03
N LEU J 174 -8.05 5.51 51.16
CA LEU J 174 -9.34 4.94 51.51
C LEU J 174 -10.54 5.85 51.31
N SER J 175 -10.28 7.06 50.82
CA SER J 175 -11.30 8.10 50.75
C SER J 175 -12.52 7.68 49.92
N SER J 176 -12.30 6.86 48.92
CA SER J 176 -13.38 6.38 48.05
C SER J 176 -13.98 5.00 48.39
N TYR J 177 -13.45 4.33 49.41
CA TYR J 177 -13.94 3.01 49.76
C TYR J 177 -15.41 3.00 50.14
N TYR J 178 -16.06 1.88 49.86
CA TYR J 178 -17.51 1.80 49.92
C TYR J 178 -18.02 1.59 51.36
N ALA J 179 -18.82 2.56 51.84
CA ALA J 179 -19.28 2.63 53.23
C ALA J 179 -20.10 1.43 53.69
N SER J 180 -20.89 0.87 52.77
CA SER J 180 -21.75 -0.28 53.03
C SER J 180 -21.15 -1.66 52.69
N SER J 181 -19.87 -1.70 52.37
CA SER J 181 -19.22 -2.96 52.04
C SER J 181 -19.36 -4.01 53.13
N LYS J 182 -19.44 -5.26 52.72
CA LYS J 182 -19.46 -6.39 53.64
C LYS J 182 -18.25 -6.35 54.57
N TYR J 183 -17.18 -5.70 54.15
CA TYR J 183 -16.00 -5.63 55.01
C TYR J 183 -15.55 -4.20 55.26
N GLU J 184 -14.96 -3.97 56.43
CA GLU J 184 -14.37 -2.67 56.70
C GLU J 184 -12.84 -2.77 56.80
N ILE J 185 -12.15 -1.69 56.43
CA ILE J 185 -10.68 -1.66 56.38
C ILE J 185 -10.10 -1.12 57.69
N LEU J 186 -9.27 -1.93 58.36
CA LEU J 186 -8.54 -1.50 59.56
C LEU J 186 -7.32 -0.68 59.21
N SER J 187 -6.51 -1.18 58.27
CA SER J 187 -5.38 -0.45 57.69
C SER J 187 -5.08 -0.92 56.26
N ALA J 188 -4.55 -0.02 55.44
CA ALA J 188 -4.04 -0.40 54.12
C ALA J 188 -2.75 0.34 53.82
N THR J 189 -1.68 -0.39 53.51
CA THR J 189 -0.42 0.28 53.19
C THR J 189 0.20 -0.18 51.87
N GLN J 190 0.97 0.72 51.26
CA GLN J 190 1.71 0.41 50.03
C GLN J 190 3.20 0.72 50.25
N THR J 191 4.05 -0.28 50.03
CA THR J 191 5.45 -0.18 50.39
C THR J 191 6.36 -0.72 49.29
N ARG J 192 7.31 0.09 48.84
CA ARG J 192 8.31 -0.37 47.87
C ARG J 192 9.23 -1.43 48.46
N SER J 193 9.80 -2.27 47.62
CA SER J 193 10.74 -3.29 48.06
C SER J 193 11.72 -3.63 46.97
N GLU J 194 12.96 -3.91 47.35
CA GLU J 194 13.92 -4.44 46.40
C GLU J 194 14.29 -5.84 46.81
N ARG J 195 14.62 -6.66 45.85
CA ARG J 195 14.90 -8.06 46.12
CA ARG J 195 14.86 -8.08 46.10
C ARG J 195 16.05 -8.47 45.23
N PHE J 196 17.00 -9.21 45.79
CA PHE J 196 18.14 -9.59 44.98
C PHE J 196 18.17 -11.09 44.96
N TYR J 197 18.01 -11.66 43.78
CA TYR J 197 18.03 -13.11 43.70
C TYR J 197 19.48 -13.59 43.71
N GLU J 198 19.70 -14.78 44.24
CA GLU J 198 21.05 -15.32 44.38
C GLU J 198 21.87 -15.18 43.09
N CYS J 199 21.27 -15.60 41.99
CA CYS J 199 21.93 -15.62 40.68
C CYS J 199 22.39 -14.26 40.18
N CYS J 200 21.46 -13.30 40.19
CA CYS J 200 21.59 -12.06 39.44
C CYS J 200 21.88 -10.86 40.35
N LYS J 201 22.71 -9.95 39.86
CA LYS J 201 23.21 -8.82 40.62
C LYS J 201 22.24 -7.66 40.58
N GLU J 202 21.19 -7.83 39.77
CA GLU J 202 20.16 -6.81 39.60
C GLU J 202 19.10 -6.86 40.71
N PRO J 203 18.72 -5.69 41.24
CA PRO J 203 17.59 -5.43 42.15
C PRO J 203 16.21 -5.57 41.49
N TYR J 204 15.29 -6.26 42.12
CA TYR J 204 13.96 -6.35 41.53
C TYR J 204 12.94 -5.71 42.44
N PRO J 205 12.46 -4.53 42.05
CA PRO J 205 11.50 -3.81 42.89
C PRO J 205 10.09 -4.35 42.79
N ASP J 206 9.31 -4.06 43.81
CA ASP J 206 7.87 -4.24 43.75
C ASP J 206 7.24 -3.36 44.83
N VAL J 207 5.96 -3.07 44.68
CA VAL J 207 5.20 -2.39 45.71
C VAL J 207 4.34 -3.42 46.43
N ASN J 208 4.48 -3.51 47.74
CA ASN J 208 3.70 -4.49 48.48
C ASN J 208 2.44 -3.85 49.05
N LEU J 209 1.29 -4.44 48.77
CA LEU J 209 0.02 -3.89 49.24
C LEU J 209 -0.54 -4.78 50.33
N VAL J 210 -0.52 -4.27 51.57
CA VAL J 210 -0.98 -5.03 52.73
C VAL J 210 -2.30 -4.45 53.21
N VAL J 211 -3.28 -5.33 53.39
CA VAL J 211 -4.61 -4.89 53.79
C VAL J 211 -5.11 -5.67 55.01
N LYS J 212 -5.60 -4.93 56.00
CA LYS J 212 -6.14 -5.51 57.23
C LYS J 212 -7.65 -5.21 57.30
N PHE J 213 -8.45 -6.27 57.37
CA PHE J 213 -9.89 -6.10 57.24
C PHE J 213 -10.65 -7.13 58.06
N ARG J 214 -11.88 -6.79 58.42
CA ARG J 214 -12.81 -7.71 59.10
C ARG J 214 -14.24 -7.43 58.66
N GLU J 215 -15.14 -8.39 58.84
CA GLU J 215 -16.54 -8.19 58.53
C GLU J 215 -17.07 -6.94 59.26
N ARG J 216 -17.82 -6.12 58.53
CA ARG J 216 -18.48 -4.95 59.13
C ARG J 216 -19.61 -5.41 60.03
N ARG J 217 -19.73 -4.79 61.20
CA ARG J 217 -20.75 -5.16 62.19
C ARG J 217 -20.94 -6.69 62.27
#